data_3G93
#
_entry.id   3G93
#
_cell.length_a   86.910
_cell.length_b   151.815
_cell.length_c   181.583
_cell.angle_alpha   90.00
_cell.angle_beta   90.00
_cell.angle_gamma   90.00
#
_symmetry.space_group_name_H-M   'P 21 21 21'
#
loop_
_entity.id
_entity.type
_entity.pdbx_description
1 polymer 'Cytochrome P450 2B4'
2 non-polymer 'PROTOPORPHYRIN IX CONTAINING FE'
3 non-polymer 1-(biphenyl-4-ylmethyl)-1H-imidazole
4 water water
#
_entity_poly.entity_id   1
_entity_poly.type   'polypeptide(L)'
_entity_poly.pdbx_seq_one_letter_code
;MAKKTSSKGKLPPGPSPLPVLGNLLQMDRKGLLRSFLRLREKYGDVFTVYLGSRPVVVLCGTDAIREALVDQAEAFSGRG
KIAVVDPIFQGYGVIFANGERWRALRRFSLATMRDFGMGKRSVEERIQEEARCLVEELRKSKGALLDNTLLFHSITSNII
CSIVFGKRFDYKDPVFLRLLDLFFQSFSLISSFSSQVFELFSGFLKYFPGTHRQIYRNLQEINTFIGQSVEKHRATLDPS
NPRDFIDVYLLRMEKDKSDPSSEFHHQNLILTVLSLFFAGTETTSTTLRYGFLLMLKYPHVTERVQKEIEQVIGSHRPPA
LDDRAKMPYTDAVIHEIQRLGDLIPFGVPHTVTKDTQFRGYVIPKNTEVFPVLSSALHDPRYFETPNTFNPGHFLDANGA
LKRNEGFMPFSLGKRICLGEGIARTELFLFFTTILQNFSIASPVPPEDIDLTPRESGVGNVPPSYQIRFLARHHHH
;
_entity_poly.pdbx_strand_id   A,B,C,D
#
loop_
_chem_comp.id
_chem_comp.type
_chem_comp.name
_chem_comp.formula
HEM non-polymer 'PROTOPORPHYRIN IX CONTAINING FE' 'C34 H32 Fe N4 O4'
PB2 non-polymer 1-(biphenyl-4-ylmethyl)-1H-imidazole 'C16 H14 N2'
#
# COMPACT_ATOMS: atom_id res chain seq x y z
N LYS A 8 12.34 -42.13 -10.77
CA LYS A 8 12.95 -42.50 -12.04
C LYS A 8 13.12 -41.27 -12.97
N GLY A 9 12.28 -41.21 -14.01
CA GLY A 9 12.08 -39.99 -14.79
C GLY A 9 10.65 -39.47 -14.53
N LYS A 10 10.53 -38.43 -13.71
CA LYS A 10 9.22 -37.92 -13.30
C LYS A 10 9.17 -36.40 -13.48
N LEU A 11 7.98 -35.86 -13.36
CA LEU A 11 7.84 -34.41 -13.41
C LEU A 11 8.16 -33.80 -12.04
N PRO A 12 8.63 -32.54 -12.02
CA PRO A 12 8.84 -31.82 -10.76
C PRO A 12 7.60 -31.88 -9.87
N PRO A 13 7.76 -32.27 -8.61
CA PRO A 13 6.70 -32.41 -7.61
C PRO A 13 6.10 -31.08 -7.28
N GLY A 14 4.97 -31.08 -6.60
CA GLY A 14 4.25 -29.86 -6.32
C GLY A 14 2.97 -30.17 -5.58
N PRO A 15 2.21 -29.13 -5.20
CA PRO A 15 0.94 -29.31 -4.51
C PRO A 15 -0.12 -29.71 -5.52
N SER A 16 -1.09 -30.51 -5.10
CA SER A 16 -2.14 -30.96 -6.00
C SER A 16 -2.99 -29.78 -6.27
N PRO A 17 -3.53 -29.68 -7.50
CA PRO A 17 -4.35 -28.54 -7.89
C PRO A 17 -5.85 -28.80 -7.70
N LEU A 18 -6.60 -27.71 -7.80
CA LEU A 18 -8.04 -27.73 -7.82
C LEU A 18 -8.48 -27.32 -9.21
N PRO A 19 -9.64 -27.83 -9.64
CA PRO A 19 -10.26 -27.42 -10.90
C PRO A 19 -10.37 -25.88 -11.01
N VAL A 20 -10.17 -25.38 -12.23
CA VAL A 20 -10.29 -23.96 -12.51
C VAL A 20 -9.22 -23.14 -11.88
N LEU A 21 -8.99 -23.38 -10.59
CA LEU A 21 -8.14 -22.53 -9.76
C LEU A 21 -6.69 -22.96 -9.70
N GLY A 22 -6.46 -24.26 -9.81
CA GLY A 22 -5.12 -24.77 -9.66
C GLY A 22 -4.69 -24.66 -8.21
N ASN A 23 -3.48 -24.13 -7.98
CA ASN A 23 -2.97 -24.01 -6.63
C ASN A 23 -3.28 -22.68 -6.01
N LEU A 24 -4.15 -21.92 -6.66
CA LEU A 24 -4.42 -20.56 -6.24
C LEU A 24 -4.99 -20.42 -4.84
N LEU A 25 -5.44 -21.54 -4.27
CA LEU A 25 -6.03 -21.50 -2.94
C LEU A 25 -5.02 -21.82 -1.85
N GLN A 26 -3.86 -22.35 -2.24
CA GLN A 26 -2.80 -22.74 -1.28
C GLN A 26 -1.67 -21.72 -1.13
N MET A 27 -1.88 -20.51 -1.63
CA MET A 27 -0.89 -19.46 -1.54
C MET A 27 -0.94 -18.81 -0.18
N ASP A 28 0.21 -18.40 0.34
CA ASP A 28 0.27 -17.67 1.61
C ASP A 28 -0.59 -16.43 1.51
N ARG A 29 -1.19 -16.02 2.62
CA ARG A 29 -1.84 -14.73 2.64
C ARG A 29 -0.76 -13.67 2.31
N LYS A 30 0.50 -14.00 2.59
CA LYS A 30 1.61 -13.05 2.47
C LYS A 30 2.02 -12.67 1.04
N GLY A 31 1.59 -13.41 0.03
CA GLY A 31 1.97 -13.09 -1.33
C GLY A 31 2.60 -14.25 -2.09
N LEU A 32 2.56 -14.20 -3.41
CA LEU A 32 3.03 -15.33 -4.22
C LEU A 32 4.46 -15.71 -3.86
N LEU A 33 5.31 -14.73 -3.59
CA LEU A 33 6.69 -15.03 -3.28
C LEU A 33 6.79 -15.91 -2.04
N ARG A 34 6.19 -15.49 -0.93
CA ARG A 34 6.26 -16.30 0.29
C ARG A 34 5.83 -17.71 0.01
N SER A 35 4.82 -17.83 -0.84
CA SER A 35 4.30 -19.12 -1.20
C SER A 35 5.41 -19.96 -1.80
N PHE A 36 6.03 -19.43 -2.86
CA PHE A 36 7.10 -20.17 -3.50
C PHE A 36 8.14 -20.59 -2.48
N LEU A 37 8.41 -19.73 -1.51
CA LEU A 37 9.41 -20.09 -0.53
C LEU A 37 8.96 -21.26 0.35
N ARG A 38 7.77 -21.18 0.91
CA ARG A 38 7.26 -22.27 1.75
C ARG A 38 7.17 -23.55 0.92
N LEU A 39 6.78 -23.40 -0.35
CA LEU A 39 6.76 -24.53 -1.28
C LEU A 39 8.13 -25.18 -1.47
N ARG A 40 9.18 -24.35 -1.54
CA ARG A 40 10.55 -24.83 -1.68
C ARG A 40 10.91 -25.72 -0.50
N GLU A 41 10.69 -25.20 0.70
CA GLU A 41 10.90 -25.98 1.91
C GLU A 41 10.31 -27.37 1.77
N LYS A 42 9.09 -27.48 1.24
CA LYS A 42 8.44 -28.78 1.15
C LYS A 42 8.86 -29.64 -0.05
N TYR A 43 8.98 -29.03 -1.22
CA TYR A 43 9.19 -29.81 -2.44
C TYR A 43 10.56 -29.65 -3.03
N GLY A 44 11.26 -28.60 -2.62
CA GLY A 44 12.63 -28.42 -3.04
C GLY A 44 12.86 -27.35 -4.08
N ASP A 45 14.03 -27.39 -4.70
CA ASP A 45 14.49 -26.31 -5.56
C ASP A 45 13.76 -26.28 -6.90
N VAL A 46 13.20 -27.41 -7.32
CA VAL A 46 12.44 -27.44 -8.54
C VAL A 46 11.09 -28.06 -8.27
N PHE A 47 10.01 -27.30 -8.51
CA PHE A 47 8.65 -27.79 -8.31
C PHE A 47 7.59 -27.22 -9.26
N THR A 48 6.40 -27.82 -9.22
CA THR A 48 5.34 -27.54 -10.19
C THR A 48 4.10 -27.02 -9.53
N VAL A 49 3.73 -25.83 -9.97
CA VAL A 49 2.56 -25.18 -9.42
C VAL A 49 1.58 -24.86 -10.55
N TYR A 50 0.32 -24.62 -10.22
CA TYR A 50 -0.71 -24.48 -11.24
C TYR A 50 -1.46 -23.15 -11.16
N LEU A 51 -1.35 -22.35 -12.21
CA LEU A 51 -2.14 -21.14 -12.32
C LEU A 51 -3.25 -21.44 -13.29
N GLY A 52 -4.46 -21.56 -12.78
CA GLY A 52 -5.55 -22.06 -13.59
C GLY A 52 -5.27 -23.53 -13.89
N SER A 53 -5.57 -23.95 -15.11
CA SER A 53 -5.39 -25.35 -15.47
C SER A 53 -3.96 -25.60 -15.92
N ARG A 54 -3.19 -24.52 -16.01
CA ARG A 54 -1.86 -24.60 -16.60
C ARG A 54 -0.82 -24.86 -15.53
N PRO A 55 0.06 -25.82 -15.79
CA PRO A 55 1.21 -26.05 -14.91
C PRO A 55 2.36 -25.10 -15.26
N VAL A 56 3.16 -24.78 -14.25
CA VAL A 56 4.38 -24.01 -14.47
C VAL A 56 5.48 -24.52 -13.52
N VAL A 57 6.71 -24.59 -14.03
CA VAL A 57 7.80 -25.07 -13.20
C VAL A 57 8.53 -23.91 -12.55
N VAL A 58 8.69 -23.97 -11.24
CA VAL A 58 9.34 -22.89 -10.49
C VAL A 58 10.77 -23.27 -10.10
N LEU A 59 11.70 -22.34 -10.36
CA LEU A 59 13.12 -22.57 -10.14
C LEU A 59 13.65 -21.74 -8.97
N CYS A 60 14.18 -22.39 -7.96
CA CYS A 60 14.58 -21.69 -6.74
C CYS A 60 16.04 -21.86 -6.37
N GLY A 61 16.62 -20.78 -5.87
CA GLY A 61 18.01 -20.77 -5.45
C GLY A 61 18.95 -20.56 -6.61
N THR A 62 20.12 -20.02 -6.29
CA THR A 62 21.16 -19.76 -7.26
C THR A 62 21.45 -20.99 -8.14
N ASP A 63 21.90 -22.06 -7.51
CA ASP A 63 22.40 -23.21 -8.25
C ASP A 63 21.39 -23.70 -9.27
N ALA A 64 20.12 -23.72 -8.89
CA ALA A 64 19.08 -24.28 -9.73
C ALA A 64 18.85 -23.39 -10.95
N ILE A 65 18.69 -22.11 -10.70
CA ILE A 65 18.50 -21.14 -11.77
C ILE A 65 19.70 -21.10 -12.70
N ARG A 66 20.90 -21.10 -12.15
CA ARG A 66 22.09 -21.07 -12.99
C ARG A 66 22.17 -22.31 -13.89
N GLU A 67 21.97 -23.51 -13.31
CA GLU A 67 22.02 -24.75 -14.07
C GLU A 67 21.11 -24.64 -15.27
N ALA A 68 19.92 -24.08 -15.03
CA ALA A 68 18.91 -24.01 -16.06
C ALA A 68 19.28 -22.97 -17.11
N LEU A 69 19.37 -21.71 -16.69
CA LEU A 69 19.57 -20.62 -17.63
C LEU A 69 20.94 -20.67 -18.29
N VAL A 70 21.92 -21.18 -17.57
CA VAL A 70 23.28 -21.11 -18.04
C VAL A 70 23.71 -22.43 -18.65
N ASP A 71 23.68 -23.49 -17.85
CA ASP A 71 24.17 -24.80 -18.31
C ASP A 71 23.34 -25.34 -19.44
N GLN A 72 22.02 -25.15 -19.38
CA GLN A 72 21.14 -25.62 -20.44
C GLN A 72 20.48 -24.45 -21.12
N ALA A 73 21.28 -23.47 -21.53
CA ALA A 73 20.72 -22.21 -21.97
C ALA A 73 19.78 -22.33 -23.16
N GLU A 74 20.17 -23.12 -24.14
CA GLU A 74 19.29 -23.23 -25.31
C GLU A 74 17.95 -23.85 -24.94
N ALA A 75 17.96 -24.76 -23.97
CA ALA A 75 16.78 -25.47 -23.56
C ALA A 75 15.76 -24.56 -22.89
N PHE A 76 16.25 -23.57 -22.15
CA PHE A 76 15.41 -22.74 -21.30
C PHE A 76 15.28 -21.29 -21.81
N SER A 77 15.40 -21.09 -23.12
CA SER A 77 15.37 -19.74 -23.66
C SER A 77 14.06 -19.30 -24.33
N GLY A 78 13.06 -20.17 -24.33
CA GLY A 78 11.84 -19.91 -25.09
C GLY A 78 10.94 -18.83 -24.54
N ARG A 79 10.25 -18.12 -25.43
CA ARG A 79 9.39 -17.01 -25.02
C ARG A 79 7.98 -17.52 -24.77
N GLY A 80 7.12 -16.68 -24.22
CA GLY A 80 5.75 -17.06 -23.93
C GLY A 80 4.84 -17.08 -25.15
N LYS A 81 3.74 -17.81 -25.05
CA LYS A 81 2.90 -18.05 -26.22
C LYS A 81 2.51 -16.77 -26.93
N ILE A 82 2.41 -15.68 -26.19
CA ILE A 82 2.01 -14.43 -26.79
C ILE A 82 3.03 -13.99 -27.82
N ALA A 83 4.27 -14.42 -27.65
CA ALA A 83 5.37 -13.98 -28.49
C ALA A 83 5.72 -14.95 -29.60
N VAL A 84 4.96 -16.04 -29.71
CA VAL A 84 5.26 -17.05 -30.70
C VAL A 84 4.38 -16.94 -31.93
N VAL A 85 4.99 -16.79 -33.09
CA VAL A 85 4.21 -16.61 -34.31
C VAL A 85 3.65 -17.92 -34.83
N ASP A 86 2.41 -17.87 -35.30
CA ASP A 86 1.77 -19.05 -35.88
C ASP A 86 2.01 -19.11 -37.40
N PRO A 87 2.69 -20.16 -37.86
CA PRO A 87 3.01 -20.21 -39.29
C PRO A 87 1.77 -20.36 -40.13
N ILE A 88 0.82 -21.16 -39.66
CA ILE A 88 -0.37 -21.34 -40.43
C ILE A 88 -0.96 -19.99 -40.84
N PHE A 89 -0.78 -18.98 -40.00
CA PHE A 89 -1.33 -17.66 -40.29
C PHE A 89 -0.32 -16.71 -40.92
N GLN A 90 0.93 -16.69 -40.44
CA GLN A 90 1.91 -15.73 -40.93
C GLN A 90 2.93 -16.41 -41.83
N GLY A 91 3.00 -17.71 -41.75
CA GLY A 91 4.02 -18.46 -42.46
C GLY A 91 5.34 -18.30 -41.74
N TYR A 92 6.31 -19.14 -42.05
CA TYR A 92 7.63 -18.96 -41.46
C TYR A 92 8.32 -17.79 -42.15
N GLY A 93 9.60 -17.65 -41.91
CA GLY A 93 10.31 -16.53 -42.51
C GLY A 93 10.15 -15.21 -41.77
N VAL A 94 8.92 -14.90 -41.40
CA VAL A 94 8.69 -13.81 -40.47
C VAL A 94 9.24 -14.29 -39.14
N ILE A 95 9.09 -15.59 -38.92
CA ILE A 95 9.75 -16.24 -37.78
C ILE A 95 11.25 -16.00 -37.83
N PHE A 96 11.85 -16.38 -38.95
CA PHE A 96 13.27 -16.20 -39.19
C PHE A 96 13.75 -14.74 -39.25
N ALA A 97 13.03 -13.90 -39.99
CA ALA A 97 13.38 -12.47 -40.07
C ALA A 97 13.55 -11.93 -38.66
N ASN A 98 12.54 -12.15 -37.83
CA ASN A 98 12.60 -11.80 -36.44
C ASN A 98 13.89 -12.32 -35.84
N GLY A 99 14.12 -13.61 -36.04
CA GLY A 99 15.36 -14.20 -35.59
C GLY A 99 16.55 -13.32 -35.92
N GLU A 100 16.76 -13.03 -37.19
CA GLU A 100 17.97 -12.31 -37.59
C GLU A 100 17.96 -10.92 -37.00
N ARG A 101 16.80 -10.28 -37.02
CA ARG A 101 16.63 -8.99 -36.37
C ARG A 101 17.17 -9.02 -34.95
N TRP A 102 16.66 -9.95 -34.14
CA TRP A 102 17.14 -10.13 -32.77
C TRP A 102 18.67 -10.12 -32.72
N ARG A 103 19.28 -11.06 -33.45
CA ARG A 103 20.72 -11.16 -33.45
C ARG A 103 21.35 -9.80 -33.75
N ALA A 104 20.79 -9.10 -34.72
CA ALA A 104 21.26 -7.76 -35.07
C ALA A 104 21.27 -6.79 -33.88
N LEU A 105 20.13 -6.70 -33.20
CA LEU A 105 20.00 -5.84 -32.04
C LEU A 105 21.00 -6.28 -30.97
N ARG A 106 21.05 -7.59 -30.77
CA ARG A 106 21.98 -8.19 -29.84
C ARG A 106 23.41 -7.80 -30.19
N ARG A 107 23.73 -7.77 -31.49
CA ARG A 107 25.06 -7.39 -31.94
C ARG A 107 25.31 -5.91 -31.71
N PHE A 108 24.36 -5.07 -32.09
CA PHE A 108 24.50 -3.63 -31.93
C PHE A 108 24.79 -3.22 -30.49
N SER A 109 24.25 -3.96 -29.53
CA SER A 109 24.36 -3.56 -28.13
C SER A 109 25.74 -3.84 -27.55
N LEU A 110 26.44 -4.80 -28.16
CA LEU A 110 27.80 -5.09 -27.79
C LEU A 110 28.72 -4.01 -28.37
N ALA A 111 28.41 -3.60 -29.59
CA ALA A 111 29.12 -2.53 -30.25
C ALA A 111 29.05 -1.25 -29.43
N THR A 112 27.94 -1.01 -28.78
CA THR A 112 27.90 0.10 -27.87
C THR A 112 28.90 -0.10 -26.76
N MET A 113 28.92 -1.28 -26.18
CA MET A 113 29.82 -1.54 -25.06
C MET A 113 31.33 -1.73 -25.24
N ARG A 114 31.75 -2.10 -26.43
CA ARG A 114 33.15 -2.35 -26.66
C ARG A 114 33.49 -1.59 -27.89
N ASP A 115 34.59 -0.87 -27.91
CA ASP A 115 35.66 -0.90 -26.94
C ASP A 115 36.81 -0.50 -27.84
N PHE A 116 36.43 -0.06 -29.02
CA PHE A 116 37.30 0.54 -29.98
C PHE A 116 36.33 1.36 -30.79
N GLY A 117 36.79 2.39 -31.47
CA GLY A 117 35.90 3.25 -32.22
C GLY A 117 34.79 3.84 -31.39
N MET A 118 33.57 3.89 -31.87
CA MET A 118 32.60 4.57 -31.05
C MET A 118 32.47 3.81 -29.77
N GLY A 119 32.23 2.54 -29.87
CA GLY A 119 32.37 1.68 -28.72
C GLY A 119 31.87 2.17 -27.39
N LYS A 120 32.50 1.61 -26.36
CA LYS A 120 32.17 1.83 -24.99
C LYS A 120 32.38 3.20 -24.47
N ARG A 121 33.45 3.84 -24.82
CA ARG A 121 33.68 5.16 -24.29
C ARG A 121 32.65 6.17 -24.77
N SER A 122 32.28 6.16 -26.04
CA SER A 122 31.33 7.21 -26.34
C SER A 122 30.18 7.07 -25.39
N VAL A 123 29.75 5.85 -25.12
CA VAL A 123 28.61 5.74 -24.19
C VAL A 123 28.91 6.30 -22.79
N GLU A 124 30.11 6.05 -22.32
CA GLU A 124 30.53 6.48 -21.02
C GLU A 124 30.48 7.96 -21.00
N GLU A 125 30.94 8.59 -22.06
CA GLU A 125 30.93 10.04 -22.08
C GLU A 125 29.55 10.56 -22.01
N ARG A 126 28.62 9.96 -22.69
CA ARG A 126 27.30 10.52 -22.63
C ARG A 126 26.78 10.45 -21.22
N ILE A 127 26.95 9.34 -20.55
CA ILE A 127 26.42 9.26 -19.23
C ILE A 127 27.13 10.34 -18.49
N GLN A 128 28.39 10.55 -18.79
CA GLN A 128 29.14 11.53 -18.05
C GLN A 128 28.54 12.89 -18.25
N GLU A 129 28.19 13.23 -19.47
CA GLU A 129 27.58 14.52 -19.63
C GLU A 129 26.22 14.59 -19.01
N GLU A 130 25.38 13.62 -19.24
CA GLU A 130 24.05 13.74 -18.69
C GLU A 130 24.16 13.72 -17.18
N ALA A 131 25.16 13.05 -16.67
CA ALA A 131 25.42 13.08 -15.26
C ALA A 131 25.77 14.47 -14.84
N ARG A 132 26.47 15.19 -15.69
CA ARG A 132 26.85 16.53 -15.35
C ARG A 132 25.67 17.42 -15.15
N CYS A 133 24.71 17.33 -16.05
CA CYS A 133 23.55 18.17 -16.01
C CYS A 133 22.84 17.85 -14.76
N LEU A 134 22.87 16.61 -14.37
CA LEU A 134 22.14 16.27 -13.19
C LEU A 134 22.74 17.11 -12.11
N VAL A 135 24.05 17.26 -12.11
CA VAL A 135 24.63 18.08 -11.05
C VAL A 135 24.14 19.54 -11.13
N GLU A 136 24.25 20.15 -12.32
CA GLU A 136 23.79 21.51 -12.54
C GLU A 136 22.34 21.69 -12.13
N GLU A 137 21.49 20.72 -12.43
CA GLU A 137 20.09 20.79 -12.06
C GLU A 137 19.94 20.70 -10.55
N LEU A 138 20.74 19.83 -9.95
CA LEU A 138 20.69 19.68 -8.51
C LEU A 138 21.21 20.92 -7.78
N ARG A 139 22.15 21.63 -8.41
CA ARG A 139 22.63 22.90 -7.84
C ARG A 139 21.46 23.89 -7.88
N LYS A 140 20.76 23.94 -9.01
CA LYS A 140 19.64 24.85 -9.21
C LYS A 140 18.46 24.49 -8.30
N SER A 141 18.53 23.34 -7.64
CA SER A 141 17.48 22.99 -6.69
C SER A 141 17.69 23.78 -5.41
N LYS A 142 18.89 24.31 -5.26
CA LYS A 142 19.23 25.08 -4.07
C LYS A 142 18.84 24.28 -2.83
N GLY A 143 19.11 22.98 -2.89
CA GLY A 143 18.89 22.09 -1.76
C GLY A 143 17.44 21.95 -1.36
N ALA A 144 16.55 22.00 -2.33
CA ALA A 144 15.14 21.90 -2.02
C ALA A 144 14.69 20.45 -1.87
N LEU A 145 13.78 20.22 -0.94
CA LEU A 145 13.15 18.92 -0.81
C LEU A 145 12.34 18.60 -2.06
N LEU A 146 12.59 17.44 -2.67
CA LEU A 146 11.86 17.05 -3.90
C LEU A 146 11.67 15.54 -4.04
N ASP A 147 10.95 15.14 -5.09
CA ASP A 147 10.73 13.73 -5.38
C ASP A 147 11.49 13.38 -6.64
N ASN A 148 12.62 12.71 -6.44
CA ASN A 148 13.57 12.41 -7.52
C ASN A 148 13.03 11.56 -8.66
N THR A 149 11.78 11.08 -8.53
CA THR A 149 11.23 10.21 -9.55
C THR A 149 11.38 10.76 -10.95
N LEU A 150 10.89 11.95 -11.20
CA LEU A 150 11.00 12.51 -12.54
C LEU A 150 12.44 12.80 -12.90
N LEU A 151 13.24 13.25 -11.94
CA LEU A 151 14.64 13.54 -12.24
C LEU A 151 15.35 12.31 -12.79
N PHE A 152 15.20 11.18 -12.10
CA PHE A 152 15.88 9.95 -12.48
C PHE A 152 15.37 9.37 -13.79
N HIS A 153 14.05 9.38 -13.99
CA HIS A 153 13.50 8.94 -15.26
C HIS A 153 14.10 9.74 -16.39
N SER A 154 14.27 11.04 -16.17
CA SER A 154 14.81 11.90 -17.20
C SER A 154 16.25 11.55 -17.56
N ILE A 155 17.09 11.39 -16.55
CA ILE A 155 18.51 11.22 -16.82
C ILE A 155 18.80 9.88 -17.50
N THR A 156 18.15 8.82 -17.03
CA THR A 156 18.37 7.50 -17.59
C THR A 156 17.83 7.42 -19.01
N SER A 157 16.65 8.01 -19.18
CA SER A 157 16.04 8.16 -20.49
C SER A 157 16.94 8.86 -21.51
N ASN A 158 17.41 10.06 -21.19
CA ASN A 158 18.32 10.77 -22.10
C ASN A 158 19.41 9.88 -22.69
N ILE A 159 20.07 9.08 -21.86
CA ILE A 159 21.05 8.11 -22.35
C ILE A 159 20.50 7.36 -23.57
N ILE A 160 19.33 6.76 -23.40
CA ILE A 160 18.68 6.03 -24.47
C ILE A 160 18.50 6.93 -25.69
N CYS A 161 18.18 8.19 -25.45
CA CYS A 161 17.95 9.15 -26.53
C CYS A 161 19.23 9.50 -27.27
N SER A 162 20.29 9.70 -26.50
CA SER A 162 21.60 9.97 -27.06
C SER A 162 22.04 8.78 -27.89
N ILE A 163 21.80 7.58 -27.36
CA ILE A 163 22.16 6.36 -28.08
C ILE A 163 21.30 6.12 -29.33
N VAL A 164 20.05 6.56 -29.33
CA VAL A 164 19.17 6.26 -30.45
C VAL A 164 19.13 7.38 -31.45
N PHE A 165 18.81 8.58 -31.00
CA PHE A 165 18.68 9.73 -31.88
C PHE A 165 19.97 10.55 -32.02
N GLY A 166 20.95 10.28 -31.17
CA GLY A 166 22.26 10.88 -31.33
C GLY A 166 22.63 12.05 -30.43
N LYS A 167 21.65 12.62 -29.72
CA LYS A 167 21.95 13.75 -28.84
C LYS A 167 20.91 13.88 -27.74
N ARG A 168 21.32 14.21 -26.55
CA ARG A 168 20.42 14.32 -25.43
C ARG A 168 19.38 15.38 -25.57
N PHE A 169 18.28 15.24 -24.83
CA PHE A 169 17.21 16.22 -24.86
C PHE A 169 17.31 17.17 -23.71
N ASP A 170 17.01 18.43 -23.93
CA ASP A 170 17.08 19.38 -22.85
C ASP A 170 16.03 18.86 -21.96
N TYR A 171 16.21 18.95 -20.66
CA TYR A 171 15.29 18.33 -19.77
C TYR A 171 13.89 18.82 -19.90
N LYS A 172 13.69 20.07 -20.21
CA LYS A 172 12.34 20.54 -20.32
C LYS A 172 11.91 20.68 -21.77
N ASP A 173 12.55 19.97 -22.68
CA ASP A 173 12.21 20.10 -24.09
C ASP A 173 10.97 19.31 -24.43
N PRO A 174 9.95 20.04 -24.84
CA PRO A 174 8.62 19.51 -25.14
C PRO A 174 8.64 18.08 -25.60
N VAL A 175 9.31 17.82 -26.72
CA VAL A 175 9.36 16.46 -27.26
C VAL A 175 9.77 15.43 -26.20
N PHE A 176 10.82 15.75 -25.44
CA PHE A 176 11.29 14.85 -24.39
C PHE A 176 10.13 14.51 -23.44
N LEU A 177 9.63 15.52 -22.76
CA LEU A 177 8.48 15.37 -21.86
C LEU A 177 7.39 14.52 -22.50
N ARG A 178 7.04 14.83 -23.75
CA ARG A 178 5.95 14.12 -24.41
C ARG A 178 6.22 12.61 -24.46
N LEU A 179 7.48 12.25 -24.66
CA LEU A 179 7.78 10.83 -24.74
C LEU A 179 8.14 10.24 -23.39
N LEU A 180 8.68 11.06 -22.50
CA LEU A 180 8.83 10.64 -21.12
C LEU A 180 7.42 10.27 -20.67
N ASP A 181 6.44 10.99 -21.20
CA ASP A 181 5.05 10.81 -20.84
C ASP A 181 4.52 9.52 -21.44
N LEU A 182 4.67 9.38 -22.74
CA LEU A 182 4.21 8.18 -23.40
C LEU A 182 4.71 6.92 -22.73
N PHE A 183 6.02 6.85 -22.55
CA PHE A 183 6.69 5.62 -22.15
C PHE A 183 6.57 5.24 -20.67
N PHE A 184 6.33 6.21 -19.80
CA PHE A 184 6.14 5.92 -18.39
C PHE A 184 4.75 6.23 -17.86
N GLN A 185 3.89 6.74 -18.74
CA GLN A 185 2.53 7.03 -18.36
C GLN A 185 1.97 5.81 -17.69
N SER A 186 1.63 5.96 -16.43
CA SER A 186 0.95 4.89 -15.74
C SER A 186 -0.51 4.89 -16.14
N PHE A 187 -1.17 3.75 -15.92
CA PHE A 187 -2.60 3.63 -16.07
C PHE A 187 -2.94 2.25 -15.58
N SER A 188 -4.07 2.11 -14.92
CA SER A 188 -4.39 0.85 -14.29
C SER A 188 -5.70 0.28 -14.79
N LEU A 189 -5.79 -1.05 -14.78
CA LEU A 189 -7.05 -1.72 -15.07
C LEU A 189 -7.58 -2.38 -13.80
N ILE A 190 -8.90 -2.51 -13.73
CA ILE A 190 -9.53 -2.90 -12.47
C ILE A 190 -10.26 -4.23 -12.54
N SER A 191 -10.19 -4.99 -11.46
CA SER A 191 -10.76 -6.32 -11.44
C SER A 191 -11.33 -6.68 -10.07
N SER A 192 -12.44 -7.41 -10.08
CA SER A 192 -12.99 -7.98 -8.87
C SER A 192 -12.54 -9.42 -8.70
N PHE A 193 -12.57 -9.91 -7.48
CA PHE A 193 -12.18 -11.30 -7.24
C PHE A 193 -13.01 -12.21 -8.15
N SER A 194 -14.28 -11.88 -8.34
CA SER A 194 -15.17 -12.73 -9.10
C SER A 194 -14.83 -12.68 -10.59
N SER A 195 -14.73 -11.49 -11.13
CA SER A 195 -14.27 -11.29 -12.50
C SER A 195 -13.01 -12.11 -12.83
N GLN A 196 -12.13 -12.28 -11.84
CA GLN A 196 -10.92 -13.05 -12.07
C GLN A 196 -11.20 -14.55 -12.10
N VAL A 197 -11.90 -15.07 -11.09
CA VAL A 197 -12.22 -16.49 -11.07
C VAL A 197 -12.85 -16.84 -12.39
N PHE A 198 -13.71 -15.95 -12.86
CA PHE A 198 -14.37 -16.18 -14.13
C PHE A 198 -13.36 -16.29 -15.28
N GLU A 199 -12.50 -15.29 -15.44
CA GLU A 199 -11.43 -15.36 -16.43
C GLU A 199 -10.74 -16.74 -16.44
N LEU A 200 -10.33 -17.20 -15.25
CA LEU A 200 -9.69 -18.50 -15.09
C LEU A 200 -10.52 -19.60 -15.69
N PHE A 201 -11.83 -19.40 -15.66
CA PHE A 201 -12.80 -20.39 -16.12
C PHE A 201 -13.09 -20.25 -17.62
N SER A 202 -12.80 -19.07 -18.17
CA SER A 202 -12.99 -18.79 -19.58
C SER A 202 -11.84 -19.31 -20.38
N GLY A 203 -10.66 -19.15 -19.77
CA GLY A 203 -9.40 -19.48 -20.39
C GLY A 203 -8.80 -18.22 -20.97
N PHE A 204 -9.49 -17.11 -20.76
CA PHE A 204 -9.09 -15.85 -21.35
C PHE A 204 -9.04 -14.74 -20.30
N LEU A 205 -7.99 -13.90 -20.35
CA LEU A 205 -7.92 -12.77 -19.43
C LEU A 205 -8.78 -11.64 -19.93
N LYS A 206 -9.26 -10.81 -19.00
CA LYS A 206 -10.01 -9.60 -19.34
C LYS A 206 -9.19 -8.64 -20.21
N TYR A 207 -8.03 -8.20 -19.70
CA TYR A 207 -7.19 -7.21 -20.39
C TYR A 207 -6.07 -7.83 -21.22
N PHE A 208 -5.46 -7.01 -22.08
CA PHE A 208 -4.35 -7.42 -22.93
C PHE A 208 -3.55 -6.20 -23.37
N PRO A 209 -2.21 -6.28 -23.35
CA PRO A 209 -1.29 -5.18 -23.64
C PRO A 209 -1.59 -4.37 -24.90
N GLY A 210 -1.60 -3.04 -24.77
CA GLY A 210 -1.93 -2.17 -25.89
C GLY A 210 -3.38 -2.13 -26.31
N THR A 211 -4.18 -3.05 -25.76
CA THR A 211 -5.60 -3.24 -26.10
C THR A 211 -6.37 -2.09 -25.44
N HIS A 212 -5.61 -1.25 -24.75
CA HIS A 212 -6.12 -0.08 -24.11
C HIS A 212 -6.06 1.03 -25.13
N ARG A 213 -7.13 1.80 -25.25
CA ARG A 213 -7.22 2.93 -26.17
C ARG A 213 -6.27 4.09 -25.87
N GLN A 214 -6.11 4.37 -24.59
CA GLN A 214 -5.30 5.45 -24.10
C GLN A 214 -3.88 5.36 -24.53
N ILE A 215 -3.34 4.16 -24.59
CA ILE A 215 -1.95 4.02 -25.00
C ILE A 215 -1.89 4.03 -26.49
N TYR A 216 -1.66 5.21 -27.06
CA TYR A 216 -1.54 6.45 -26.33
C TYR A 216 -1.72 7.59 -27.32
N ARG A 217 -2.11 8.76 -26.84
CA ARG A 217 -2.31 9.85 -27.76
C ARG A 217 -1.01 10.18 -28.42
N ASN A 218 0.02 10.26 -27.60
CA ASN A 218 1.37 10.59 -28.00
C ASN A 218 2.02 9.55 -28.85
N LEU A 219 1.48 8.35 -28.81
CA LEU A 219 2.09 7.30 -29.59
C LEU A 219 2.12 7.64 -31.07
N GLN A 220 1.06 8.23 -31.57
CA GLN A 220 0.94 8.61 -32.96
C GLN A 220 1.86 9.76 -33.27
N GLU A 221 2.01 10.63 -32.30
CA GLU A 221 2.89 11.79 -32.50
C GLU A 221 4.39 11.47 -32.39
N ILE A 222 4.78 10.59 -31.49
CA ILE A 222 6.18 10.30 -31.42
C ILE A 222 6.54 9.70 -32.72
N ASN A 223 5.67 8.82 -33.14
CA ASN A 223 5.94 7.97 -34.23
C ASN A 223 6.29 8.93 -35.27
N THR A 224 5.64 10.05 -35.26
CA THR A 224 5.94 11.07 -36.21
C THR A 224 7.33 11.59 -35.94
N PHE A 225 7.69 11.70 -34.68
CA PHE A 225 8.98 12.27 -34.40
C PHE A 225 10.06 11.45 -35.03
N ILE A 226 9.92 10.16 -34.97
CA ILE A 226 10.94 9.31 -35.53
C ILE A 226 11.08 9.59 -37.01
N GLY A 227 9.95 9.78 -37.67
CA GLY A 227 10.05 10.00 -39.07
C GLY A 227 10.89 11.21 -39.30
N GLN A 228 10.67 12.25 -38.50
CA GLN A 228 11.43 13.46 -38.69
C GLN A 228 12.88 13.18 -38.45
N SER A 229 13.16 12.46 -37.40
CA SER A 229 14.57 12.21 -37.06
C SER A 229 15.23 11.31 -38.10
N VAL A 230 14.47 10.33 -38.56
CA VAL A 230 14.98 9.43 -39.57
C VAL A 230 15.21 10.22 -40.85
N GLU A 231 14.25 11.05 -41.22
CA GLU A 231 14.38 11.93 -42.37
C GLU A 231 15.67 12.74 -42.24
N LYS A 232 15.78 13.53 -41.18
CA LYS A 232 16.98 14.34 -40.94
C LYS A 232 18.21 13.45 -41.06
N HIS A 233 18.27 12.42 -40.24
CA HIS A 233 19.36 11.45 -40.31
C HIS A 233 19.69 11.03 -41.74
N ARG A 234 18.67 10.57 -42.47
CA ARG A 234 18.85 10.08 -43.82
C ARG A 234 19.64 11.11 -44.61
N ALA A 235 19.21 12.34 -44.70
CA ALA A 235 20.02 13.24 -45.49
C ALA A 235 21.45 13.46 -45.03
N THR A 236 21.68 13.61 -43.74
CA THR A 236 23.02 13.87 -43.22
C THR A 236 23.97 12.74 -42.93
N LEU A 237 23.48 11.51 -42.87
CA LEU A 237 24.39 10.44 -42.48
C LEU A 237 25.40 9.97 -43.48
N ASP A 238 26.45 9.35 -42.95
CA ASP A 238 27.45 8.78 -43.79
C ASP A 238 28.24 7.72 -43.07
N PRO A 239 28.53 6.61 -43.75
CA PRO A 239 29.39 5.63 -43.13
C PRO A 239 30.74 6.27 -43.42
N SER A 240 31.84 5.72 -42.93
CA SER A 240 31.83 4.48 -42.20
C SER A 240 31.72 4.88 -40.76
N ASN A 241 31.48 6.16 -40.53
CA ASN A 241 31.27 6.65 -39.19
C ASN A 241 29.75 6.86 -39.02
N PRO A 242 29.11 5.93 -38.32
CA PRO A 242 27.67 5.97 -38.12
C PRO A 242 27.46 6.47 -36.71
N ARG A 243 26.86 7.63 -36.60
CA ARG A 243 26.69 8.26 -35.34
C ARG A 243 25.81 7.63 -34.28
N ASP A 244 24.62 7.15 -34.62
CA ASP A 244 23.76 6.55 -33.61
C ASP A 244 22.92 5.43 -34.21
N PHE A 245 21.98 4.95 -33.43
CA PHE A 245 21.20 3.77 -33.82
C PHE A 245 20.34 4.02 -35.06
N ILE A 246 19.85 5.24 -35.23
CA ILE A 246 19.02 5.51 -36.38
C ILE A 246 19.73 5.12 -37.67
N ASP A 247 20.85 5.75 -37.99
CA ASP A 247 21.49 5.45 -39.27
C ASP A 247 22.06 4.04 -39.35
N VAL A 248 22.36 3.45 -38.19
CA VAL A 248 22.62 2.01 -38.15
C VAL A 248 21.42 1.31 -38.78
N TYR A 249 20.22 1.69 -38.35
CA TYR A 249 19.01 1.18 -38.96
C TYR A 249 19.04 1.48 -40.44
N LEU A 250 19.25 2.75 -40.77
CA LEU A 250 19.30 3.17 -42.17
C LEU A 250 20.25 2.31 -42.99
N LEU A 251 21.35 1.90 -42.38
CA LEU A 251 22.34 1.08 -43.08
C LEU A 251 21.86 -0.36 -43.34
N ARG A 252 21.33 -1.02 -42.31
CA ARG A 252 20.73 -2.33 -42.49
C ARG A 252 19.58 -2.25 -43.49
N MET A 253 18.87 -1.13 -43.49
CA MET A 253 17.82 -0.88 -44.47
C MET A 253 18.42 -0.77 -45.88
N GLU A 254 19.33 0.19 -46.08
CA GLU A 254 19.94 0.41 -47.39
C GLU A 254 20.63 -0.85 -47.93
N LYS A 255 21.11 -1.70 -47.03
CA LYS A 255 21.73 -2.97 -47.41
C LYS A 255 20.66 -4.01 -47.74
N HIS A 265 6.97 -0.24 -41.93
CA HIS A 265 7.89 -0.94 -41.04
C HIS A 265 8.97 0.01 -40.51
N HIS A 266 9.11 1.20 -41.10
CA HIS A 266 10.21 2.13 -40.71
C HIS A 266 10.40 2.63 -39.26
N GLN A 267 9.38 3.25 -38.70
CA GLN A 267 9.39 3.76 -37.35
C GLN A 267 8.82 2.71 -36.46
N ASN A 268 7.98 1.87 -37.00
CA ASN A 268 7.39 0.86 -36.21
C ASN A 268 8.49 0.01 -35.67
N LEU A 269 9.44 -0.36 -36.48
CA LEU A 269 10.52 -1.17 -35.93
C LEU A 269 11.36 -0.43 -34.91
N ILE A 270 11.59 0.85 -35.13
CA ILE A 270 12.32 1.71 -34.23
C ILE A 270 11.54 1.87 -32.93
N LEU A 271 10.27 2.22 -33.08
CA LEU A 271 9.42 2.46 -31.94
C LEU A 271 9.54 1.31 -30.97
N THR A 272 9.42 0.10 -31.51
CA THR A 272 9.41 -1.10 -30.70
C THR A 272 10.71 -1.26 -29.90
N VAL A 273 11.83 -1.07 -30.60
CA VAL A 273 13.12 -1.07 -29.95
C VAL A 273 13.12 -0.03 -28.82
N LEU A 274 12.79 1.20 -29.21
CA LEU A 274 12.74 2.32 -28.29
C LEU A 274 11.96 1.97 -27.05
N SER A 275 10.82 1.30 -27.26
CA SER A 275 9.95 0.90 -26.16
C SER A 275 10.66 -0.08 -25.27
N LEU A 276 11.16 -1.14 -25.88
CA LEU A 276 11.95 -2.11 -25.14
C LEU A 276 13.02 -1.41 -24.32
N PHE A 277 13.83 -0.60 -24.98
CA PHE A 277 14.86 0.17 -24.26
C PHE A 277 14.34 0.94 -23.06
N PHE A 278 13.17 1.56 -23.19
CA PHE A 278 12.57 2.33 -22.11
C PHE A 278 12.06 1.45 -20.99
N ALA A 279 11.45 0.32 -21.35
CA ALA A 279 11.03 -0.64 -20.36
C ALA A 279 12.20 -0.90 -19.42
N GLY A 280 13.40 -0.97 -19.98
CA GLY A 280 14.61 -1.22 -19.20
C GLY A 280 15.06 -0.01 -18.40
N THR A 281 15.12 1.15 -19.07
CA THR A 281 15.56 2.37 -18.41
C THR A 281 14.75 2.55 -17.16
N GLU A 282 13.45 2.30 -17.27
CA GLU A 282 12.57 2.47 -16.13
C GLU A 282 13.05 1.69 -14.91
N THR A 283 13.61 0.52 -15.16
CA THR A 283 14.13 -0.28 -14.05
C THR A 283 15.41 0.34 -13.48
N THR A 284 16.25 0.83 -14.37
CA THR A 284 17.44 1.56 -13.99
C THR A 284 17.10 2.74 -13.09
N SER A 285 16.09 3.51 -13.48
CA SER A 285 15.68 4.68 -12.73
C SER A 285 15.24 4.28 -11.34
N THR A 286 14.44 3.22 -11.27
CA THR A 286 13.96 2.77 -9.99
C THR A 286 15.11 2.26 -9.14
N THR A 287 16.05 1.56 -9.76
CA THR A 287 17.24 1.10 -9.03
C THR A 287 17.91 2.27 -8.32
N LEU A 288 18.03 3.41 -9.00
CA LEU A 288 18.57 4.62 -8.36
C LEU A 288 17.67 5.11 -7.24
N ARG A 289 16.39 5.31 -7.53
CA ARG A 289 15.46 5.81 -6.53
C ARG A 289 15.61 4.99 -5.28
N TYR A 290 15.61 3.67 -5.45
CA TYR A 290 15.70 2.76 -4.31
C TYR A 290 17.04 2.94 -3.65
N GLY A 291 18.09 2.99 -4.45
CA GLY A 291 19.42 3.17 -3.92
C GLY A 291 19.53 4.37 -3.01
N PHE A 292 18.99 5.50 -3.45
CA PHE A 292 19.15 6.72 -2.69
C PHE A 292 18.36 6.71 -1.38
N LEU A 293 17.14 6.21 -1.41
CA LEU A 293 16.39 6.04 -0.18
C LEU A 293 17.16 5.18 0.82
N LEU A 294 17.70 4.10 0.30
CA LEU A 294 18.50 3.17 1.11
C LEU A 294 19.62 3.92 1.82
N MET A 295 20.40 4.67 1.05
CA MET A 295 21.45 5.48 1.64
C MET A 295 20.97 6.53 2.65
N LEU A 296 19.73 7.01 2.53
CA LEU A 296 19.18 7.92 3.51
C LEU A 296 19.03 7.21 4.84
N LYS A 297 18.69 5.93 4.80
CA LYS A 297 18.56 5.15 6.02
C LYS A 297 19.90 4.78 6.62
N TYR A 298 20.95 4.83 5.82
CA TYR A 298 22.26 4.35 6.28
C TYR A 298 23.41 5.32 5.95
N PRO A 299 23.39 6.52 6.55
CA PRO A 299 24.29 7.62 6.20
C PRO A 299 25.78 7.31 6.38
N HIS A 300 26.08 6.42 7.32
CA HIS A 300 27.46 6.01 7.56
C HIS A 300 28.03 5.27 6.35
N VAL A 301 27.15 4.64 5.56
CA VAL A 301 27.60 3.99 4.33
C VAL A 301 27.86 5.08 3.31
N THR A 302 26.91 5.99 3.15
CA THR A 302 27.06 7.12 2.24
C THR A 302 28.37 7.88 2.52
N GLU A 303 28.67 8.08 3.81
CA GLU A 303 29.94 8.67 4.21
C GLU A 303 31.13 7.88 3.64
N ARG A 304 31.18 6.58 3.92
CA ARG A 304 32.25 5.76 3.39
C ARG A 304 32.39 5.97 1.91
N VAL A 305 31.28 5.84 1.18
CA VAL A 305 31.33 6.01 -0.26
C VAL A 305 31.92 7.36 -0.66
N GLN A 306 31.43 8.42 -0.03
CA GLN A 306 31.95 9.76 -0.28
C GLN A 306 33.45 9.81 -0.02
N LYS A 307 33.88 9.07 0.99
CA LYS A 307 35.29 8.96 1.32
C LYS A 307 36.06 8.28 0.19
N GLU A 308 35.69 7.05 -0.16
CA GLU A 308 36.36 6.34 -1.25
C GLU A 308 36.43 7.25 -2.47
N ILE A 309 35.36 8.00 -2.70
CA ILE A 309 35.29 8.89 -3.84
C ILE A 309 36.43 9.88 -3.78
N GLU A 310 36.58 10.51 -2.61
CA GLU A 310 37.64 11.49 -2.42
C GLU A 310 39.02 10.84 -2.45
N GLN A 311 39.13 9.60 -1.99
CA GLN A 311 40.40 8.90 -1.97
C GLN A 311 40.86 8.41 -3.35
N VAL A 312 39.96 8.37 -4.32
CA VAL A 312 40.33 7.76 -5.59
C VAL A 312 40.12 8.70 -6.75
N ILE A 313 38.99 9.40 -6.74
CA ILE A 313 38.66 10.33 -7.81
C ILE A 313 38.97 11.74 -7.39
N GLY A 314 39.09 11.95 -6.09
CA GLY A 314 39.40 13.26 -5.57
C GLY A 314 38.22 14.18 -5.73
N SER A 315 38.50 15.46 -5.84
CA SER A 315 37.42 16.43 -5.80
C SER A 315 37.40 17.27 -7.06
N HIS A 316 38.33 17.01 -7.97
CA HIS A 316 38.52 17.94 -9.08
C HIS A 316 38.31 17.39 -10.46
N ARG A 317 37.92 16.12 -10.54
CA ARG A 317 37.49 15.56 -11.82
C ARG A 317 36.22 14.75 -11.65
N PRO A 318 35.45 14.59 -12.72
CA PRO A 318 34.25 13.74 -12.68
C PRO A 318 34.64 12.28 -12.54
N PRO A 319 33.79 11.51 -11.89
CA PRO A 319 34.07 10.07 -11.83
C PRO A 319 34.05 9.50 -13.24
N ALA A 320 34.85 8.46 -13.47
CA ALA A 320 34.90 7.80 -14.77
C ALA A 320 34.87 6.30 -14.61
N LEU A 321 34.46 5.61 -15.66
CA LEU A 321 34.11 4.21 -15.53
C LEU A 321 35.30 3.44 -14.98
N ASP A 322 36.49 3.86 -15.37
CA ASP A 322 37.67 3.15 -14.96
C ASP A 322 37.89 3.22 -13.46
N ASP A 323 37.23 4.17 -12.80
CA ASP A 323 37.37 4.33 -11.35
C ASP A 323 36.74 3.19 -10.55
N ARG A 324 35.64 2.65 -11.06
CA ARG A 324 34.94 1.58 -10.35
C ARG A 324 35.93 0.48 -9.92
N ALA A 325 36.90 0.20 -10.78
CA ALA A 325 37.91 -0.81 -10.51
C ALA A 325 38.61 -0.52 -9.19
N LYS A 326 38.93 0.76 -8.97
CA LYS A 326 39.71 1.15 -7.83
C LYS A 326 38.85 1.58 -6.65
N MET A 327 37.57 1.21 -6.67
CA MET A 327 36.66 1.60 -5.59
C MET A 327 35.76 0.47 -5.11
N PRO A 328 36.35 -0.57 -4.50
CA PRO A 328 35.59 -1.74 -4.09
C PRO A 328 34.33 -1.39 -3.32
N TYR A 329 34.48 -0.62 -2.25
CA TYR A 329 33.35 -0.39 -1.36
C TYR A 329 32.13 0.05 -2.15
N THR A 330 32.29 1.15 -2.88
CA THR A 330 31.18 1.73 -3.64
C THR A 330 30.52 0.71 -4.57
N ASP A 331 31.35 -0.06 -5.28
CA ASP A 331 30.84 -1.11 -6.16
C ASP A 331 30.01 -2.09 -5.32
N ALA A 332 30.64 -2.66 -4.28
CA ALA A 332 29.97 -3.57 -3.37
C ALA A 332 28.63 -3.01 -2.91
N VAL A 333 28.58 -1.70 -2.73
CA VAL A 333 27.39 -1.07 -2.20
C VAL A 333 26.34 -1.07 -3.29
N ILE A 334 26.72 -0.65 -4.49
CA ILE A 334 25.79 -0.67 -5.60
C ILE A 334 25.27 -2.09 -5.84
N HIS A 335 26.15 -3.08 -5.87
CA HIS A 335 25.73 -4.49 -5.96
C HIS A 335 24.69 -4.78 -4.90
N GLU A 336 24.99 -4.43 -3.67
CA GLU A 336 24.08 -4.67 -2.57
C GLU A 336 22.73 -3.99 -2.85
N ILE A 337 22.76 -2.84 -3.50
CA ILE A 337 21.52 -2.14 -3.80
C ILE A 337 20.68 -2.93 -4.77
N GLN A 338 21.29 -3.40 -5.84
CA GLN A 338 20.58 -4.20 -6.81
C GLN A 338 20.04 -5.46 -6.15
N ARG A 339 20.84 -6.03 -5.28
CA ARG A 339 20.46 -7.26 -4.61
C ARG A 339 19.20 -7.04 -3.82
N LEU A 340 19.28 -6.17 -2.81
CA LEU A 340 18.13 -5.89 -1.95
C LEU A 340 16.89 -5.36 -2.69
N GLY A 341 17.13 -4.47 -3.65
CA GLY A 341 16.10 -3.89 -4.49
C GLY A 341 15.25 -4.92 -5.21
N ASP A 342 15.89 -5.88 -5.89
CA ASP A 342 15.17 -7.04 -6.37
C ASP A 342 13.95 -6.61 -7.21
N LEU A 343 14.19 -5.81 -8.24
CA LEU A 343 13.08 -5.21 -8.95
C LEU A 343 12.32 -6.18 -9.84
N ILE A 344 12.94 -7.32 -10.13
CA ILE A 344 12.31 -8.31 -11.00
C ILE A 344 12.40 -9.65 -10.33
N PRO A 345 11.59 -9.84 -9.26
CA PRO A 345 11.71 -10.91 -8.29
C PRO A 345 11.45 -12.26 -8.93
N PHE A 346 10.59 -12.27 -9.94
CA PHE A 346 10.20 -13.52 -10.54
C PHE A 346 11.02 -13.83 -11.78
N GLY A 347 11.81 -12.84 -12.20
CA GLY A 347 12.53 -12.92 -13.44
C GLY A 347 11.50 -12.81 -14.55
N VAL A 348 11.96 -12.96 -15.79
CA VAL A 348 11.04 -13.00 -16.89
C VAL A 348 10.88 -14.45 -17.26
N PRO A 349 9.65 -14.96 -17.15
CA PRO A 349 9.29 -16.36 -17.45
C PRO A 349 9.77 -16.75 -18.83
N HIS A 350 10.24 -17.98 -18.92
CA HIS A 350 10.66 -18.52 -20.18
C HIS A 350 9.86 -19.77 -20.48
N THR A 351 10.24 -20.43 -21.56
CA THR A 351 9.47 -21.49 -22.15
C THR A 351 10.45 -22.53 -22.63
N VAL A 352 10.37 -23.76 -22.09
CA VAL A 352 11.34 -24.79 -22.47
C VAL A 352 11.22 -25.13 -23.96
N THR A 353 12.37 -25.23 -24.62
CA THR A 353 12.38 -25.41 -26.07
C THR A 353 12.33 -26.88 -26.49
N LYS A 354 13.04 -27.73 -25.75
CA LYS A 354 13.20 -29.14 -26.09
C LYS A 354 12.80 -29.98 -24.87
N ASP A 355 12.19 -31.14 -25.07
CA ASP A 355 12.01 -32.05 -23.95
C ASP A 355 13.36 -32.13 -23.23
N THR A 356 13.38 -31.94 -21.92
CA THR A 356 14.65 -31.83 -21.19
C THR A 356 14.73 -32.61 -19.88
N GLN A 357 15.95 -33.04 -19.57
CA GLN A 357 16.24 -33.67 -18.30
C GLN A 357 16.91 -32.65 -17.40
N PHE A 358 16.26 -32.28 -16.30
CA PHE A 358 16.80 -31.25 -15.41
C PHE A 358 16.76 -31.67 -13.95
N ARG A 359 17.91 -31.62 -13.30
CA ARG A 359 18.02 -32.03 -11.90
C ARG A 359 17.24 -33.30 -11.60
N GLY A 360 17.41 -34.31 -12.44
CA GLY A 360 16.79 -35.60 -12.20
C GLY A 360 15.28 -35.54 -12.25
N TYR A 361 14.77 -34.56 -12.98
CA TYR A 361 13.37 -34.56 -13.37
C TYR A 361 13.29 -34.42 -14.88
N VAL A 362 12.06 -34.36 -15.35
CA VAL A 362 11.80 -34.18 -16.75
C VAL A 362 11.04 -32.89 -16.94
N ILE A 363 11.42 -32.14 -17.97
CA ILE A 363 10.59 -31.01 -18.35
C ILE A 363 10.33 -31.02 -19.83
N PRO A 364 9.05 -31.18 -20.18
CA PRO A 364 8.51 -31.30 -21.53
C PRO A 364 8.66 -30.01 -22.31
N LYS A 365 8.98 -30.10 -23.60
CA LYS A 365 9.02 -28.91 -24.46
C LYS A 365 7.75 -28.11 -24.26
N ASN A 366 7.93 -26.80 -24.07
CA ASN A 366 6.82 -25.85 -23.99
C ASN A 366 6.25 -25.66 -22.61
N THR A 367 6.94 -26.19 -21.61
CA THR A 367 6.57 -25.93 -20.23
C THR A 367 6.99 -24.51 -19.92
N GLU A 368 6.12 -23.80 -19.22
CA GLU A 368 6.43 -22.44 -18.79
C GLU A 368 7.26 -22.50 -17.50
N VAL A 369 8.28 -21.64 -17.40
CA VAL A 369 9.20 -21.71 -16.29
C VAL A 369 9.54 -20.36 -15.68
N PHE A 370 9.48 -20.28 -14.35
CA PHE A 370 9.93 -19.11 -13.56
C PHE A 370 11.31 -19.30 -12.96
N PRO A 371 12.29 -18.51 -13.42
CA PRO A 371 13.56 -18.47 -12.72
C PRO A 371 13.39 -17.36 -11.68
N VAL A 372 13.00 -17.72 -10.46
CA VAL A 372 12.68 -16.74 -9.45
C VAL A 372 13.94 -16.02 -8.98
N LEU A 373 14.39 -15.04 -9.77
CA LEU A 373 15.60 -14.32 -9.46
C LEU A 373 15.76 -13.95 -7.99
N SER A 374 14.65 -13.59 -7.35
CA SER A 374 14.67 -13.21 -5.94
C SER A 374 15.23 -14.32 -5.08
N SER A 375 14.91 -15.56 -5.44
CA SER A 375 15.30 -16.72 -4.64
C SER A 375 16.81 -16.94 -4.63
N ALA A 376 17.47 -16.30 -5.60
CA ALA A 376 18.93 -16.32 -5.71
C ALA A 376 19.55 -15.11 -5.02
N LEU A 377 18.96 -13.94 -5.26
CA LEU A 377 19.49 -12.70 -4.70
C LEU A 377 19.38 -12.73 -3.20
N HIS A 378 18.51 -13.59 -2.70
CA HIS A 378 18.37 -13.78 -1.26
C HIS A 378 18.77 -15.20 -0.83
N ASP A 379 19.61 -15.84 -1.63
CA ASP A 379 19.99 -17.23 -1.34
C ASP A 379 21.01 -17.28 -0.21
N PRO A 380 20.60 -17.86 0.93
CA PRO A 380 21.44 -18.03 2.11
C PRO A 380 22.78 -18.65 1.81
N ARG A 381 22.84 -19.62 0.89
CA ARG A 381 24.09 -20.27 0.55
C ARG A 381 25.04 -19.31 -0.09
N TYR A 382 24.58 -18.08 -0.37
CA TYR A 382 25.45 -17.07 -0.99
C TYR A 382 25.48 -15.68 -0.30
N PHE A 383 24.58 -15.46 0.64
CA PHE A 383 24.59 -14.17 1.30
C PHE A 383 24.45 -14.29 2.80
N GLU A 384 25.54 -14.08 3.50
CA GLU A 384 25.52 -14.13 4.95
C GLU A 384 24.22 -13.58 5.57
N THR A 385 23.75 -12.44 5.09
CA THR A 385 22.53 -11.86 5.64
C THR A 385 21.54 -11.39 4.56
N PRO A 386 20.83 -12.34 3.98
CA PRO A 386 20.11 -12.16 2.73
C PRO A 386 19.17 -10.97 2.81
N ASN A 387 18.78 -10.60 4.03
CA ASN A 387 17.71 -9.63 4.16
C ASN A 387 18.14 -8.31 4.72
N THR A 388 19.40 -8.21 5.09
CA THR A 388 19.94 -6.94 5.55
C THR A 388 20.90 -6.35 4.54
N PHE A 389 20.95 -5.04 4.48
CA PHE A 389 21.89 -4.37 3.61
C PHE A 389 23.29 -4.67 4.07
N ASN A 390 24.11 -5.24 3.22
CA ASN A 390 25.42 -5.73 3.66
C ASN A 390 26.48 -5.85 2.57
N PRO A 391 27.23 -4.78 2.34
CA PRO A 391 28.28 -4.78 1.31
C PRO A 391 29.30 -5.89 1.48
N GLY A 392 29.37 -6.44 2.70
CA GLY A 392 30.27 -7.53 2.98
C GLY A 392 30.04 -8.70 2.02
N HIS A 393 28.80 -8.82 1.57
CA HIS A 393 28.45 -9.89 0.64
C HIS A 393 29.43 -9.89 -0.51
N PHE A 394 29.88 -8.71 -0.92
CA PHE A 394 30.69 -8.62 -2.11
C PHE A 394 32.13 -8.20 -1.82
N LEU A 395 32.62 -8.49 -0.63
CA LEU A 395 34.00 -8.15 -0.29
C LEU A 395 34.70 -9.27 0.44
N ASP A 396 35.99 -9.43 0.18
CA ASP A 396 36.79 -10.45 0.87
C ASP A 396 37.40 -9.88 2.14
N ALA A 397 38.31 -10.64 2.74
CA ALA A 397 38.94 -10.20 3.98
C ALA A 397 39.70 -8.94 3.70
N ASN A 398 40.47 -8.95 2.61
CA ASN A 398 41.30 -7.81 2.27
C ASN A 398 40.51 -6.60 1.85
N GLY A 399 39.24 -6.80 1.54
CA GLY A 399 38.37 -5.68 1.21
C GLY A 399 38.26 -5.35 -0.27
N ALA A 400 38.58 -6.32 -1.13
CA ALA A 400 38.41 -6.15 -2.57
C ALA A 400 37.10 -6.76 -3.02
N LEU A 401 36.67 -6.39 -4.21
CA LEU A 401 35.44 -6.94 -4.74
C LEU A 401 35.59 -8.44 -4.92
N LYS A 402 34.58 -9.22 -4.52
CA LYS A 402 34.63 -10.67 -4.67
C LYS A 402 33.40 -11.14 -5.45
N ARG A 403 33.52 -12.06 -6.36
CA ARG A 403 32.37 -12.50 -7.11
C ARG A 403 31.45 -13.28 -6.22
N ASN A 404 30.18 -13.05 -6.37
CA ASN A 404 29.14 -13.78 -5.63
C ASN A 404 28.16 -14.37 -6.64
N GLU A 405 28.12 -15.70 -6.70
CA GLU A 405 27.36 -16.34 -7.76
C GLU A 405 25.87 -16.02 -7.67
N GLY A 406 25.39 -15.71 -6.47
CA GLY A 406 23.99 -15.41 -6.28
C GLY A 406 23.53 -14.07 -6.85
N PHE A 407 24.49 -13.24 -7.23
CA PHE A 407 24.18 -11.93 -7.79
C PHE A 407 23.81 -11.98 -9.28
N MET A 408 22.52 -12.03 -9.61
CA MET A 408 22.11 -12.19 -11.00
C MET A 408 20.89 -11.36 -11.35
N PRO A 409 20.86 -10.10 -10.88
CA PRO A 409 19.71 -9.20 -11.01
C PRO A 409 19.37 -8.93 -12.45
N PHE A 410 20.27 -9.35 -13.32
CA PHE A 410 20.09 -9.16 -14.74
C PHE A 410 19.72 -10.45 -15.44
N SER A 411 19.58 -11.53 -14.66
CA SER A 411 19.35 -12.85 -15.23
C SER A 411 20.67 -13.39 -15.80
N LEU A 412 20.64 -14.56 -16.40
CA LEU A 412 21.82 -15.15 -17.02
C LEU A 412 21.41 -15.92 -18.26
N GLY A 413 22.38 -16.28 -19.08
CA GLY A 413 22.11 -17.16 -20.19
C GLY A 413 21.79 -16.45 -21.48
N LYS A 414 21.24 -17.22 -22.43
CA LYS A 414 21.04 -16.72 -23.79
C LYS A 414 20.30 -15.40 -23.84
N ARG A 415 19.39 -15.18 -22.88
CA ARG A 415 18.54 -13.99 -22.90
C ARG A 415 18.85 -12.95 -21.83
N ILE A 416 20.02 -13.05 -21.21
CA ILE A 416 20.43 -12.10 -20.17
C ILE A 416 20.29 -10.66 -20.67
N CYS A 417 20.00 -9.73 -19.76
CA CYS A 417 19.66 -8.37 -20.14
C CYS A 417 20.54 -7.75 -21.23
N LEU A 418 19.90 -7.23 -22.26
CA LEU A 418 20.63 -6.66 -23.37
C LEU A 418 21.19 -5.35 -22.91
N GLY A 419 20.59 -4.81 -21.87
CA GLY A 419 20.98 -3.51 -21.35
C GLY A 419 21.96 -3.59 -20.20
N GLU A 420 22.40 -4.79 -19.81
CA GLU A 420 23.24 -4.91 -18.62
C GLU A 420 24.38 -3.91 -18.63
N GLY A 421 25.10 -3.86 -19.74
CA GLY A 421 26.21 -2.95 -19.89
C GLY A 421 25.86 -1.49 -19.60
N ILE A 422 24.96 -0.94 -20.40
CA ILE A 422 24.57 0.46 -20.25
C ILE A 422 24.07 0.70 -18.82
N ALA A 423 23.12 -0.11 -18.39
CA ALA A 423 22.51 0.07 -17.10
C ALA A 423 23.54 0.21 -16.02
N ARG A 424 24.42 -0.77 -15.92
CA ARG A 424 25.39 -0.82 -14.83
C ARG A 424 26.31 0.38 -14.87
N THR A 425 26.59 0.86 -16.07
CA THR A 425 27.44 2.04 -16.23
C THR A 425 26.67 3.28 -15.78
N GLU A 426 25.38 3.32 -16.12
CA GLU A 426 24.49 4.38 -15.65
C GLU A 426 24.47 4.42 -14.12
N LEU A 427 24.46 3.24 -13.50
CA LEU A 427 24.35 3.14 -12.06
C LEU A 427 25.61 3.60 -11.34
N PHE A 428 26.76 3.27 -11.87
CA PHE A 428 27.99 3.62 -11.18
C PHE A 428 28.25 5.10 -11.26
N LEU A 429 28.13 5.63 -12.48
CA LEU A 429 28.43 7.04 -12.76
C LEU A 429 27.42 7.98 -12.13
N PHE A 430 26.14 7.74 -12.38
CA PHE A 430 25.10 8.57 -11.82
C PHE A 430 25.26 8.61 -10.30
N PHE A 431 25.44 7.44 -9.71
CA PHE A 431 25.58 7.33 -8.28
C PHE A 431 26.76 8.14 -7.71
N THR A 432 27.96 7.84 -8.19
CA THR A 432 29.14 8.48 -7.63
C THR A 432 29.10 9.98 -7.90
N THR A 433 28.89 10.36 -9.15
CA THR A 433 28.93 11.78 -9.49
C THR A 433 28.05 12.51 -8.53
N ILE A 434 26.86 12.00 -8.29
CA ILE A 434 25.97 12.67 -7.34
C ILE A 434 26.56 12.77 -5.94
N LEU A 435 26.93 11.65 -5.36
CA LEU A 435 27.50 11.67 -4.02
C LEU A 435 28.80 12.47 -3.94
N GLN A 436 29.40 12.73 -5.09
CA GLN A 436 30.63 13.50 -5.14
C GLN A 436 30.32 14.96 -4.87
N ASN A 437 29.27 15.46 -5.51
CA ASN A 437 29.00 16.88 -5.51
C ASN A 437 27.98 17.29 -4.48
N PHE A 438 27.20 16.34 -3.97
CA PHE A 438 26.21 16.64 -2.94
C PHE A 438 26.27 15.62 -1.80
N SER A 439 25.63 15.98 -0.69
CA SER A 439 25.31 15.03 0.37
C SER A 439 23.80 15.06 0.46
N ILE A 440 23.20 14.13 1.19
CA ILE A 440 21.74 14.00 1.16
C ILE A 440 21.10 13.97 2.54
N ALA A 441 19.85 14.44 2.59
CA ALA A 441 19.12 14.51 3.85
C ALA A 441 17.63 14.43 3.59
N SER A 442 16.88 14.06 4.62
CA SER A 442 15.43 14.01 4.54
C SER A 442 14.79 14.39 5.87
N PRO A 443 13.47 14.67 5.84
CA PRO A 443 12.72 14.94 7.06
C PRO A 443 12.86 13.74 7.98
N VAL A 444 12.45 12.59 7.46
CA VAL A 444 12.47 11.37 8.23
C VAL A 444 13.88 10.98 8.63
N PRO A 445 14.06 10.67 9.93
CA PRO A 445 15.33 10.22 10.52
C PRO A 445 15.59 8.81 10.07
N PRO A 446 16.87 8.47 9.82
CA PRO A 446 17.29 7.17 9.26
C PRO A 446 16.64 6.00 9.99
N GLU A 447 16.61 6.07 11.32
CA GLU A 447 16.02 5.00 12.12
C GLU A 447 14.61 4.67 11.64
N ASP A 448 13.95 5.66 11.05
CA ASP A 448 12.53 5.58 10.75
C ASP A 448 12.19 5.38 9.29
N ILE A 449 13.19 5.01 8.48
CA ILE A 449 12.94 4.78 7.06
C ILE A 449 12.48 3.33 6.82
N ASP A 450 11.30 3.15 6.24
CA ASP A 450 10.79 1.80 6.03
C ASP A 450 11.02 1.35 4.60
N LEU A 451 11.87 0.34 4.45
CA LEU A 451 12.32 -0.04 3.13
C LEU A 451 11.37 -0.95 2.38
N THR A 452 10.41 -1.50 3.11
CA THR A 452 9.43 -2.39 2.52
C THR A 452 8.46 -1.63 1.60
N PRO A 453 8.23 -2.15 0.39
CA PRO A 453 7.48 -1.57 -0.74
C PRO A 453 6.02 -1.26 -0.41
N ARG A 454 5.22 -0.90 -1.41
CA ARG A 454 3.80 -0.65 -1.16
C ARG A 454 2.91 -1.34 -2.19
N GLU A 455 1.68 -1.67 -1.79
CA GLU A 455 0.70 -2.25 -2.72
C GLU A 455 0.43 -1.24 -3.82
N GLY A 459 2.88 -4.70 -5.64
CA GLY A 459 4.08 -3.96 -6.01
C GLY A 459 5.32 -4.20 -5.18
N ASN A 460 6.45 -4.29 -5.87
CA ASN A 460 7.77 -4.49 -5.28
C ASN A 460 8.45 -3.13 -5.30
N VAL A 461 7.76 -2.15 -5.85
CA VAL A 461 8.27 -0.80 -5.97
C VAL A 461 8.53 -0.06 -4.68
N PRO A 462 9.61 0.72 -4.66
CA PRO A 462 9.98 1.47 -3.47
C PRO A 462 8.94 2.50 -3.12
N PRO A 463 8.76 2.75 -1.84
CA PRO A 463 7.80 3.72 -1.33
C PRO A 463 8.18 5.11 -1.78
N SER A 464 7.22 6.00 -2.05
CA SER A 464 7.54 7.34 -2.50
C SER A 464 8.18 8.08 -1.38
N TYR A 465 9.04 9.05 -1.71
CA TYR A 465 9.72 9.80 -0.69
C TYR A 465 10.36 11.11 -1.15
N GLN A 466 10.61 11.99 -0.20
CA GLN A 466 11.25 13.28 -0.39
C GLN A 466 12.68 13.31 0.12
N ILE A 467 13.54 13.94 -0.67
CA ILE A 467 14.95 13.97 -0.40
C ILE A 467 15.50 15.34 -0.79
N ARG A 468 16.63 15.72 -0.18
CA ARG A 468 17.23 17.01 -0.44
C ARG A 468 18.73 16.86 -0.78
N PHE A 469 19.15 17.46 -1.90
CA PHE A 469 20.54 17.40 -2.32
C PHE A 469 21.29 18.68 -1.98
N LEU A 470 22.30 18.56 -1.13
CA LEU A 470 23.02 19.73 -0.63
C LEU A 470 24.45 19.76 -1.15
N ALA A 471 24.83 20.85 -1.81
CA ALA A 471 26.15 20.89 -2.44
C ALA A 471 27.23 20.83 -1.38
N ARG A 472 28.37 20.27 -1.75
CA ARG A 472 29.45 20.10 -0.81
C ARG A 472 30.48 21.21 -1.05
N HIS A 473 30.31 21.93 -2.15
CA HIS A 473 31.20 23.04 -2.52
C HIS A 473 32.58 22.98 -1.86
N GLY B 9 -10.10 -22.21 -50.47
CA GLY B 9 -10.06 -22.29 -49.01
C GLY B 9 -8.93 -21.49 -48.35
N LYS B 10 -9.26 -20.30 -47.86
CA LYS B 10 -8.28 -19.39 -47.30
C LYS B 10 -8.62 -19.00 -45.85
N LEU B 11 -7.67 -18.38 -45.17
CA LEU B 11 -7.91 -17.87 -43.83
C LEU B 11 -8.58 -16.50 -43.93
N PRO B 12 -9.37 -16.14 -42.90
CA PRO B 12 -10.00 -14.82 -42.86
C PRO B 12 -8.97 -13.73 -43.07
N PRO B 13 -9.24 -12.78 -43.99
CA PRO B 13 -8.37 -11.66 -44.35
C PRO B 13 -8.23 -10.71 -43.18
N GLY B 14 -7.24 -9.82 -43.26
CA GLY B 14 -6.99 -8.91 -42.17
C GLY B 14 -5.85 -8.01 -42.53
N PRO B 15 -5.50 -7.09 -41.62
CA PRO B 15 -4.40 -6.17 -41.85
C PRO B 15 -3.11 -6.92 -41.57
N SER B 16 -2.04 -6.57 -42.28
CA SER B 16 -0.75 -7.22 -42.09
C SER B 16 -0.18 -6.78 -40.74
N PRO B 17 0.49 -7.69 -40.03
CA PRO B 17 1.00 -7.41 -38.70
C PRO B 17 2.45 -6.94 -38.72
N LEU B 18 2.89 -6.43 -37.58
CA LEU B 18 4.25 -6.04 -37.36
C LEU B 18 4.78 -6.97 -36.31
N PRO B 19 6.11 -7.23 -36.33
CA PRO B 19 6.79 -8.07 -35.35
C PRO B 19 6.57 -7.59 -33.92
N VAL B 20 6.38 -8.53 -33.00
CA VAL B 20 6.13 -8.22 -31.60
C VAL B 20 4.76 -7.63 -31.35
N LEU B 21 4.39 -6.64 -32.14
CA LEU B 21 3.20 -5.83 -31.87
C LEU B 21 1.95 -6.36 -32.54
N GLY B 22 2.11 -7.01 -33.69
CA GLY B 22 0.97 -7.45 -34.47
C GLY B 22 0.29 -6.23 -35.07
N ASN B 23 -1.02 -6.15 -34.91
CA ASN B 23 -1.78 -5.04 -35.48
C ASN B 23 -1.99 -3.94 -34.49
N LEU B 24 -1.30 -4.02 -33.35
CA LEU B 24 -1.50 -3.04 -32.28
C LEU B 24 -1.25 -1.59 -32.65
N LEU B 25 -0.60 -1.35 -33.79
CA LEU B 25 -0.29 0.02 -34.22
C LEU B 25 -1.35 0.60 -35.14
N GLN B 26 -2.23 -0.26 -35.66
CA GLN B 26 -3.27 0.15 -36.62
C GLN B 26 -4.65 0.34 -35.98
N MET B 27 -4.68 0.37 -34.65
CA MET B 27 -5.94 0.57 -33.93
C MET B 27 -6.32 2.06 -33.95
N ASP B 28 -7.62 2.35 -34.03
CA ASP B 28 -8.11 3.72 -33.95
C ASP B 28 -7.66 4.34 -32.65
N ARG B 29 -7.43 5.63 -32.64
CA ARG B 29 -7.18 6.31 -31.40
C ARG B 29 -8.40 6.10 -30.50
N LYS B 30 -9.54 5.85 -31.16
CA LYS B 30 -10.82 5.78 -30.46
C LYS B 30 -11.04 4.54 -29.57
N GLY B 31 -10.26 3.49 -29.75
CA GLY B 31 -10.44 2.28 -28.95
C GLY B 31 -10.60 1.03 -29.78
N LEU B 32 -10.33 -0.13 -29.17
CA LEU B 32 -10.33 -1.40 -29.91
C LEU B 32 -11.65 -1.63 -30.66
N LEU B 33 -12.75 -1.21 -30.07
CA LEU B 33 -14.02 -1.46 -30.72
C LEU B 33 -14.10 -0.71 -32.04
N ARG B 34 -13.84 0.60 -32.03
CA ARG B 34 -13.90 1.38 -33.27
C ARG B 34 -13.06 0.73 -34.34
N SER B 35 -11.91 0.24 -33.90
CA SER B 35 -10.99 -0.42 -34.80
C SER B 35 -11.71 -1.58 -35.47
N PHE B 36 -12.20 -2.52 -34.67
CA PHE B 36 -12.90 -3.66 -35.25
C PHE B 36 -13.96 -3.18 -36.24
N LEU B 37 -14.61 -2.06 -35.96
CA LEU B 37 -15.66 -1.59 -36.85
C LEU B 37 -15.07 -1.10 -38.18
N ARG B 38 -14.05 -0.25 -38.11
CA ARG B 38 -13.44 0.22 -39.34
C ARG B 38 -12.86 -0.96 -40.12
N LEU B 39 -12.30 -1.91 -39.39
CA LEU B 39 -11.80 -3.15 -40.02
C LEU B 39 -12.88 -3.91 -40.78
N ARG B 40 -14.09 -3.98 -40.19
CA ARG B 40 -15.21 -4.67 -40.82
C ARG B 40 -15.52 -4.04 -42.15
N GLU B 41 -15.57 -2.72 -42.17
CA GLU B 41 -15.86 -2.01 -43.40
C GLU B 41 -14.88 -2.46 -44.49
N LYS B 42 -13.62 -2.66 -44.13
CA LYS B 42 -12.63 -3.01 -45.15
C LYS B 42 -12.54 -4.50 -45.46
N TYR B 43 -12.61 -5.35 -44.44
CA TYR B 43 -12.37 -6.77 -44.69
C TYR B 43 -13.64 -7.62 -44.57
N GLY B 44 -14.67 -7.09 -43.94
CA GLY B 44 -15.93 -7.80 -43.83
C GLY B 44 -16.28 -8.34 -42.45
N ASP B 45 -17.26 -9.24 -42.42
CA ASP B 45 -17.82 -9.75 -41.18
C ASP B 45 -16.90 -10.73 -40.43
N VAL B 46 -15.98 -11.35 -41.16
CA VAL B 46 -15.01 -12.24 -40.54
C VAL B 46 -13.62 -11.85 -40.98
N PHE B 47 -12.77 -11.47 -40.00
CA PHE B 47 -11.37 -11.09 -40.27
C PHE B 47 -10.36 -11.44 -39.17
N THR B 48 -9.09 -11.31 -39.52
CA THR B 48 -8.00 -11.78 -38.67
C THR B 48 -7.07 -10.70 -38.23
N VAL B 49 -6.98 -10.55 -36.92
CA VAL B 49 -6.18 -9.49 -36.37
C VAL B 49 -5.16 -10.13 -35.43
N TYR B 50 -4.10 -9.39 -35.11
CA TYR B 50 -2.98 -9.97 -34.37
C TYR B 50 -2.67 -9.21 -33.09
N LEU B 51 -2.81 -9.88 -31.96
CA LEU B 51 -2.37 -9.32 -30.68
C LEU B 51 -1.05 -9.97 -30.36
N GLY B 52 0.00 -9.19 -30.43
CA GLY B 52 1.31 -9.79 -30.34
C GLY B 52 1.50 -10.67 -31.56
N SER B 53 2.12 -11.82 -31.37
CA SER B 53 2.41 -12.72 -32.48
C SER B 53 1.22 -13.62 -32.80
N ARG B 54 0.22 -13.57 -31.94
CA ARG B 54 -0.92 -14.47 -32.02
C ARG B 54 -2.04 -13.90 -32.87
N PRO B 55 -2.57 -14.71 -33.80
CA PRO B 55 -3.72 -14.33 -34.58
C PRO B 55 -5.00 -14.59 -33.79
N VAL B 56 -6.01 -13.79 -34.09
CA VAL B 56 -7.35 -14.02 -33.57
C VAL B 56 -8.39 -13.66 -34.64
N VAL B 57 -9.44 -14.46 -34.71
CA VAL B 57 -10.49 -14.23 -35.68
C VAL B 57 -11.58 -13.40 -35.01
N VAL B 58 -11.96 -12.31 -35.67
CA VAL B 58 -13.03 -11.45 -35.15
C VAL B 58 -14.34 -11.69 -35.91
N LEU B 59 -15.43 -11.85 -35.16
CA LEU B 59 -16.76 -12.08 -35.73
C LEU B 59 -17.68 -10.89 -35.56
N CYS B 60 -18.19 -10.35 -36.67
CA CYS B 60 -18.96 -9.11 -36.61
C CYS B 60 -20.36 -9.21 -37.18
N GLY B 61 -21.30 -8.56 -36.52
CA GLY B 61 -22.69 -8.60 -36.93
C GLY B 61 -23.46 -9.83 -36.46
N THR B 62 -24.77 -9.66 -36.35
CA THR B 62 -25.65 -10.71 -35.90
C THR B 62 -25.41 -12.00 -36.67
N ASP B 63 -25.65 -11.96 -37.97
CA ASP B 63 -25.66 -13.18 -38.80
C ASP B 63 -24.39 -14.00 -38.65
N ALA B 64 -23.27 -13.31 -38.62
CA ALA B 64 -21.98 -13.98 -38.52
C ALA B 64 -21.81 -14.67 -37.16
N ILE B 65 -22.04 -13.91 -36.09
CA ILE B 65 -21.94 -14.45 -34.74
C ILE B 65 -22.90 -15.63 -34.55
N ARG B 66 -24.14 -15.48 -35.02
CA ARG B 66 -25.12 -16.51 -34.84
C ARG B 66 -24.66 -17.78 -35.56
N GLU B 67 -24.27 -17.66 -36.83
CA GLU B 67 -23.85 -18.82 -37.61
C GLU B 67 -22.80 -19.60 -36.85
N ALA B 68 -21.88 -18.87 -36.25
CA ALA B 68 -20.75 -19.47 -35.57
C ALA B 68 -21.22 -20.12 -34.27
N LEU B 69 -21.77 -19.31 -33.36
CA LEU B 69 -22.07 -19.78 -32.02
C LEU B 69 -23.24 -20.72 -31.99
N VAL B 70 -24.16 -20.54 -32.93
CA VAL B 70 -25.36 -21.35 -32.96
C VAL B 70 -25.31 -22.50 -33.97
N ASP B 71 -25.14 -22.17 -35.24
CA ASP B 71 -25.11 -23.18 -36.28
C ASP B 71 -23.97 -24.18 -36.08
N GLN B 72 -22.80 -23.68 -35.72
CA GLN B 72 -21.66 -24.56 -35.53
C GLN B 72 -21.25 -24.56 -34.10
N ALA B 73 -22.22 -24.70 -33.20
CA ALA B 73 -21.94 -24.52 -31.78
C ALA B 73 -20.80 -25.38 -31.24
N GLU B 74 -20.77 -26.66 -31.59
CA GLU B 74 -19.72 -27.50 -31.02
C GLU B 74 -18.35 -27.01 -31.49
N ALA B 75 -18.31 -26.48 -32.70
CA ALA B 75 -17.05 -26.07 -33.29
C ALA B 75 -16.46 -24.86 -32.58
N PHE B 76 -17.33 -23.99 -32.07
CA PHE B 76 -16.92 -22.68 -31.55
C PHE B 76 -17.06 -22.57 -30.03
N SER B 77 -16.94 -23.68 -29.31
CA SER B 77 -17.25 -23.68 -27.87
C SER B 77 -16.04 -23.79 -26.96
N GLY B 78 -14.85 -23.88 -27.56
CA GLY B 78 -13.62 -24.08 -26.80
C GLY B 78 -13.19 -22.93 -25.90
N ARG B 79 -12.61 -23.26 -24.75
CA ARG B 79 -12.19 -22.23 -23.81
C ARG B 79 -10.74 -21.83 -24.08
N GLY B 80 -10.27 -20.78 -23.40
CA GLY B 80 -8.92 -20.27 -23.60
C GLY B 80 -7.84 -21.12 -22.96
N LYS B 81 -6.61 -20.98 -23.44
CA LYS B 81 -5.53 -21.88 -23.02
C LYS B 81 -5.40 -21.94 -21.50
N ILE B 82 -5.77 -20.86 -20.84
CA ILE B 82 -5.64 -20.84 -19.40
C ILE B 82 -6.52 -21.89 -18.74
N ALA B 83 -7.60 -22.23 -19.44
CA ALA B 83 -8.61 -23.14 -18.88
C ALA B 83 -8.47 -24.58 -19.35
N VAL B 84 -7.43 -24.87 -20.11
CA VAL B 84 -7.25 -26.20 -20.67
C VAL B 84 -6.23 -27.02 -19.92
N VAL B 85 -6.65 -28.16 -19.39
CA VAL B 85 -5.74 -28.94 -18.56
C VAL B 85 -4.74 -29.74 -19.40
N ASP B 86 -3.50 -29.79 -18.93
CA ASP B 86 -2.46 -30.54 -19.61
C ASP B 86 -2.39 -31.96 -19.05
N PRO B 87 -2.74 -32.94 -19.88
CA PRO B 87 -2.76 -34.31 -19.38
C PRO B 87 -1.37 -34.73 -18.95
N ILE B 88 -0.34 -34.35 -19.70
CA ILE B 88 1.00 -34.80 -19.33
C ILE B 88 1.24 -34.54 -17.84
N PHE B 89 0.62 -33.47 -17.33
CA PHE B 89 0.83 -33.08 -15.94
C PHE B 89 -0.26 -33.57 -14.99
N GLN B 90 -1.51 -33.44 -15.41
CA GLN B 90 -2.64 -33.83 -14.56
C GLN B 90 -3.29 -35.14 -14.99
N GLY B 91 -2.99 -35.59 -16.21
CA GLY B 91 -3.60 -36.78 -16.77
C GLY B 91 -5.02 -36.47 -17.15
N TYR B 92 -5.66 -37.33 -17.94
CA TYR B 92 -7.03 -37.08 -18.29
C TYR B 92 -7.88 -37.41 -17.08
N GLY B 93 -9.18 -37.45 -17.26
CA GLY B 93 -10.05 -37.86 -16.16
C GLY B 93 -10.39 -36.71 -15.24
N VAL B 94 -9.39 -35.93 -14.90
CA VAL B 94 -9.68 -34.65 -14.29
C VAL B 94 -10.30 -33.79 -15.38
N ILE B 95 -9.82 -33.98 -16.61
CA ILE B 95 -10.45 -33.39 -17.78
C ILE B 95 -11.92 -33.77 -17.80
N PHE B 96 -12.17 -35.08 -17.76
CA PHE B 96 -13.53 -35.65 -17.81
C PHE B 96 -14.38 -35.30 -16.59
N ALA B 97 -13.77 -35.37 -15.41
CA ALA B 97 -14.47 -35.06 -14.18
C ALA B 97 -15.06 -33.68 -14.25
N ASN B 98 -14.20 -32.71 -14.57
CA ASN B 98 -14.64 -31.36 -14.89
C ASN B 98 -15.80 -31.38 -15.86
N GLY B 99 -15.61 -32.07 -16.98
CA GLY B 99 -16.70 -32.27 -17.93
C GLY B 99 -18.02 -32.60 -17.26
N GLU B 100 -18.06 -33.68 -16.47
CA GLU B 100 -19.33 -34.11 -15.87
C GLU B 100 -19.84 -33.08 -14.88
N ARG B 101 -18.93 -32.56 -14.08
CA ARG B 101 -19.27 -31.46 -13.18
C ARG B 101 -20.03 -30.32 -13.93
N TRP B 102 -19.42 -29.77 -14.98
CA TRP B 102 -20.09 -28.75 -15.82
C TRP B 102 -21.52 -29.14 -16.15
N ARG B 103 -21.68 -30.30 -16.78
CA ARG B 103 -23.02 -30.74 -17.18
C ARG B 103 -23.93 -30.68 -15.97
N ALA B 104 -23.42 -31.15 -14.84
CA ALA B 104 -24.18 -31.11 -13.58
C ALA B 104 -24.67 -29.69 -13.23
N LEU B 105 -23.75 -28.75 -13.20
CA LEU B 105 -24.10 -27.38 -12.85
C LEU B 105 -25.10 -26.89 -13.88
N ARG B 106 -24.81 -27.18 -15.14
CA ARG B 106 -25.66 -26.79 -16.24
C ARG B 106 -27.07 -27.35 -16.04
N ARG B 107 -27.15 -28.57 -15.55
CA ARG B 107 -28.43 -29.20 -15.28
C ARG B 107 -29.16 -28.57 -14.10
N PHE B 108 -28.43 -28.34 -13.00
CA PHE B 108 -29.02 -27.72 -11.81
C PHE B 108 -29.63 -26.35 -12.10
N SER B 109 -29.07 -25.62 -13.05
CA SER B 109 -29.52 -24.25 -13.29
C SER B 109 -30.85 -24.24 -14.05
N LEU B 110 -31.10 -25.30 -14.80
CA LEU B 110 -32.40 -25.43 -15.47
C LEU B 110 -33.45 -25.83 -14.45
N ALA B 111 -33.06 -26.67 -13.51
CA ALA B 111 -33.91 -27.05 -12.39
C ALA B 111 -34.35 -25.84 -11.57
N THR B 112 -33.39 -24.98 -11.23
CA THR B 112 -33.69 -23.76 -10.51
C THR B 112 -34.91 -23.09 -11.15
N MET B 113 -34.92 -23.02 -12.47
CA MET B 113 -36.03 -22.39 -13.18
C MET B 113 -37.32 -23.24 -13.12
N ARG B 114 -37.25 -24.50 -13.57
CA ARG B 114 -38.41 -25.41 -13.65
C ARG B 114 -39.73 -24.87 -13.09
N ARG B 121 -39.87 -20.28 -2.33
CA ARG B 121 -39.40 -21.64 -2.53
C ARG B 121 -38.73 -21.76 -3.86
N SER B 122 -39.36 -21.20 -4.88
CA SER B 122 -38.83 -21.23 -6.22
C SER B 122 -38.05 -19.99 -6.43
N VAL B 123 -37.42 -19.85 -7.59
CA VAL B 123 -36.63 -18.67 -7.92
C VAL B 123 -37.41 -17.39 -8.04
N GLU B 124 -38.58 -17.43 -8.64
CA GLU B 124 -39.36 -16.22 -8.81
C GLU B 124 -39.70 -15.61 -7.51
N GLU B 125 -40.13 -16.41 -6.56
CA GLU B 125 -40.52 -15.93 -5.24
C GLU B 125 -39.34 -15.37 -4.51
N ARG B 126 -38.21 -15.99 -4.66
CA ARG B 126 -37.09 -15.46 -3.97
C ARG B 126 -36.80 -14.05 -4.42
N ILE B 127 -36.95 -13.75 -5.71
CA ILE B 127 -36.68 -12.44 -6.28
C ILE B 127 -37.69 -11.40 -5.84
N GLN B 128 -38.93 -11.85 -5.69
CA GLN B 128 -40.07 -11.08 -5.20
C GLN B 128 -39.93 -10.69 -3.72
N GLU B 129 -39.51 -11.64 -2.90
CA GLU B 129 -39.30 -11.30 -1.52
C GLU B 129 -38.16 -10.27 -1.40
N GLU B 130 -37.08 -10.46 -2.14
CA GLU B 130 -36.02 -9.48 -2.11
C GLU B 130 -36.55 -8.15 -2.61
N ALA B 131 -37.36 -8.19 -3.66
CA ALA B 131 -37.95 -6.99 -4.22
C ALA B 131 -38.67 -6.22 -3.13
N ARG B 132 -39.48 -6.92 -2.36
CA ARG B 132 -40.09 -6.31 -1.17
C ARG B 132 -39.02 -5.62 -0.28
N CYS B 133 -38.04 -6.38 0.22
CA CYS B 133 -37.05 -5.81 1.11
C CYS B 133 -36.47 -4.54 0.52
N LEU B 134 -36.26 -4.55 -0.79
CA LEU B 134 -35.72 -3.38 -1.45
C LEU B 134 -36.63 -2.18 -1.24
N VAL B 135 -37.91 -2.40 -1.44
CA VAL B 135 -38.88 -1.32 -1.28
C VAL B 135 -38.85 -0.72 0.12
N GLU B 136 -38.88 -1.58 1.14
CA GLU B 136 -38.81 -1.12 2.53
C GLU B 136 -37.53 -0.30 2.82
N GLU B 137 -36.39 -0.70 2.23
CA GLU B 137 -35.15 0.07 2.39
C GLU B 137 -35.29 1.41 1.69
N LEU B 138 -35.87 1.41 0.50
CA LEU B 138 -36.09 2.63 -0.26
C LEU B 138 -37.06 3.59 0.44
N ARG B 139 -38.02 3.03 1.17
CA ARG B 139 -38.91 3.85 1.99
C ARG B 139 -38.11 4.49 3.14
N LYS B 140 -37.26 3.69 3.77
CA LYS B 140 -36.45 4.21 4.84
C LYS B 140 -35.41 5.24 4.37
N SER B 141 -35.20 5.34 3.05
CA SER B 141 -34.31 6.36 2.52
C SER B 141 -34.97 7.73 2.69
N LYS B 142 -36.28 7.72 2.86
CA LYS B 142 -37.03 8.96 2.96
C LYS B 142 -36.63 9.87 1.81
N GLY B 143 -36.51 9.28 0.63
CA GLY B 143 -36.22 10.00 -0.59
C GLY B 143 -34.88 10.72 -0.62
N ALA B 144 -33.86 10.12 -0.04
CA ALA B 144 -32.56 10.77 0.02
C ALA B 144 -31.76 10.50 -1.23
N LEU B 145 -30.99 11.50 -1.64
CA LEU B 145 -30.06 11.34 -2.75
C LEU B 145 -29.01 10.31 -2.34
N LEU B 146 -28.81 9.28 -3.17
CA LEU B 146 -27.78 8.26 -2.87
C LEU B 146 -27.16 7.64 -4.13
N ASP B 147 -26.19 6.76 -3.90
CA ASP B 147 -25.52 6.03 -4.98
C ASP B 147 -25.91 4.56 -4.91
N ASN B 148 -26.80 4.17 -5.82
CA ASN B 148 -27.45 2.88 -5.79
C ASN B 148 -26.51 1.70 -5.97
N THR B 149 -25.24 1.98 -6.24
CA THR B 149 -24.27 0.90 -6.48
C THR B 149 -24.33 -0.19 -5.42
N LEU B 150 -24.11 0.18 -4.17
CA LEU B 150 -24.19 -0.82 -3.10
C LEU B 150 -25.57 -1.47 -2.97
N LEU B 151 -26.62 -0.68 -3.12
CA LEU B 151 -27.97 -1.24 -3.01
C LEU B 151 -28.22 -2.34 -4.01
N PHE B 152 -27.86 -2.11 -5.27
CA PHE B 152 -28.07 -3.09 -6.34
C PHE B 152 -27.17 -4.32 -6.25
N HIS B 153 -25.91 -4.13 -5.89
CA HIS B 153 -25.03 -5.28 -5.62
C HIS B 153 -25.63 -6.16 -4.54
N SER B 154 -26.15 -5.54 -3.49
CA SER B 154 -26.76 -6.28 -2.39
C SER B 154 -27.96 -7.13 -2.83
N ILE B 155 -28.90 -6.52 -3.55
CA ILE B 155 -30.14 -7.21 -3.87
C ILE B 155 -29.92 -8.38 -4.85
N THR B 156 -29.12 -8.14 -5.87
CA THR B 156 -28.84 -9.19 -6.84
C THR B 156 -28.05 -10.33 -6.19
N SER B 157 -27.08 -9.96 -5.35
CA SER B 157 -26.31 -10.92 -4.58
C SER B 157 -27.19 -11.81 -3.71
N ASN B 158 -28.06 -11.21 -2.90
CA ASN B 158 -28.89 -12.01 -2.01
C ASN B 158 -29.53 -13.16 -2.75
N ILE B 159 -30.03 -12.89 -3.95
CA ILE B 159 -30.64 -13.93 -4.76
C ILE B 159 -29.72 -15.13 -4.78
N ILE B 160 -28.50 -14.92 -5.25
CA ILE B 160 -27.48 -15.97 -5.28
C ILE B 160 -27.33 -16.67 -3.92
N CYS B 161 -27.45 -15.91 -2.84
CA CYS B 161 -27.29 -16.46 -1.50
C CYS B 161 -28.46 -17.32 -1.11
N SER B 162 -29.65 -16.88 -1.48
CA SER B 162 -30.85 -17.64 -1.21
C SER B 162 -30.78 -18.94 -2.00
N ILE B 163 -30.30 -18.85 -3.24
CA ILE B 163 -30.19 -20.00 -4.11
C ILE B 163 -29.10 -20.98 -3.65
N VAL B 164 -28.03 -20.46 -3.04
CA VAL B 164 -26.92 -21.33 -2.65
C VAL B 164 -26.99 -21.80 -1.20
N PHE B 165 -27.11 -20.86 -0.28
CA PHE B 165 -27.18 -21.18 1.15
C PHE B 165 -28.58 -21.35 1.72
N GLY B 166 -29.59 -20.94 0.94
CA GLY B 166 -30.97 -21.24 1.26
C GLY B 166 -31.82 -20.12 1.85
N LYS B 167 -31.19 -19.03 2.26
CA LYS B 167 -31.94 -17.92 2.85
C LYS B 167 -31.21 -16.59 2.71
N ARG B 168 -31.94 -15.55 2.29
CA ARG B 168 -31.37 -14.21 2.11
C ARG B 168 -30.63 -13.72 3.36
N PHE B 169 -29.61 -12.89 3.15
CA PHE B 169 -28.94 -12.24 4.27
C PHE B 169 -29.70 -10.97 4.55
N ASP B 170 -29.55 -10.40 5.75
CA ASP B 170 -30.06 -9.06 5.95
C ASP B 170 -29.05 -8.04 5.46
N TYR B 171 -29.53 -6.95 4.88
CA TYR B 171 -28.64 -6.03 4.18
C TYR B 171 -27.41 -5.60 4.97
N LYS B 172 -27.54 -5.54 6.30
CA LYS B 172 -26.40 -5.15 7.11
C LYS B 172 -25.74 -6.29 7.89
N ASP B 173 -26.10 -7.53 7.59
CA ASP B 173 -25.44 -8.67 8.22
C ASP B 173 -23.94 -8.71 7.88
N PRO B 174 -23.10 -8.69 8.93
CA PRO B 174 -21.64 -8.81 8.82
C PRO B 174 -21.20 -9.79 7.73
N VAL B 175 -21.53 -11.07 7.85
CA VAL B 175 -21.11 -12.05 6.88
C VAL B 175 -21.40 -11.59 5.44
N PHE B 176 -22.61 -11.06 5.24
CA PHE B 176 -23.01 -10.58 3.92
C PHE B 176 -21.99 -9.57 3.42
N LEU B 177 -21.96 -8.42 4.07
CA LEU B 177 -20.94 -7.40 3.79
C LEU B 177 -19.55 -7.98 3.52
N ARG B 178 -19.08 -8.87 4.41
CA ARG B 178 -17.74 -9.43 4.25
C ARG B 178 -17.59 -10.10 2.90
N LEU B 179 -18.67 -10.72 2.42
CA LEU B 179 -18.53 -11.40 1.15
C LEU B 179 -18.92 -10.51 -0.01
N LEU B 180 -19.78 -9.54 0.25
CA LEU B 180 -20.06 -8.53 -0.75
C LEU B 180 -18.73 -7.84 -1.00
N ASP B 181 -17.91 -7.81 0.04
CA ASP B 181 -16.61 -7.18 -0.04
C ASP B 181 -15.64 -8.05 -0.84
N LEU B 182 -15.51 -9.31 -0.45
CA LEU B 182 -14.60 -10.20 -1.13
C LEU B 182 -14.87 -10.18 -2.65
N PHE B 183 -16.12 -10.41 -3.01
CA PHE B 183 -16.45 -10.71 -4.40
C PHE B 183 -16.47 -9.51 -5.34
N PHE B 184 -16.66 -8.31 -4.80
CA PHE B 184 -16.69 -7.12 -5.64
C PHE B 184 -15.55 -6.17 -5.31
N GLN B 185 -14.70 -6.57 -4.37
CA GLN B 185 -13.56 -5.73 -4.02
C GLN B 185 -12.81 -5.40 -5.29
N SER B 186 -12.77 -4.12 -5.63
CA SER B 186 -11.96 -3.70 -6.74
C SER B 186 -10.53 -3.68 -6.29
N PHE B 187 -9.64 -3.72 -7.26
CA PHE B 187 -8.22 -3.49 -7.03
C PHE B 187 -7.60 -3.49 -8.40
N SER B 188 -6.62 -2.61 -8.60
CA SER B 188 -6.09 -2.41 -9.93
C SER B 188 -4.61 -2.68 -9.97
N LEU B 189 -4.15 -3.12 -11.15
CA LEU B 189 -2.74 -3.30 -11.41
C LEU B 189 -2.28 -2.26 -12.42
N ILE B 190 -1.01 -1.86 -12.34
CA ILE B 190 -0.55 -0.71 -13.10
C ILE B 190 0.52 -1.06 -14.10
N SER B 191 0.46 -0.41 -15.27
CA SER B 191 1.37 -0.73 -16.35
C SER B 191 1.78 0.50 -17.16
N SER B 192 3.04 0.53 -17.60
CA SER B 192 3.54 1.57 -18.48
C SER B 192 3.45 1.05 -19.89
N PHE B 193 3.40 1.95 -20.86
CA PHE B 193 3.41 1.53 -22.25
C PHE B 193 4.62 0.64 -22.56
N SER B 194 5.76 0.97 -21.96
CA SER B 194 6.99 0.23 -22.19
C SER B 194 6.90 -1.19 -21.60
N SER B 195 6.57 -1.24 -20.31
CA SER B 195 6.29 -2.50 -19.62
C SER B 195 5.41 -3.42 -20.48
N GLN B 196 4.46 -2.85 -21.20
CA GLN B 196 3.59 -3.67 -21.99
C GLN B 196 4.27 -4.16 -23.27
N VAL B 197 4.89 -3.25 -24.01
CA VAL B 197 5.58 -3.69 -25.22
C VAL B 197 6.51 -4.80 -24.85
N PHE B 198 7.18 -4.66 -23.71
CA PHE B 198 8.10 -5.69 -23.28
C PHE B 198 7.39 -7.02 -23.07
N GLU B 199 6.29 -7.04 -22.31
CA GLU B 199 5.47 -8.26 -22.13
C GLU B 199 5.21 -8.98 -23.48
N LEU B 200 4.75 -8.21 -24.46
CA LEU B 200 4.50 -8.72 -25.80
C LEU B 200 5.73 -9.42 -26.37
N PHE B 201 6.90 -8.95 -25.97
CA PHE B 201 8.15 -9.45 -26.48
C PHE B 201 8.64 -10.65 -25.65
N SER B 202 8.11 -10.79 -24.45
CA SER B 202 8.47 -11.89 -23.57
C SER B 202 7.64 -13.10 -23.89
N GLY B 203 6.40 -12.81 -24.26
CA GLY B 203 5.39 -13.82 -24.51
C GLY B 203 4.62 -14.06 -23.23
N PHE B 204 4.94 -13.28 -22.21
CA PHE B 204 4.31 -13.44 -20.91
C PHE B 204 3.77 -12.12 -20.40
N LEU B 205 2.55 -12.12 -19.83
CA LEU B 205 1.99 -10.92 -19.22
C LEU B 205 2.56 -10.71 -17.83
N LYS B 206 2.56 -9.46 -17.37
CA LYS B 206 3.02 -9.13 -16.03
C LYS B 206 2.14 -9.75 -14.95
N TYR B 207 0.84 -9.50 -15.02
CA TYR B 207 -0.15 -9.99 -14.04
C TYR B 207 -1.01 -11.14 -14.38
N PHE B 208 -1.24 -12.02 -13.42
CA PHE B 208 -2.10 -13.16 -13.67
C PHE B 208 -3.32 -13.18 -12.75
N PRO B 209 -4.47 -13.48 -13.27
CA PRO B 209 -5.65 -13.48 -12.45
C PRO B 209 -5.34 -14.35 -11.29
N GLY B 210 -5.72 -13.95 -10.11
CA GLY B 210 -5.48 -14.70 -8.91
C GLY B 210 -4.09 -14.47 -8.43
N THR B 211 -3.34 -13.67 -9.14
CA THR B 211 -1.98 -13.42 -8.73
C THR B 211 -1.87 -12.68 -7.44
N HIS B 212 -2.74 -11.71 -7.24
CA HIS B 212 -2.67 -10.85 -6.07
C HIS B 212 -2.80 -11.48 -4.72
N ARG B 213 -2.09 -10.88 -3.78
CA ARG B 213 -2.04 -11.31 -2.41
C ARG B 213 -3.42 -11.27 -1.83
N GLN B 214 -4.16 -10.21 -2.12
CA GLN B 214 -5.52 -10.04 -1.62
C GLN B 214 -6.49 -11.03 -2.24
N ILE B 215 -6.15 -11.56 -3.41
CA ILE B 215 -7.04 -12.51 -4.00
C ILE B 215 -7.13 -13.66 -3.03
N TYR B 216 -6.00 -14.05 -2.48
CA TYR B 216 -5.95 -15.12 -1.49
C TYR B 216 -6.60 -14.83 -0.16
N ARG B 217 -6.30 -13.65 0.38
CA ARG B 217 -6.82 -13.32 1.69
C ARG B 217 -8.31 -13.24 1.79
N ASN B 218 -8.93 -12.64 0.82
CA ASN B 218 -10.37 -12.51 0.90
C ASN B 218 -10.97 -13.88 0.96
N LEU B 219 -10.46 -14.74 0.10
CA LEU B 219 -10.93 -16.07 -0.05
C LEU B 219 -10.82 -17.02 1.14
N GLN B 220 -9.72 -17.03 1.86
CA GLN B 220 -9.67 -17.96 2.95
C GLN B 220 -10.78 -17.66 3.92
N GLU B 221 -11.02 -16.41 4.17
CA GLU B 221 -12.09 -16.12 5.10
C GLU B 221 -13.40 -16.56 4.52
N ILE B 222 -13.54 -16.42 3.21
CA ILE B 222 -14.79 -16.82 2.59
C ILE B 222 -15.07 -18.29 2.74
N ASN B 223 -14.06 -19.08 2.52
CA ASN B 223 -14.23 -20.50 2.59
C ASN B 223 -14.74 -20.97 3.93
N THR B 224 -14.25 -20.43 5.03
CA THR B 224 -14.67 -20.85 6.36
C THR B 224 -16.19 -20.80 6.58
N PHE B 225 -16.82 -19.69 6.18
CA PHE B 225 -18.25 -19.60 6.33
C PHE B 225 -18.90 -20.79 5.61
N ILE B 226 -18.41 -21.07 4.42
CA ILE B 226 -18.97 -22.15 3.63
C ILE B 226 -18.96 -23.43 4.43
N GLY B 227 -17.77 -23.80 4.91
CA GLY B 227 -17.62 -24.97 5.75
C GLY B 227 -18.76 -25.08 6.74
N GLN B 228 -18.96 -24.02 7.51
CA GLN B 228 -20.01 -23.96 8.53
C GLN B 228 -21.40 -24.28 7.95
N SER B 229 -21.75 -23.60 6.86
CA SER B 229 -23.06 -23.75 6.25
C SER B 229 -23.23 -25.18 5.75
N VAL B 230 -22.15 -25.73 5.21
CA VAL B 230 -22.18 -27.12 4.79
C VAL B 230 -22.43 -28.03 5.98
N GLU B 231 -21.69 -27.79 7.06
CA GLU B 231 -21.88 -28.52 8.31
C GLU B 231 -23.34 -28.49 8.74
N LYS B 232 -23.84 -27.28 9.01
CA LYS B 232 -25.23 -27.11 9.38
C LYS B 232 -26.17 -27.83 8.39
N HIS B 233 -25.98 -27.50 7.13
CA HIS B 233 -26.75 -28.07 6.09
C HIS B 233 -26.51 -29.52 6.17
N ARG B 234 -25.27 -29.93 6.34
CA ARG B 234 -25.00 -31.35 6.40
C ARG B 234 -25.69 -31.95 7.58
N ALA B 235 -25.60 -31.24 8.67
CA ALA B 235 -26.18 -31.68 9.93
C ALA B 235 -27.68 -31.76 9.97
N THR B 236 -28.39 -31.16 9.04
CA THR B 236 -29.83 -31.21 9.12
C THR B 236 -30.67 -31.65 7.95
N LEU B 237 -30.11 -31.93 6.80
CA LEU B 237 -30.95 -32.28 5.66
C LEU B 237 -31.65 -33.61 5.54
N ASP B 238 -32.71 -33.61 4.72
CA ASP B 238 -33.50 -34.79 4.40
C ASP B 238 -33.73 -34.71 2.92
N PRO B 239 -33.87 -35.85 2.27
CA PRO B 239 -34.07 -35.85 0.81
C PRO B 239 -35.34 -36.53 0.29
N SER B 240 -35.88 -36.04 -0.84
CA SER B 240 -35.33 -34.90 -1.54
C SER B 240 -35.92 -33.71 -0.86
N ASN B 241 -35.44 -33.47 0.36
CA ASN B 241 -35.88 -32.36 1.20
C ASN B 241 -34.86 -31.26 1.05
N PRO B 242 -34.00 -31.42 0.07
CA PRO B 242 -32.93 -30.50 -0.17
C PRO B 242 -33.54 -29.15 -0.28
N ARG B 243 -32.95 -28.15 0.37
CA ARG B 243 -33.47 -26.80 0.35
C ARG B 243 -32.71 -25.80 -0.52
N ASP B 244 -31.56 -26.19 -1.07
CA ASP B 244 -30.76 -25.29 -1.88
C ASP B 244 -29.54 -25.98 -2.46
N PHE B 245 -28.67 -25.18 -3.06
CA PHE B 245 -27.54 -25.75 -3.79
C PHE B 245 -26.58 -26.53 -2.91
N ILE B 246 -26.47 -26.14 -1.64
CA ILE B 246 -25.54 -26.81 -0.75
C ILE B 246 -25.83 -28.30 -0.67
N ASP B 247 -27.03 -28.66 -0.22
CA ASP B 247 -27.30 -30.08 -0.07
C ASP B 247 -27.41 -30.83 -1.41
N VAL B 248 -27.75 -30.12 -2.48
CA VAL B 248 -27.62 -30.69 -3.81
C VAL B 248 -26.18 -31.18 -3.95
N TYR B 249 -25.25 -30.31 -3.57
CA TYR B 249 -23.84 -30.69 -3.54
C TYR B 249 -23.70 -31.92 -2.67
N LEU B 250 -24.21 -31.82 -1.44
CA LEU B 250 -24.11 -32.91 -0.48
C LEU B 250 -24.62 -34.22 -1.05
N LEU B 251 -25.66 -34.15 -1.86
CA LEU B 251 -26.22 -35.35 -2.49
C LEU B 251 -25.32 -35.95 -3.57
N ARG B 252 -24.83 -35.12 -4.50
CA ARG B 252 -23.87 -35.60 -5.49
C ARG B 252 -22.63 -36.13 -4.79
N MET B 253 -22.27 -35.53 -3.65
CA MET B 253 -21.16 -36.03 -2.85
C MET B 253 -21.50 -37.40 -2.26
N GLU B 254 -22.60 -37.47 -1.50
CA GLU B 254 -23.01 -38.72 -0.86
C GLU B 254 -23.23 -39.84 -1.87
N LYS B 255 -23.60 -39.49 -3.10
CA LYS B 255 -23.76 -40.47 -4.18
C LYS B 255 -22.41 -40.87 -4.78
N HIS B 266 -15.10 -30.13 -2.74
CA HIS B 266 -15.91 -29.80 -1.58
C HIS B 266 -16.11 -28.31 -1.44
N GLN B 267 -15.71 -27.76 -0.31
CA GLN B 267 -15.89 -26.36 -0.09
C GLN B 267 -15.23 -25.70 -1.27
N ASN B 268 -14.17 -26.31 -1.75
CA ASN B 268 -13.47 -25.74 -2.86
C ASN B 268 -14.36 -25.60 -4.10
N LEU B 269 -15.10 -26.65 -4.41
CA LEU B 269 -15.99 -26.57 -5.57
C LEU B 269 -17.07 -25.54 -5.36
N ILE B 270 -17.60 -25.51 -4.17
CA ILE B 270 -18.66 -24.57 -3.93
C ILE B 270 -18.18 -23.19 -4.14
N LEU B 271 -17.01 -22.91 -3.64
CA LEU B 271 -16.49 -21.59 -3.74
C LEU B 271 -16.29 -21.20 -5.15
N THR B 272 -15.76 -22.09 -5.96
CA THR B 272 -15.56 -21.72 -7.35
C THR B 272 -16.86 -21.40 -8.02
N VAL B 273 -17.83 -22.25 -7.77
CA VAL B 273 -19.10 -22.06 -8.37
C VAL B 273 -19.70 -20.76 -7.97
N LEU B 274 -19.61 -20.44 -6.70
CA LEU B 274 -20.14 -19.21 -6.17
C LEU B 274 -19.50 -18.00 -6.79
N SER B 275 -18.19 -18.06 -6.98
CA SER B 275 -17.49 -16.96 -7.57
C SER B 275 -17.97 -16.75 -8.96
N LEU B 276 -18.23 -17.81 -9.70
CA LEU B 276 -18.72 -17.57 -11.04
C LEU B 276 -20.10 -16.97 -10.95
N PHE B 277 -20.92 -17.42 -10.04
CA PHE B 277 -22.24 -16.82 -9.88
C PHE B 277 -22.17 -15.32 -9.60
N PHE B 278 -21.22 -14.91 -8.78
CA PHE B 278 -21.10 -13.50 -8.43
C PHE B 278 -20.56 -12.69 -9.59
N ALA B 279 -19.66 -13.28 -10.34
CA ALA B 279 -19.12 -12.64 -11.53
C ALA B 279 -20.29 -12.19 -12.39
N GLY B 280 -21.30 -13.05 -12.44
CA GLY B 280 -22.51 -12.77 -13.18
C GLY B 280 -23.40 -11.73 -12.53
N THR B 281 -23.68 -11.92 -11.24
CA THR B 281 -24.58 -11.04 -10.52
C THR B 281 -24.11 -9.62 -10.70
N GLU B 282 -22.79 -9.45 -10.68
CA GLU B 282 -22.17 -8.14 -10.81
C GLU B 282 -22.63 -7.44 -12.10
N THR B 283 -22.77 -8.22 -13.17
CA THR B 283 -23.27 -7.70 -14.44
C THR B 283 -24.74 -7.31 -14.33
N THR B 284 -25.50 -8.13 -13.64
CA THR B 284 -26.90 -7.90 -13.41
C THR B 284 -27.06 -6.58 -12.69
N SER B 285 -26.26 -6.40 -11.66
CA SER B 285 -26.34 -5.19 -10.85
C SER B 285 -26.06 -4.00 -11.74
N THR B 286 -25.02 -4.08 -12.54
CA THR B 286 -24.66 -2.96 -13.39
C THR B 286 -25.75 -2.70 -14.41
N THR B 287 -26.33 -3.77 -14.96
CA THR B 287 -27.44 -3.62 -15.89
C THR B 287 -28.56 -2.76 -15.28
N LEU B 288 -28.88 -2.99 -14.00
CA LEU B 288 -29.81 -2.13 -13.27
C LEU B 288 -29.31 -0.69 -13.15
N ARG B 289 -28.10 -0.52 -12.61
CA ARG B 289 -27.54 0.80 -12.42
C ARG B 289 -27.68 1.60 -13.70
N TYR B 290 -27.29 0.97 -14.81
CA TYR B 290 -27.32 1.64 -16.11
C TYR B 290 -28.76 1.94 -16.46
N GLY B 291 -29.62 0.95 -16.29
CA GLY B 291 -31.02 1.10 -16.63
C GLY B 291 -31.62 2.31 -15.93
N PHE B 292 -31.32 2.47 -14.66
CA PHE B 292 -31.96 3.54 -13.91
C PHE B 292 -31.49 4.93 -14.33
N LEU B 293 -30.18 5.08 -14.50
CA LEU B 293 -29.63 6.31 -15.04
C LEU B 293 -30.32 6.66 -16.36
N LEU B 294 -30.42 5.67 -17.23
CA LEU B 294 -31.02 5.85 -18.54
C LEU B 294 -32.41 6.43 -18.34
N MET B 295 -33.18 5.83 -17.44
CA MET B 295 -34.51 6.30 -17.19
C MET B 295 -34.56 7.71 -16.62
N LEU B 296 -33.51 8.11 -15.93
CA LEU B 296 -33.41 9.49 -15.45
C LEU B 296 -33.32 10.47 -16.61
N LYS B 297 -32.59 10.06 -17.65
CA LYS B 297 -32.49 10.90 -18.84
C LYS B 297 -33.80 10.95 -19.65
N TYR B 298 -34.66 9.95 -19.50
CA TYR B 298 -35.83 9.83 -20.36
C TYR B 298 -37.14 9.58 -19.58
N PRO B 299 -37.57 10.54 -18.77
CA PRO B 299 -38.65 10.35 -17.80
C PRO B 299 -39.99 9.99 -18.46
N HIS B 300 -40.17 10.43 -19.69
CA HIS B 300 -41.41 10.13 -20.40
C HIS B 300 -41.54 8.62 -20.67
N VAL B 301 -40.40 7.94 -20.72
CA VAL B 301 -40.40 6.48 -20.85
C VAL B 301 -40.78 5.86 -19.51
N THR B 302 -40.11 6.31 -18.46
CA THR B 302 -40.42 5.88 -17.10
C THR B 302 -41.91 6.04 -16.81
N GLU B 303 -42.46 7.18 -17.24
CA GLU B 303 -43.89 7.42 -17.10
C GLU B 303 -44.68 6.29 -17.77
N ARG B 304 -44.42 6.05 -19.06
CA ARG B 304 -45.12 4.97 -19.77
C ARG B 304 -45.07 3.69 -18.97
N VAL B 305 -43.86 3.31 -18.56
CA VAL B 305 -43.68 2.09 -17.82
C VAL B 305 -44.53 2.07 -16.55
N GLN B 306 -44.53 3.18 -15.82
CA GLN B 306 -45.33 3.28 -14.61
C GLN B 306 -46.81 3.11 -14.96
N LYS B 307 -47.17 3.56 -16.15
CA LYS B 307 -48.54 3.46 -16.64
C LYS B 307 -48.89 2.00 -16.90
N GLU B 308 -48.14 1.35 -17.79
CA GLU B 308 -48.35 -0.07 -18.08
C GLU B 308 -48.42 -0.87 -16.78
N ILE B 309 -47.58 -0.52 -15.82
CA ILE B 309 -47.61 -1.18 -14.52
C ILE B 309 -48.99 -1.05 -13.87
N GLU B 310 -49.50 0.17 -13.84
CA GLU B 310 -50.82 0.42 -13.26
C GLU B 310 -51.94 -0.23 -14.07
N GLN B 311 -51.77 -0.28 -15.38
CA GLN B 311 -52.79 -0.90 -16.25
C GLN B 311 -52.83 -2.43 -16.18
N VAL B 312 -51.80 -3.06 -15.65
CA VAL B 312 -51.76 -4.50 -15.73
C VAL B 312 -51.63 -5.12 -14.34
N ILE B 313 -50.76 -4.54 -13.53
CA ILE B 313 -50.51 -5.07 -12.19
C ILE B 313 -51.30 -4.27 -11.17
N GLY B 314 -51.72 -3.08 -11.57
CA GLY B 314 -52.43 -2.22 -10.65
C GLY B 314 -51.53 -1.72 -9.54
N SER B 315 -52.12 -1.43 -8.40
CA SER B 315 -51.38 -0.76 -7.38
C SER B 315 -51.40 -1.57 -6.11
N HIS B 316 -52.11 -2.70 -6.12
CA HIS B 316 -52.34 -3.39 -4.86
C HIS B 316 -51.69 -4.77 -4.72
N ARG B 317 -50.97 -5.22 -5.75
CA ARG B 317 -50.16 -6.43 -5.64
C ARG B 317 -48.76 -6.25 -6.24
N PRO B 318 -47.79 -7.04 -5.77
CA PRO B 318 -46.43 -6.98 -6.29
C PRO B 318 -46.40 -7.47 -7.72
N PRO B 319 -45.49 -6.95 -8.53
CA PRO B 319 -45.38 -7.48 -9.88
C PRO B 319 -44.93 -8.92 -9.81
N ALA B 320 -45.35 -9.72 -10.79
CA ALA B 320 -44.98 -11.13 -10.82
C ALA B 320 -44.56 -11.53 -12.22
N LEU B 321 -43.78 -12.60 -12.30
CA LEU B 321 -43.08 -12.92 -13.53
C LEU B 321 -44.07 -13.05 -14.67
N ASP B 322 -45.23 -13.60 -14.37
CA ASP B 322 -46.25 -13.80 -15.39
C ASP B 322 -46.71 -12.48 -16.00
N ASP B 323 -46.52 -11.38 -15.28
CA ASP B 323 -46.93 -10.08 -15.78
C ASP B 323 -46.15 -9.63 -17.01
N ARG B 324 -44.90 -10.00 -17.10
CA ARG B 324 -44.07 -9.54 -18.21
C ARG B 324 -44.75 -9.81 -19.55
N ALA B 325 -45.45 -10.92 -19.61
CA ALA B 325 -46.16 -11.32 -20.82
C ALA B 325 -47.14 -10.25 -21.26
N LYS B 326 -47.87 -9.70 -20.29
CA LYS B 326 -48.92 -8.74 -20.58
C LYS B 326 -48.42 -7.30 -20.54
N MET B 327 -47.10 -7.11 -20.62
CA MET B 327 -46.49 -5.77 -20.51
C MET B 327 -45.42 -5.50 -21.55
N PRO B 328 -45.80 -5.55 -22.83
CA PRO B 328 -44.83 -5.37 -23.90
C PRO B 328 -43.89 -4.19 -23.68
N TYR B 329 -44.43 -3.00 -23.45
CA TYR B 329 -43.58 -1.80 -23.43
C TYR B 329 -42.41 -1.99 -22.49
N THR B 330 -42.73 -2.28 -21.23
CA THR B 330 -41.73 -2.44 -20.20
C THR B 330 -40.66 -3.45 -20.58
N ASP B 331 -41.07 -4.58 -21.14
CA ASP B 331 -40.12 -5.62 -21.57
C ASP B 331 -39.25 -4.99 -22.62
N ALA B 332 -39.88 -4.48 -23.68
CA ALA B 332 -39.18 -3.79 -24.76
C ALA B 332 -38.16 -2.79 -24.22
N VAL B 333 -38.55 -2.06 -23.19
CA VAL B 333 -37.65 -1.09 -22.59
C VAL B 333 -36.45 -1.79 -21.93
N ILE B 334 -36.71 -2.84 -21.15
CA ILE B 334 -35.62 -3.57 -20.50
C ILE B 334 -34.69 -4.16 -21.56
N HIS B 335 -35.26 -4.77 -22.60
CA HIS B 335 -34.45 -5.24 -23.74
C HIS B 335 -33.54 -4.14 -24.26
N GLU B 336 -34.15 -3.00 -24.56
CA GLU B 336 -33.41 -1.83 -25.02
C GLU B 336 -32.29 -1.46 -24.05
N ILE B 337 -32.52 -1.63 -22.74
CA ILE B 337 -31.50 -1.29 -21.76
C ILE B 337 -30.31 -2.22 -21.88
N GLN B 338 -30.58 -3.51 -21.98
CA GLN B 338 -29.49 -4.46 -22.13
C GLN B 338 -28.76 -4.20 -23.41
N ARG B 339 -29.51 -3.88 -24.46
CA ARG B 339 -28.92 -3.62 -25.78
C ARG B 339 -27.94 -2.47 -25.71
N LEU B 340 -28.42 -1.28 -25.33
CA LEU B 340 -27.58 -0.08 -25.22
C LEU B 340 -26.44 -0.20 -24.22
N GLY B 341 -26.75 -0.75 -23.05
CA GLY B 341 -25.76 -1.01 -22.02
C GLY B 341 -24.52 -1.81 -22.47
N ASP B 342 -24.75 -2.93 -23.15
CA ASP B 342 -23.67 -3.59 -23.84
C ASP B 342 -22.51 -3.89 -22.91
N LEU B 343 -22.79 -4.53 -21.80
CA LEU B 343 -21.78 -4.68 -20.75
C LEU B 343 -20.62 -5.61 -21.13
N ILE B 344 -20.81 -6.43 -22.14
CA ILE B 344 -19.80 -7.41 -22.50
C ILE B 344 -19.61 -7.33 -24.00
N PRO B 345 -19.00 -6.24 -24.46
CA PRO B 345 -19.00 -5.80 -25.85
C PRO B 345 -18.28 -6.78 -26.71
N PHE B 346 -17.30 -7.48 -26.13
CA PHE B 346 -16.47 -8.35 -26.94
C PHE B 346 -16.93 -9.76 -26.85
N GLY B 347 -17.88 -10.00 -25.96
CA GLY B 347 -18.31 -11.36 -25.68
C GLY B 347 -17.19 -12.00 -24.92
N VAL B 348 -17.36 -13.27 -24.59
CA VAL B 348 -16.28 -14.03 -23.98
C VAL B 348 -15.66 -14.86 -25.07
N PRO B 349 -14.38 -14.58 -25.36
CA PRO B 349 -13.60 -15.24 -26.40
C PRO B 349 -13.72 -16.75 -26.28
N HIS B 350 -13.79 -17.39 -27.42
CA HIS B 350 -13.83 -18.84 -27.45
C HIS B 350 -12.67 -19.34 -28.31
N THR B 351 -12.64 -20.66 -28.47
CA THR B 351 -11.52 -21.37 -29.02
C THR B 351 -12.07 -22.46 -29.91
N VAL B 352 -11.78 -22.38 -31.21
CA VAL B 352 -12.31 -23.36 -32.15
C VAL B 352 -11.85 -24.76 -31.78
N THR B 353 -12.78 -25.72 -31.81
CA THR B 353 -12.47 -27.08 -31.37
C THR B 353 -11.96 -28.00 -32.49
N LYS B 354 -12.51 -27.83 -33.70
CA LYS B 354 -12.19 -28.69 -34.83
C LYS B 354 -11.80 -27.82 -35.99
N ASP B 355 -10.86 -28.25 -36.83
CA ASP B 355 -10.64 -27.53 -38.07
C ASP B 355 -12.05 -27.30 -38.68
N THR B 356 -12.33 -26.07 -39.13
CA THR B 356 -13.67 -25.72 -39.57
C THR B 356 -13.75 -24.84 -40.78
N GLN B 357 -14.82 -25.07 -41.53
CA GLN B 357 -15.16 -24.28 -42.69
C GLN B 357 -16.25 -23.26 -42.32
N PHE B 358 -15.92 -21.98 -42.31
CA PHE B 358 -16.86 -20.93 -41.88
C PHE B 358 -16.94 -19.80 -42.88
N ARG B 359 -18.16 -19.51 -43.31
CA ARG B 359 -18.42 -18.44 -44.27
C ARG B 359 -17.38 -18.43 -45.38
N GLY B 360 -17.12 -19.60 -45.94
CA GLY B 360 -16.25 -19.67 -47.08
C GLY B 360 -14.84 -19.28 -46.72
N TYR B 361 -14.50 -19.43 -45.45
CA TYR B 361 -13.09 -19.40 -45.03
C TYR B 361 -12.78 -20.68 -44.27
N VAL B 362 -11.53 -20.78 -43.84
CA VAL B 362 -11.12 -21.88 -43.01
C VAL B 362 -10.73 -21.37 -41.64
N ILE B 363 -11.12 -22.09 -40.60
CA ILE B 363 -10.58 -21.78 -39.30
C ILE B 363 -10.03 -23.02 -38.63
N PRO B 364 -8.72 -23.05 -38.41
CA PRO B 364 -7.96 -24.16 -37.83
C PRO B 364 -8.34 -24.41 -36.38
N LYS B 365 -8.37 -25.68 -35.97
CA LYS B 365 -8.58 -26.00 -34.54
C LYS B 365 -7.64 -25.19 -33.67
N ASN B 366 -8.20 -24.60 -32.62
CA ASN B 366 -7.44 -23.86 -31.61
C ASN B 366 -7.21 -22.39 -31.93
N THR B 367 -7.91 -21.88 -32.93
CA THR B 367 -7.88 -20.46 -33.21
C THR B 367 -8.73 -19.80 -32.15
N GLU B 368 -8.25 -18.65 -31.66
CA GLU B 368 -8.98 -17.88 -30.68
C GLU B 368 -9.96 -17.02 -31.44
N VAL B 369 -11.18 -16.90 -30.92
CA VAL B 369 -12.22 -16.18 -31.62
C VAL B 369 -13.05 -15.24 -30.76
N PHE B 370 -13.18 -13.98 -31.22
CA PHE B 370 -14.09 -12.99 -30.61
C PHE B 370 -15.46 -12.93 -31.31
N PRO B 371 -16.53 -13.32 -30.60
CA PRO B 371 -17.86 -12.98 -31.05
C PRO B 371 -18.22 -11.61 -30.47
N VAL B 372 -17.98 -10.56 -31.24
CA VAL B 372 -18.10 -9.22 -30.71
C VAL B 372 -19.54 -8.84 -30.45
N LEU B 373 -20.08 -9.31 -29.36
CA LEU B 373 -21.48 -9.12 -29.07
C LEU B 373 -21.97 -7.72 -29.41
N SER B 374 -21.14 -6.73 -29.19
CA SER B 374 -21.55 -5.36 -29.45
C SER B 374 -21.93 -5.14 -30.90
N SER B 375 -21.20 -5.80 -31.81
CA SER B 375 -21.41 -5.60 -33.23
C SER B 375 -22.78 -6.09 -33.68
N ALA B 376 -23.40 -6.95 -32.85
CA ALA B 376 -24.74 -7.45 -33.10
C ALA B 376 -25.76 -6.53 -32.43
N LEU B 377 -25.49 -6.16 -31.19
CA LEU B 377 -26.45 -5.39 -30.40
C LEU B 377 -26.66 -4.04 -31.04
N HIS B 378 -25.71 -3.66 -31.89
CA HIS B 378 -25.76 -2.38 -32.60
C HIS B 378 -25.81 -2.64 -34.11
N ASP B 379 -26.21 -3.84 -34.50
CA ASP B 379 -26.26 -4.18 -35.91
C ASP B 379 -27.43 -3.45 -36.57
N PRO B 380 -27.11 -2.58 -37.53
CA PRO B 380 -28.06 -1.80 -38.33
C PRO B 380 -29.09 -2.68 -39.00
N ARG B 381 -28.69 -3.84 -39.51
CA ARG B 381 -29.63 -4.73 -40.19
C ARG B 381 -30.75 -5.19 -39.24
N TYR B 382 -30.60 -4.89 -37.95
CA TYR B 382 -31.59 -5.31 -36.95
C TYR B 382 -32.10 -4.20 -36.03
N PHE B 383 -31.44 -3.04 -36.02
CA PHE B 383 -31.92 -1.99 -35.14
C PHE B 383 -32.03 -0.66 -35.84
N GLU B 384 -33.26 -0.22 -36.10
CA GLU B 384 -33.50 1.02 -36.80
C GLU B 384 -32.52 2.13 -36.36
N THR B 385 -32.28 2.26 -35.06
CA THR B 385 -31.39 3.32 -34.57
C THR B 385 -30.43 2.79 -33.53
N PRO B 386 -29.38 2.12 -33.97
CA PRO B 386 -28.50 1.28 -33.15
C PRO B 386 -27.95 2.02 -31.95
N ASN B 387 -27.90 3.33 -32.04
CA ASN B 387 -27.23 4.09 -31.02
C ASN B 387 -28.10 4.99 -30.17
N THR B 388 -29.38 5.01 -30.46
CA THR B 388 -30.29 5.76 -29.62
C THR B 388 -31.19 4.79 -28.86
N PHE B 389 -31.58 5.18 -27.65
CA PHE B 389 -32.53 4.39 -26.88
C PHE B 389 -33.88 4.29 -27.63
N ASN B 390 -34.32 3.08 -27.96
CA ASN B 390 -35.49 2.93 -28.83
C ASN B 390 -36.25 1.62 -28.65
N PRO B 391 -37.23 1.60 -27.73
CA PRO B 391 -38.03 0.39 -27.49
C PRO B 391 -38.74 -0.12 -28.76
N GLY B 392 -38.84 0.74 -29.76
CA GLY B 392 -39.47 0.36 -31.02
C GLY B 392 -38.76 -0.82 -31.62
N HIS B 393 -37.48 -0.94 -31.28
CA HIS B 393 -36.68 -2.05 -31.74
C HIS B 393 -37.37 -3.36 -31.43
N PHE B 394 -38.08 -3.40 -30.31
CA PHE B 394 -38.67 -4.66 -29.88
C PHE B 394 -40.19 -4.67 -29.92
N LEU B 395 -40.78 -3.83 -30.76
CA LEU B 395 -42.24 -3.80 -30.88
C LEU B 395 -42.72 -3.75 -32.34
N ASP B 396 -43.82 -4.44 -32.62
CA ASP B 396 -44.39 -4.39 -33.95
C ASP B 396 -45.36 -3.23 -34.07
N ALA B 397 -46.08 -3.18 -35.18
CA ALA B 397 -47.02 -2.10 -35.39
C ALA B 397 -48.09 -2.12 -34.29
N ASN B 398 -48.62 -3.29 -33.99
CA ASN B 398 -49.68 -3.40 -33.00
C ASN B 398 -49.17 -3.13 -31.61
N GLY B 399 -47.85 -3.11 -31.44
CA GLY B 399 -47.27 -2.77 -30.16
C GLY B 399 -47.01 -3.92 -29.23
N ALA B 400 -46.89 -5.14 -29.77
CA ALA B 400 -46.53 -6.29 -28.96
C ALA B 400 -45.05 -6.55 -29.10
N LEU B 401 -44.51 -7.35 -28.19
CA LEU B 401 -43.10 -7.71 -28.23
C LEU B 401 -42.79 -8.47 -29.52
N LYS B 402 -41.71 -8.10 -30.19
CA LYS B 402 -41.33 -8.77 -31.42
C LYS B 402 -39.92 -9.33 -31.28
N ARG B 403 -39.66 -10.53 -31.80
CA ARG B 403 -38.29 -11.06 -31.71
C ARG B 403 -37.36 -10.23 -32.56
N ASN B 404 -36.19 -9.93 -32.02
CA ASN B 404 -35.16 -9.28 -32.80
C ASN B 404 -33.89 -10.09 -32.71
N GLU B 405 -33.43 -10.61 -33.84
CA GLU B 405 -32.35 -11.59 -33.83
C GLU B 405 -31.03 -10.99 -33.31
N GLY B 406 -30.90 -9.68 -33.42
CA GLY B 406 -29.70 -8.99 -32.96
C GLY B 406 -29.52 -8.93 -31.45
N PHE B 407 -30.58 -9.21 -30.72
CA PHE B 407 -30.54 -9.13 -29.27
C PHE B 407 -29.94 -10.40 -28.66
N MET B 408 -28.64 -10.34 -28.34
CA MET B 408 -27.93 -11.51 -27.81
C MET B 408 -26.98 -11.18 -26.66
N PRO B 409 -27.40 -10.30 -25.74
CA PRO B 409 -26.54 -9.79 -24.67
C PRO B 409 -26.04 -10.90 -23.76
N PHE B 410 -26.60 -12.08 -23.94
CA PHE B 410 -26.24 -13.22 -23.12
C PHE B 410 -25.43 -14.21 -23.94
N SER B 411 -25.16 -13.86 -25.19
CA SER B 411 -24.45 -14.75 -26.09
C SER B 411 -25.43 -15.81 -26.56
N LEU B 412 -24.95 -16.79 -27.31
CA LEU B 412 -25.81 -17.88 -27.80
C LEU B 412 -24.99 -19.14 -27.88
N GLY B 413 -25.65 -20.27 -28.10
CA GLY B 413 -24.95 -21.52 -28.34
C GLY B 413 -24.59 -22.32 -27.09
N LYS B 414 -23.71 -23.30 -27.26
CA LYS B 414 -23.46 -24.28 -26.21
C LYS B 414 -23.12 -23.63 -24.88
N ARG B 415 -22.50 -22.46 -24.94
CA ARG B 415 -22.01 -21.80 -23.73
C ARG B 415 -22.76 -20.55 -23.32
N ILE B 416 -23.98 -20.38 -23.86
CA ILE B 416 -24.81 -19.23 -23.52
C ILE B 416 -24.98 -19.09 -21.98
N CYS B 417 -25.08 -17.85 -21.50
CA CYS B 417 -25.09 -17.60 -20.06
C CYS B 417 -25.90 -18.59 -19.25
N LEU B 418 -25.29 -19.15 -18.22
CA LEU B 418 -25.94 -20.11 -17.36
C LEU B 418 -26.93 -19.38 -16.51
N GLY B 419 -26.70 -18.09 -16.34
CA GLY B 419 -27.56 -17.29 -15.49
C GLY B 419 -28.68 -16.56 -16.21
N GLU B 420 -28.80 -16.75 -17.54
CA GLU B 420 -29.76 -15.96 -18.30
C GLU B 420 -31.10 -15.94 -17.59
N GLY B 421 -31.60 -17.11 -17.23
CA GLY B 421 -32.88 -17.20 -16.57
C GLY B 421 -32.98 -16.33 -15.34
N ILE B 422 -32.10 -16.57 -14.37
CA ILE B 422 -32.14 -15.86 -13.11
C ILE B 422 -32.01 -14.38 -13.39
N ALA B 423 -30.96 -14.01 -14.11
CA ALA B 423 -30.68 -12.60 -14.39
C ALA B 423 -31.89 -11.83 -14.94
N ARG B 424 -32.47 -12.34 -16.02
CA ARG B 424 -33.57 -11.67 -16.67
C ARG B 424 -34.78 -11.54 -15.73
N THR B 425 -34.98 -12.54 -14.89
CA THR B 425 -36.05 -12.49 -13.92
C THR B 425 -35.75 -11.44 -12.87
N GLU B 426 -34.48 -11.35 -12.46
CA GLU B 426 -34.04 -10.32 -11.54
C GLU B 426 -34.30 -8.93 -12.14
N LEU B 427 -34.10 -8.82 -13.45
CA LEU B 427 -34.21 -7.54 -14.12
C LEU B 427 -35.66 -7.06 -14.23
N PHE B 428 -36.57 -7.99 -14.49
CA PHE B 428 -37.95 -7.60 -14.73
C PHE B 428 -38.59 -7.20 -13.43
N LEU B 429 -38.43 -8.06 -12.43
CA LEU B 429 -39.04 -7.87 -11.13
C LEU B 429 -38.47 -6.69 -10.36
N PHE B 430 -37.16 -6.64 -10.24
CA PHE B 430 -36.50 -5.54 -9.56
C PHE B 430 -36.90 -4.22 -10.20
N PHE B 431 -36.85 -4.18 -11.52
CA PHE B 431 -37.22 -2.99 -12.25
C PHE B 431 -38.65 -2.52 -11.99
N THR B 432 -39.61 -3.38 -12.26
CA THR B 432 -41.00 -3.00 -12.14
C THR B 432 -41.39 -2.69 -10.71
N THR B 433 -41.06 -3.59 -9.77
CA THR B 433 -41.43 -3.36 -8.39
C THR B 433 -40.99 -1.97 -7.93
N ILE B 434 -39.76 -1.63 -8.27
CA ILE B 434 -39.25 -0.31 -7.94
C ILE B 434 -40.14 0.79 -8.53
N LEU B 435 -40.24 0.82 -9.86
CA LEU B 435 -41.03 1.86 -10.52
C LEU B 435 -42.50 1.84 -10.09
N GLN B 436 -42.94 0.76 -9.48
CA GLN B 436 -44.32 0.68 -9.04
C GLN B 436 -44.46 1.50 -7.78
N ASN B 437 -43.50 1.37 -6.87
CA ASN B 437 -43.64 2.01 -5.57
C ASN B 437 -42.96 3.37 -5.43
N PHE B 438 -42.06 3.68 -6.35
CA PHE B 438 -41.40 4.97 -6.34
C PHE B 438 -41.34 5.60 -7.72
N SER B 439 -41.06 6.90 -7.74
CA SER B 439 -40.65 7.58 -8.95
C SER B 439 -39.23 8.08 -8.65
N ILE B 440 -38.52 8.54 -9.67
CA ILE B 440 -37.12 8.87 -9.51
C ILE B 440 -36.76 10.25 -10.00
N ALA B 441 -35.79 10.86 -9.33
CA ALA B 441 -35.30 12.21 -9.66
C ALA B 441 -33.82 12.36 -9.37
N SER B 442 -33.19 13.35 -10.01
CA SER B 442 -31.80 13.64 -9.75
C SER B 442 -31.55 15.14 -9.83
N PRO B 443 -30.39 15.59 -9.33
CA PRO B 443 -29.96 16.98 -9.48
C PRO B 443 -29.91 17.32 -10.96
N VAL B 444 -29.10 16.57 -11.69
CA VAL B 444 -28.94 16.79 -13.12
C VAL B 444 -30.24 16.63 -13.91
N PRO B 445 -30.55 17.62 -14.75
CA PRO B 445 -31.72 17.61 -15.64
C PRO B 445 -31.49 16.60 -16.73
N PRO B 446 -32.50 15.88 -17.13
CA PRO B 446 -32.33 14.90 -18.17
C PRO B 446 -31.56 15.41 -19.37
N GLU B 447 -31.69 16.67 -19.67
CA GLU B 447 -31.00 17.18 -20.81
C GLU B 447 -29.55 16.97 -20.64
N ASP B 448 -29.09 17.13 -19.42
CA ASP B 448 -27.67 16.99 -19.10
C ASP B 448 -27.13 15.63 -18.74
N ILE B 449 -27.94 14.61 -18.66
CA ILE B 449 -27.37 13.34 -18.30
C ILE B 449 -26.40 12.87 -19.38
N ASP B 450 -25.27 12.34 -18.96
CA ASP B 450 -24.24 11.87 -19.86
C ASP B 450 -24.25 10.36 -20.06
N LEU B 451 -24.55 9.92 -21.27
CA LEU B 451 -24.58 8.51 -21.51
C LEU B 451 -23.19 7.89 -21.31
N THR B 452 -22.16 8.60 -21.75
CA THR B 452 -20.77 8.15 -21.62
C THR B 452 -20.63 6.73 -21.10
N ASN B 460 -17.02 -0.88 -20.34
CA ASN B 460 -18.26 -0.23 -20.78
C ASN B 460 -19.06 0.41 -19.64
N VAL B 461 -18.38 0.61 -18.51
CA VAL B 461 -19.06 0.88 -17.25
C VAL B 461 -19.79 2.21 -17.16
N PRO B 462 -20.99 2.18 -16.57
CA PRO B 462 -21.82 3.37 -16.36
C PRO B 462 -21.24 4.26 -15.29
N PRO B 463 -21.20 5.57 -15.56
CA PRO B 463 -20.69 6.59 -14.64
C PRO B 463 -21.27 6.42 -13.24
N SER B 464 -20.55 6.78 -12.19
CA SER B 464 -21.17 6.80 -10.86
C SER B 464 -22.06 8.03 -10.76
N TYR B 465 -23.21 7.91 -10.09
CA TYR B 465 -24.18 9.01 -10.06
C TYR B 465 -25.07 8.98 -8.83
N GLN B 466 -25.86 10.04 -8.69
CA GLN B 466 -26.76 10.15 -7.57
C GLN B 466 -28.20 10.22 -8.03
N ILE B 467 -29.04 9.50 -7.30
CA ILE B 467 -30.46 9.35 -7.65
C ILE B 467 -31.30 9.34 -6.37
N ARG B 468 -32.57 9.71 -6.50
CA ARG B 468 -33.45 9.80 -5.34
C ARG B 468 -34.76 9.06 -5.59
N PHE B 469 -35.12 8.17 -4.67
CA PHE B 469 -36.34 7.37 -4.80
C PHE B 469 -37.48 7.94 -3.98
N LEU B 470 -38.55 8.37 -4.64
CA LEU B 470 -39.63 9.03 -3.92
C LEU B 470 -40.88 8.15 -3.95
N ALA B 471 -41.41 7.84 -2.77
CA ALA B 471 -42.58 6.98 -2.71
C ALA B 471 -43.78 7.60 -3.42
N ARG B 472 -44.62 6.75 -3.99
CA ARG B 472 -45.79 7.22 -4.73
C ARG B 472 -47.03 7.13 -3.86
N HIS B 473 -46.90 6.44 -2.72
CA HIS B 473 -47.98 6.28 -1.74
C HIS B 473 -49.38 6.50 -2.32
N GLY C 9 45.78 16.28 32.63
CA GLY C 9 45.11 15.27 33.41
C GLY C 9 43.72 15.66 33.89
N LYS C 10 42.70 15.26 33.13
CA LYS C 10 41.32 15.62 33.43
C LYS C 10 40.42 14.40 33.63
N LEU C 11 39.21 14.63 34.13
CA LEU C 11 38.25 13.55 34.24
C LEU C 11 37.57 13.30 32.88
N PRO C 12 37.11 12.07 32.65
CA PRO C 12 36.35 11.77 31.44
C PRO C 12 35.20 12.74 31.29
N PRO C 13 35.07 13.35 30.11
CA PRO C 13 34.04 14.31 29.74
C PRO C 13 32.67 13.67 29.76
N GLY C 14 31.61 14.49 29.76
CA GLY C 14 30.26 13.99 29.85
C GLY C 14 29.27 15.13 29.79
N PRO C 15 27.98 14.82 29.83
CA PRO C 15 26.96 15.84 29.81
C PRO C 15 26.86 16.41 31.21
N SER C 16 26.55 17.70 31.32
CA SER C 16 26.42 18.32 32.61
C SER C 16 25.16 17.81 33.27
N PRO C 17 25.20 17.63 34.60
CA PRO C 17 24.09 17.05 35.34
C PRO C 17 23.15 18.10 35.91
N LEU C 18 22.01 17.63 36.38
CA LEU C 18 21.04 18.44 37.08
C LEU C 18 21.00 17.91 38.49
N PRO C 19 20.70 18.78 39.45
CA PRO C 19 20.52 18.41 40.86
C PRO C 19 19.51 17.27 41.04
N VAL C 20 19.84 16.37 41.94
CA VAL C 20 18.98 15.23 42.24
C VAL C 20 19.00 14.18 41.14
N LEU C 21 18.75 14.63 39.91
CA LEU C 21 18.51 13.73 38.79
C LEU C 21 19.77 13.31 38.04
N GLY C 22 20.77 14.18 38.00
CA GLY C 22 21.97 13.92 37.24
C GLY C 22 21.64 14.05 35.78
N ASN C 23 22.08 13.07 34.99
CA ASN C 23 21.82 13.11 33.56
C ASN C 23 20.55 12.38 33.19
N LEU C 24 19.73 12.06 34.17
CA LEU C 24 18.55 11.25 33.93
C LEU C 24 17.53 11.87 33.00
N LEU C 25 17.68 13.15 32.68
CA LEU C 25 16.74 13.83 31.80
C LEU C 25 17.23 13.85 30.35
N GLN C 26 18.51 13.53 30.14
CA GLN C 26 19.11 13.56 28.79
C GLN C 26 19.22 12.19 28.12
N MET C 27 18.49 11.22 28.65
CA MET C 27 18.52 9.88 28.10
C MET C 27 17.56 9.81 26.93
N ASP C 28 17.90 9.01 25.92
CA ASP C 28 17.02 8.78 24.76
C ASP C 28 15.70 8.20 25.23
N ARG C 29 14.63 8.51 24.53
CA ARG C 29 13.37 7.86 24.85
C ARG C 29 13.59 6.36 24.65
N LYS C 30 14.57 6.04 23.81
CA LYS C 30 14.80 4.66 23.37
C LYS C 30 15.39 3.72 24.44
N GLY C 31 15.95 4.26 25.50
CA GLY C 31 16.55 3.40 26.52
C GLY C 31 17.99 3.74 26.85
N LEU C 32 18.43 3.35 28.04
CA LEU C 32 19.75 3.74 28.53
C LEU C 32 20.84 3.37 27.55
N LEU C 33 20.68 2.24 26.88
CA LEU C 33 21.72 1.82 25.96
C LEU C 33 21.88 2.82 24.81
N ARG C 34 20.77 3.17 24.15
CA ARG C 34 20.84 4.12 23.04
C ARG C 34 21.53 5.38 23.49
N SER C 35 21.20 5.78 24.72
CA SER C 35 21.78 6.96 25.31
C SER C 35 23.29 6.83 25.30
N PHE C 36 23.79 5.77 25.93
CA PHE C 36 25.24 5.60 25.96
C PHE C 36 25.83 5.66 24.56
N LEU C 37 25.11 5.15 23.57
CA LEU C 37 25.65 5.18 22.23
C LEU C 37 25.69 6.60 21.66
N ARG C 38 24.59 7.33 21.72
CA ARG C 38 24.62 8.71 21.25
C ARG C 38 25.68 9.49 22.03
N LEU C 39 25.83 9.21 23.33
CA LEU C 39 26.84 9.87 24.15
C LEU C 39 28.23 9.64 23.64
N ARG C 40 28.49 8.40 23.20
CA ARG C 40 29.79 8.01 22.70
C ARG C 40 30.12 8.86 21.50
N GLU C 41 29.17 8.98 20.58
CA GLU C 41 29.35 9.78 19.39
C GLU C 41 29.83 11.17 19.78
N LYS C 42 29.26 11.76 20.82
CA LYS C 42 29.66 13.12 21.20
C LYS C 42 30.93 13.18 22.05
N TYR C 43 31.07 12.31 23.04
CA TYR C 43 32.18 12.46 23.98
C TYR C 43 33.26 11.40 23.83
N GLY C 44 32.95 10.32 23.12
CA GLY C 44 33.97 9.33 22.83
C GLY C 44 33.85 8.05 23.62
N ASP C 45 34.92 7.25 23.59
CA ASP C 45 34.92 5.91 24.18
C ASP C 45 34.89 5.87 25.72
N VAL C 46 35.34 6.96 26.35
CA VAL C 46 35.27 7.02 27.80
C VAL C 46 34.63 8.31 28.21
N PHE C 47 33.54 8.21 28.96
CA PHE C 47 32.81 9.40 29.41
C PHE C 47 32.09 9.23 30.77
N THR C 48 31.61 10.34 31.31
CA THR C 48 31.10 10.38 32.67
C THR C 48 29.67 10.84 32.71
N VAL C 49 28.83 9.98 33.28
CA VAL C 49 27.42 10.26 33.33
C VAL C 49 26.99 10.20 34.79
N TYR C 50 25.84 10.77 35.10
CA TYR C 50 25.43 10.89 36.50
C TYR C 50 24.06 10.26 36.80
N LEU C 51 24.07 9.26 37.68
CA LEU C 51 22.82 8.70 38.19
C LEU C 51 22.62 9.23 39.58
N GLY C 52 21.64 10.11 39.71
CA GLY C 52 21.53 10.87 40.93
C GLY C 52 22.75 11.77 41.05
N SER C 53 23.26 11.92 42.27
CA SER C 53 24.37 12.82 42.51
C SER C 53 25.68 12.12 42.19
N ARG C 54 25.60 10.83 41.92
CA ARG C 54 26.80 10.02 41.76
C ARG C 54 27.27 9.98 40.32
N PRO C 55 28.58 10.14 40.11
CA PRO C 55 29.19 9.99 38.79
C PRO C 55 29.54 8.55 38.54
N VAL C 56 29.45 8.13 37.28
CA VAL C 56 29.92 6.82 36.85
C VAL C 56 30.62 6.95 35.50
N VAL C 57 31.70 6.22 35.34
CA VAL C 57 32.45 6.25 34.10
C VAL C 57 32.00 5.13 33.17
N VAL C 58 31.62 5.49 31.94
CA VAL C 58 31.13 4.52 30.97
C VAL C 58 32.22 4.15 29.95
N LEU C 59 32.41 2.86 29.72
CA LEU C 59 33.43 2.34 28.83
C LEU C 59 32.83 1.73 27.58
N CYS C 60 33.22 2.24 26.42
CA CYS C 60 32.57 1.84 25.16
C CYS C 60 33.52 1.32 24.11
N GLY C 61 33.08 0.28 23.40
CA GLY C 61 33.89 -0.34 22.37
C GLY C 61 34.88 -1.34 22.91
N THR C 62 35.24 -2.29 22.07
CA THR C 62 36.18 -3.34 22.42
C THR C 62 37.47 -2.80 23.03
N ASP C 63 38.21 -2.03 22.24
CA ASP C 63 39.51 -1.58 22.68
C ASP C 63 39.52 -0.95 24.08
N ALA C 64 38.53 -0.11 24.34
CA ALA C 64 38.49 0.62 25.59
C ALA C 64 38.22 -0.32 26.76
N ILE C 65 37.25 -1.21 26.58
CA ILE C 65 36.89 -2.18 27.61
C ILE C 65 38.04 -3.11 27.86
N ARG C 66 38.72 -3.52 26.80
CA ARG C 66 39.83 -4.44 26.97
C ARG C 66 40.96 -3.77 27.76
N GLU C 67 41.34 -2.56 27.35
CA GLU C 67 42.45 -1.87 28.00
C GLU C 67 42.19 -1.82 29.47
N ALA C 68 40.95 -1.54 29.83
CA ALA C 68 40.60 -1.37 31.22
C ALA C 68 40.62 -2.69 31.96
N LEU C 69 39.78 -3.64 31.53
CA LEU C 69 39.56 -4.89 32.27
C LEU C 69 40.77 -5.79 32.19
N VAL C 70 41.48 -5.71 31.08
CA VAL C 70 42.59 -6.59 30.82
C VAL C 70 43.94 -5.95 31.13
N ASP C 71 44.27 -4.87 30.44
CA ASP C 71 45.57 -4.23 30.62
C ASP C 71 45.76 -3.70 32.02
N GLN C 72 44.71 -3.13 32.59
CA GLN C 72 44.77 -2.60 33.97
C GLN C 72 43.85 -3.38 34.87
N ALA C 73 43.97 -4.70 34.84
CA ALA C 73 42.97 -5.53 35.50
C ALA C 73 42.87 -5.26 36.99
N GLU C 74 43.99 -5.15 37.68
CA GLU C 74 43.90 -4.95 39.11
C GLU C 74 43.22 -3.63 39.45
N ALA C 75 43.38 -2.65 38.56
CA ALA C 75 42.87 -1.31 38.79
C ALA C 75 41.35 -1.27 38.67
N PHE C 76 40.81 -2.13 37.80
CA PHE C 76 39.40 -2.10 37.46
C PHE C 76 38.57 -3.29 38.00
N SER C 77 39.01 -3.91 39.08
CA SER C 77 38.38 -5.15 39.54
C SER C 77 37.46 -4.99 40.75
N GLY C 78 37.34 -3.79 41.27
CA GLY C 78 36.64 -3.55 42.52
C GLY C 78 35.14 -3.78 42.46
N ARG C 79 34.57 -4.22 43.57
CA ARG C 79 33.13 -4.48 43.61
C ARG C 79 32.36 -3.25 44.08
N GLY C 80 31.02 -3.33 44.04
CA GLY C 80 30.17 -2.20 44.44
C GLY C 80 30.07 -2.06 45.94
N LYS C 81 29.75 -0.85 46.40
CA LYS C 81 29.77 -0.58 47.85
C LYS C 81 28.99 -1.60 48.69
N ILE C 82 27.95 -2.19 48.08
CA ILE C 82 27.13 -3.13 48.82
C ILE C 82 27.95 -4.34 49.22
N ALA C 83 29.00 -4.61 48.45
CA ALA C 83 29.82 -5.79 48.67
C ALA C 83 31.11 -5.53 49.49
N VAL C 84 31.28 -4.30 49.95
CA VAL C 84 32.49 -3.94 50.64
C VAL C 84 32.27 -3.91 52.13
N VAL C 85 33.03 -4.71 52.87
CA VAL C 85 32.81 -4.79 54.31
C VAL C 85 33.45 -3.62 55.04
N ASP C 86 32.75 -3.14 56.07
CA ASP C 86 33.24 -2.03 56.89
C ASP C 86 34.02 -2.55 58.10
N PRO C 87 35.33 -2.27 58.13
CA PRO C 87 36.12 -2.83 59.22
C PRO C 87 35.64 -2.29 60.54
N ILE C 88 35.29 -1.01 60.60
CA ILE C 88 34.89 -0.43 61.87
C ILE C 88 33.83 -1.30 62.52
N PHE C 89 33.03 -1.98 61.71
CA PHE C 89 31.92 -2.80 62.22
C PHE C 89 32.23 -4.29 62.27
N GLN C 90 32.91 -4.82 61.25
CA GLN C 90 33.24 -6.23 61.22
C GLN C 90 34.73 -6.50 61.46
N GLY C 91 35.54 -5.46 61.33
CA GLY C 91 36.97 -5.64 61.49
C GLY C 91 37.52 -6.27 60.24
N TYR C 92 38.83 -6.24 60.05
CA TYR C 92 39.39 -6.87 58.90
C TYR C 92 39.38 -8.38 59.14
N GLY C 93 40.07 -9.12 58.28
CA GLY C 93 40.18 -10.53 58.51
C GLY C 93 38.98 -11.28 57.97
N VAL C 94 37.79 -10.78 58.26
CA VAL C 94 36.62 -11.24 57.53
C VAL C 94 36.77 -10.77 56.07
N ILE C 95 37.36 -9.59 55.93
CA ILE C 95 37.77 -9.09 54.63
C ILE C 95 38.68 -10.11 53.97
N PHE C 96 39.75 -10.47 54.68
CA PHE C 96 40.75 -11.40 54.20
C PHE C 96 40.21 -12.82 54.03
N ALA C 97 39.45 -13.30 55.02
CA ALA C 97 38.86 -14.64 54.93
C ALA C 97 38.11 -14.80 53.62
N ASN C 98 37.19 -13.87 53.38
CA ASN C 98 36.51 -13.76 52.09
C ASN C 98 37.49 -13.83 50.94
N GLY C 99 38.51 -12.98 51.00
CA GLY C 99 39.60 -13.07 50.05
C GLY C 99 40.02 -14.50 49.76
N GLU C 100 40.47 -15.22 50.79
CA GLU C 100 41.03 -16.56 50.56
C GLU C 100 39.95 -17.49 50.02
N ARG C 101 38.76 -17.40 50.60
CA ARG C 101 37.60 -18.12 50.08
C ARG C 101 37.43 -17.94 48.55
N TRP C 102 37.28 -16.71 48.11
CA TRP C 102 37.22 -16.43 46.67
C TRP C 102 38.27 -17.24 45.91
N ARG C 103 39.55 -17.01 46.25
CA ARG C 103 40.64 -17.67 45.55
C ARG C 103 40.36 -19.17 45.50
N ALA C 104 39.90 -19.71 46.63
CA ALA C 104 39.56 -21.12 46.71
C ALA C 104 38.54 -21.53 45.66
N LEU C 105 37.43 -20.80 45.62
CA LEU C 105 36.39 -21.11 44.67
C LEU C 105 36.95 -20.99 43.26
N ARG C 106 37.65 -19.89 43.03
CA ARG C 106 38.29 -19.64 41.76
C ARG C 106 39.20 -20.80 41.37
N ARG C 107 39.89 -21.38 42.35
CA ARG C 107 40.78 -22.51 42.10
C ARG C 107 39.99 -23.79 41.79
N PHE C 108 38.96 -24.04 42.58
CA PHE C 108 38.11 -25.21 42.37
C PHE C 108 37.47 -25.27 40.98
N SER C 109 37.19 -24.12 40.40
CA SER C 109 36.47 -24.10 39.14
C SER C 109 37.40 -24.42 37.98
N LEU C 110 38.70 -24.19 38.18
CA LEU C 110 39.68 -24.58 37.18
C LEU C 110 39.87 -26.10 37.23
N ALA C 111 39.87 -26.63 38.44
CA ALA C 111 39.98 -28.06 38.67
C ALA C 111 38.83 -28.80 38.00
N THR C 112 37.62 -28.27 38.16
CA THR C 112 36.44 -28.84 37.51
C THR C 112 36.73 -29.13 36.05
N MET C 113 37.37 -28.17 35.38
CA MET C 113 37.72 -28.32 33.98
C MET C 113 38.86 -29.34 33.79
N ARG C 114 39.92 -29.20 34.57
CA ARG C 114 41.01 -30.18 34.59
C ARG C 114 40.73 -31.32 35.58
N ARG C 121 34.92 -37.61 34.54
CA ARG C 121 33.51 -37.37 34.77
C ARG C 121 33.21 -35.87 34.90
N SER C 122 34.16 -35.06 34.47
CA SER C 122 34.01 -33.64 34.54
C SER C 122 32.94 -33.20 33.63
N VAL C 123 32.69 -31.92 33.63
CA VAL C 123 31.68 -31.42 32.77
C VAL C 123 31.48 -32.13 31.47
N GLU C 124 32.54 -32.55 30.84
CA GLU C 124 32.30 -33.12 29.57
C GLU C 124 31.49 -34.35 29.74
N GLU C 125 31.78 -35.18 30.71
CA GLU C 125 30.98 -36.39 30.78
C GLU C 125 29.65 -36.18 31.40
N ARG C 126 29.56 -35.33 32.39
CA ARG C 126 28.29 -35.10 32.98
C ARG C 126 27.33 -34.48 32.00
N ILE C 127 27.84 -33.57 31.19
CA ILE C 127 27.04 -32.89 30.19
C ILE C 127 26.61 -33.86 29.12
N GLN C 128 27.48 -34.80 28.78
CA GLN C 128 27.15 -35.78 27.79
C GLN C 128 26.00 -36.59 28.33
N GLU C 129 25.98 -36.86 29.62
CA GLU C 129 24.86 -37.61 30.21
C GLU C 129 23.57 -36.85 30.14
N GLU C 130 23.55 -35.67 30.73
CA GLU C 130 22.36 -34.82 30.75
C GLU C 130 21.82 -34.65 29.33
N ALA C 131 22.72 -34.43 28.37
CA ALA C 131 22.32 -34.26 26.97
C ALA C 131 21.47 -35.45 26.53
N ARG C 132 21.95 -36.64 26.86
CA ARG C 132 21.14 -37.84 26.62
C ARG C 132 19.75 -37.68 27.23
N CYS C 133 19.66 -37.54 28.55
CA CYS C 133 18.36 -37.44 29.21
C CYS C 133 17.44 -36.45 28.49
N LEU C 134 18.01 -35.34 28.03
CA LEU C 134 17.24 -34.35 27.32
C LEU C 134 16.62 -34.99 26.10
N VAL C 135 17.45 -35.68 25.31
CA VAL C 135 16.95 -36.35 24.10
C VAL C 135 15.76 -37.27 24.39
N GLU C 136 15.90 -38.14 25.38
CA GLU C 136 14.83 -39.03 25.79
C GLU C 136 13.56 -38.27 26.16
N GLU C 137 13.70 -37.13 26.81
CA GLU C 137 12.52 -36.33 27.17
C GLU C 137 11.89 -35.76 25.92
N LEU C 138 12.74 -35.32 24.98
CA LEU C 138 12.27 -34.76 23.73
C LEU C 138 11.59 -35.80 22.85
N ARG C 139 12.03 -37.06 22.95
CA ARG C 139 11.34 -38.14 22.25
C ARG C 139 9.97 -38.33 22.84
N LYS C 140 9.90 -38.33 24.16
CA LYS C 140 8.64 -38.52 24.85
C LYS C 140 7.67 -37.34 24.60
N SER C 141 8.18 -36.24 24.04
CA SER C 141 7.31 -35.12 23.73
C SER C 141 6.45 -35.49 22.54
N LYS C 142 6.91 -36.49 21.78
CA LYS C 142 6.24 -36.92 20.57
C LYS C 142 5.99 -35.71 19.67
N GLY C 143 7.00 -34.84 19.58
CA GLY C 143 6.98 -33.67 18.73
C GLY C 143 5.89 -32.66 19.07
N ALA C 144 5.60 -32.49 20.36
CA ALA C 144 4.54 -31.58 20.75
C ALA C 144 5.06 -30.16 20.87
N LEU C 145 4.19 -29.21 20.52
CA LEU C 145 4.51 -27.81 20.68
C LEU C 145 4.63 -27.52 22.18
N LEU C 146 5.75 -26.92 22.60
CA LEU C 146 5.94 -26.56 24.01
C LEU C 146 6.77 -25.30 24.21
N ASP C 147 6.92 -24.91 25.48
CA ASP C 147 7.75 -23.76 25.87
C ASP C 147 9.00 -24.25 26.61
N ASN C 148 10.11 -24.27 25.88
CA ASN C 148 11.35 -24.85 26.33
C ASN C 148 11.93 -24.24 27.60
N THR C 149 11.33 -23.16 28.06
CA THR C 149 11.88 -22.47 29.22
C THR C 149 12.20 -23.40 30.38
N LEU C 150 11.19 -24.11 30.88
CA LEU C 150 11.44 -25.07 31.97
C LEU C 150 12.42 -26.17 31.58
N LEU C 151 12.33 -26.68 30.35
CA LEU C 151 13.24 -27.73 29.94
C LEU C 151 14.70 -27.30 30.05
N PHE C 152 15.02 -26.11 29.54
CA PHE C 152 16.39 -25.62 29.55
C PHE C 152 16.90 -25.24 30.93
N HIS C 153 16.06 -24.62 31.75
CA HIS C 153 16.42 -24.37 33.13
C HIS C 153 16.79 -25.68 33.82
N SER C 154 15.99 -26.71 33.60
CA SER C 154 16.23 -27.99 34.21
C SER C 154 17.57 -28.58 33.80
N ILE C 155 17.87 -28.63 32.50
CA ILE C 155 19.09 -29.30 32.06
C ILE C 155 20.38 -28.59 32.47
N THR C 156 20.39 -27.27 32.39
CA THR C 156 21.56 -26.50 32.80
C THR C 156 21.77 -26.58 34.32
N SER C 157 20.68 -26.46 35.05
CA SER C 157 20.69 -26.64 36.49
C SER C 157 21.28 -27.98 36.95
N ASN C 158 20.76 -29.08 36.42
CA ASN C 158 21.27 -30.41 36.78
C ASN C 158 22.78 -30.43 36.77
N ILE C 159 23.40 -29.93 35.71
CA ILE C 159 24.86 -29.81 35.68
C ILE C 159 25.42 -29.29 37.02
N ILE C 160 24.98 -28.10 37.41
CA ILE C 160 25.34 -27.53 38.71
C ILE C 160 25.11 -28.51 39.85
N CYS C 161 24.02 -29.26 39.80
CA CYS C 161 23.69 -30.23 40.85
C CYS C 161 24.68 -31.39 40.88
N SER C 162 24.98 -31.91 39.71
CA SER C 162 25.94 -33.00 39.55
C SER C 162 27.29 -32.53 40.08
N ILE C 163 27.63 -31.29 39.77
CA ILE C 163 28.91 -30.73 40.18
C ILE C 163 28.97 -30.42 41.67
N VAL C 164 27.83 -30.13 42.28
CA VAL C 164 27.82 -29.75 43.70
C VAL C 164 27.47 -30.91 44.61
N PHE C 165 26.35 -31.57 44.34
CA PHE C 165 25.86 -32.66 45.19
C PHE C 165 26.30 -34.04 44.68
N GLY C 166 26.81 -34.09 43.46
CA GLY C 166 27.43 -35.31 42.97
C GLY C 166 26.65 -36.15 41.98
N LYS C 167 25.35 -35.91 41.83
CA LYS C 167 24.53 -36.70 40.92
C LYS C 167 23.32 -35.93 40.45
N ARG C 168 23.04 -35.99 39.14
CA ARG C 168 21.88 -35.29 38.56
C ARG C 168 20.57 -35.66 39.25
N PHE C 169 19.58 -34.76 39.20
CA PHE C 169 18.27 -35.04 39.76
C PHE C 169 17.44 -35.57 38.63
N ASP C 170 16.34 -36.26 38.92
CA ASP C 170 15.45 -36.61 37.83
C ASP C 170 14.57 -35.41 37.57
N TYR C 171 14.29 -35.16 36.30
CA TYR C 171 13.57 -33.95 35.95
C TYR C 171 12.34 -33.68 36.81
N LYS C 172 11.63 -34.73 37.25
CA LYS C 172 10.43 -34.50 38.04
C LYS C 172 10.62 -34.73 39.56
N ASP C 173 11.87 -34.83 40.00
CA ASP C 173 12.15 -35.06 41.42
C ASP C 173 11.73 -33.88 42.25
N PRO C 174 10.88 -34.10 43.25
CA PRO C 174 10.40 -33.07 44.16
C PRO C 174 11.47 -32.07 44.53
N VAL C 175 12.53 -32.54 45.17
CA VAL C 175 13.59 -31.64 45.61
C VAL C 175 14.12 -30.74 44.50
N PHE C 176 14.38 -31.33 43.35
CA PHE C 176 14.80 -30.55 42.18
C PHE C 176 13.84 -29.39 41.91
N LEU C 177 12.61 -29.71 41.54
CA LEU C 177 11.57 -28.71 41.34
C LEU C 177 11.56 -27.65 42.45
N ARG C 178 11.58 -28.07 43.71
CA ARG C 178 11.51 -27.11 44.84
C ARG C 178 12.65 -26.12 44.76
N LEU C 179 13.82 -26.56 44.29
CA LEU C 179 14.93 -25.63 44.19
C LEU C 179 15.03 -24.94 42.83
N LEU C 180 14.55 -25.61 41.80
CA LEU C 180 14.38 -24.93 40.51
C LEU C 180 13.43 -23.76 40.78
N ASP C 181 12.52 -23.97 41.72
CA ASP C 181 11.53 -22.97 42.11
C ASP C 181 12.19 -21.83 42.87
N LEU C 182 12.89 -22.18 43.94
CA LEU C 182 13.57 -21.19 44.76
C LEU C 182 14.45 -20.27 43.92
N PHE C 183 15.32 -20.87 43.12
CA PHE C 183 16.36 -20.13 42.45
C PHE C 183 15.95 -19.36 41.20
N PHE C 184 14.82 -19.71 40.60
CA PHE C 184 14.34 -18.96 39.43
C PHE C 184 12.96 -18.34 39.63
N GLN C 185 12.42 -18.50 40.84
CA GLN C 185 11.15 -17.87 41.18
C GLN C 185 11.25 -16.40 40.85
N SER C 186 10.42 -15.96 39.90
CA SER C 186 10.37 -14.55 39.61
C SER C 186 9.54 -13.90 40.69
N PHE C 187 9.71 -12.59 40.82
CA PHE C 187 8.83 -11.78 41.65
C PHE C 187 9.25 -10.37 41.39
N SER C 188 8.30 -9.46 41.35
CA SER C 188 8.61 -8.10 40.95
C SER C 188 8.21 -7.10 42.02
N LEU C 189 8.98 -6.01 42.07
CA LEU C 189 8.63 -4.88 42.91
C LEU C 189 8.17 -3.70 42.04
N ILE C 190 7.31 -2.86 42.59
CA ILE C 190 6.60 -1.85 41.81
C ILE C 190 6.91 -0.41 42.23
N SER C 191 7.05 0.46 41.24
CA SER C 191 7.48 1.82 41.51
C SER C 191 6.78 2.81 40.60
N SER C 192 6.43 3.98 41.18
CA SER C 192 5.93 5.12 40.42
C SER C 192 7.06 6.06 40.05
N PHE C 193 6.89 6.86 39.00
CA PHE C 193 7.93 7.79 38.60
C PHE C 193 8.27 8.72 39.76
N SER C 194 7.25 9.06 40.55
CA SER C 194 7.43 9.99 41.67
C SER C 194 8.22 9.33 42.79
N SER C 195 7.74 8.16 43.23
CA SER C 195 8.47 7.33 44.18
C SER C 195 9.96 7.24 43.84
N GLN C 196 10.29 7.21 42.55
CA GLN C 196 11.68 7.08 42.16
C GLN C 196 12.42 8.41 42.32
N VAL C 197 11.88 9.47 41.76
CA VAL C 197 12.54 10.77 41.91
C VAL C 197 12.79 11.01 43.37
N PHE C 198 11.82 10.70 44.21
CA PHE C 198 12.02 10.85 45.64
C PHE C 198 13.22 10.04 46.17
N GLU C 199 13.27 8.74 45.85
CA GLU C 199 14.41 7.90 46.22
C GLU C 199 15.72 8.63 45.90
N LEU C 200 15.85 9.09 44.65
CA LEU C 200 17.03 9.84 44.22
C LEU C 200 17.38 10.98 45.18
N PHE C 201 16.34 11.52 45.80
CA PHE C 201 16.47 12.70 46.63
C PHE C 201 16.75 12.29 48.09
N SER C 202 16.48 11.04 48.42
CA SER C 202 16.70 10.52 49.76
C SER C 202 18.14 10.10 49.87
N GLY C 203 18.62 9.57 48.74
CA GLY C 203 19.92 8.92 48.65
C GLY C 203 19.76 7.44 48.90
N PHE C 204 18.52 6.97 49.04
CA PHE C 204 18.22 5.57 49.39
C PHE C 204 17.18 4.99 48.43
N LEU C 205 17.42 3.78 47.94
CA LEU C 205 16.40 3.11 47.12
C LEU C 205 15.29 2.53 48.01
N LYS C 206 14.11 2.37 47.42
CA LYS C 206 13.01 1.71 48.09
C LYS C 206 13.31 0.24 48.46
N TYR C 207 13.67 -0.58 47.47
CA TYR C 207 13.89 -2.01 47.67
C TYR C 207 15.36 -2.38 47.83
N PHE C 208 15.57 -3.58 48.35
CA PHE C 208 16.86 -4.18 48.59
C PHE C 208 16.60 -5.65 48.53
N PRO C 209 17.64 -6.44 48.34
CA PRO C 209 17.52 -7.88 48.24
C PRO C 209 17.22 -8.55 49.54
N GLY C 210 16.58 -9.70 49.48
CA GLY C 210 16.22 -10.47 50.64
C GLY C 210 14.80 -10.09 50.92
N THR C 211 13.87 -11.01 50.76
CA THR C 211 14.17 -12.38 50.35
C THR C 211 12.90 -12.92 49.71
N HIS C 212 12.95 -14.15 49.22
CA HIS C 212 11.80 -14.75 48.58
C HIS C 212 10.62 -14.80 49.55
N ARG C 213 9.42 -14.53 49.07
CA ARG C 213 8.23 -14.56 49.92
C ARG C 213 7.50 -15.91 49.96
N GLN C 214 7.24 -16.46 48.78
CA GLN C 214 6.57 -17.72 48.59
C GLN C 214 7.52 -18.66 47.87
N ILE C 215 8.66 -18.11 47.48
CA ILE C 215 9.71 -18.83 46.82
C ILE C 215 10.71 -18.94 47.93
N TYR C 216 10.26 -18.54 49.11
CA TYR C 216 11.07 -18.59 50.33
C TYR C 216 10.55 -19.71 51.14
N ARG C 217 9.45 -20.27 50.67
CA ARG C 217 8.79 -21.38 51.32
C ARG C 217 9.70 -22.58 51.30
N ASN C 218 10.37 -22.75 50.17
CA ASN C 218 11.28 -23.84 49.96
C ASN C 218 12.64 -23.43 50.41
N LEU C 219 12.83 -22.16 50.63
CA LEU C 219 14.16 -21.80 51.01
C LEU C 219 14.43 -22.54 52.26
N GLN C 220 13.40 -22.66 53.08
CA GLN C 220 13.60 -23.36 54.37
C GLN C 220 13.99 -24.83 54.17
N GLU C 221 13.43 -25.44 53.13
CA GLU C 221 13.65 -26.82 52.77
C GLU C 221 15.02 -26.99 52.10
N ILE C 222 15.39 -26.08 51.24
CA ILE C 222 16.68 -26.22 50.60
C ILE C 222 17.85 -26.05 51.55
N ASN C 223 17.84 -25.08 52.45
CA ASN C 223 19.03 -24.97 53.32
C ASN C 223 19.10 -26.36 53.93
N THR C 224 17.96 -26.74 54.40
CA THR C 224 17.77 -28.04 55.03
C THR C 224 18.23 -29.21 54.17
N PHE C 225 17.89 -29.21 52.88
CA PHE C 225 18.34 -30.28 52.01
C PHE C 225 19.85 -30.36 52.02
N ILE C 226 20.48 -29.20 51.93
CA ILE C 226 21.93 -29.12 51.95
C ILE C 226 22.47 -29.85 53.17
N GLY C 227 22.06 -29.42 54.35
CA GLY C 227 22.46 -30.08 55.57
C GLY C 227 22.49 -31.60 55.39
N GLN C 228 21.37 -32.15 54.94
CA GLN C 228 21.25 -33.58 54.74
C GLN C 228 22.33 -34.13 53.82
N SER C 229 22.54 -33.49 52.68
CA SER C 229 23.52 -33.95 51.71
C SER C 229 24.91 -33.88 52.29
N VAL C 230 25.17 -32.83 53.04
CA VAL C 230 26.46 -32.70 53.70
C VAL C 230 26.63 -33.87 54.68
N GLU C 231 25.60 -34.11 55.48
CA GLU C 231 25.59 -35.23 56.42
C GLU C 231 25.94 -36.52 55.70
N LYS C 232 25.10 -36.91 54.74
CA LYS C 232 25.37 -38.11 53.95
C LYS C 232 26.82 -38.07 53.45
N HIS C 233 27.19 -37.01 52.75
CA HIS C 233 28.55 -36.86 52.25
C HIS C 233 29.58 -37.12 53.32
N ARG C 234 29.43 -36.44 54.45
CA ARG C 234 30.37 -36.55 55.56
C ARG C 234 30.60 -38.03 55.88
N ALA C 235 29.55 -38.76 56.14
CA ALA C 235 29.71 -40.15 56.47
C ALA C 235 30.46 -40.97 55.45
N THR C 236 30.26 -40.76 54.17
CA THR C 236 30.99 -41.57 53.22
C THR C 236 32.21 -40.90 52.68
N LEU C 237 32.54 -39.74 53.21
CA LEU C 237 33.69 -38.96 52.73
C LEU C 237 35.06 -39.59 52.79
N ASP C 238 35.81 -39.43 51.71
CA ASP C 238 37.15 -39.98 51.62
C ASP C 238 38.09 -39.23 50.72
N PRO C 239 39.29 -38.97 51.21
CA PRO C 239 40.32 -38.27 50.43
C PRO C 239 41.38 -39.31 50.11
N SER C 240 42.19 -39.15 49.08
CA SER C 240 42.16 -37.99 48.24
C SER C 240 41.17 -38.38 47.16
N ASN C 241 39.91 -38.53 47.56
CA ASN C 241 38.86 -38.88 46.63
C ASN C 241 37.66 -38.00 46.90
N PRO C 242 37.75 -36.75 46.44
CA PRO C 242 36.67 -35.80 46.61
C PRO C 242 35.80 -35.93 45.39
N ARG C 243 34.64 -36.54 45.58
CA ARG C 243 33.73 -36.76 44.48
C ARG C 243 33.09 -35.51 43.87
N ASP C 244 32.67 -34.59 44.71
CA ASP C 244 32.04 -33.36 44.24
C ASP C 244 32.35 -32.20 45.16
N PHE C 245 31.71 -31.07 44.91
CA PHE C 245 32.00 -29.85 45.64
C PHE C 245 31.73 -29.97 47.14
N ILE C 246 30.74 -30.75 47.54
CA ILE C 246 30.42 -30.84 48.95
C ILE C 246 31.62 -31.29 49.77
N ASP C 247 32.16 -32.46 49.47
CA ASP C 247 33.28 -32.94 50.29
C ASP C 247 34.56 -32.13 50.08
N VAL C 248 34.68 -31.48 48.93
CA VAL C 248 35.73 -30.48 48.77
C VAL C 248 35.59 -29.46 49.88
N TYR C 249 34.36 -28.99 50.07
CA TYR C 249 34.04 -28.15 51.21
C TYR C 249 34.48 -28.84 52.50
N LEU C 250 33.96 -30.04 52.70
CA LEU C 250 34.26 -30.79 53.91
C LEU C 250 35.76 -30.86 54.15
N LEU C 251 36.54 -30.97 53.09
CA LEU C 251 38.00 -31.07 53.22
C LEU C 251 38.63 -29.75 53.68
N ARG C 252 38.27 -28.65 53.02
CA ARG C 252 38.74 -27.33 53.47
C ARG C 252 38.28 -27.08 54.90
N MET C 253 37.10 -27.60 55.24
CA MET C 253 36.61 -27.50 56.61
C MET C 253 37.49 -28.34 57.55
N GLU C 254 37.62 -29.64 57.27
CA GLU C 254 38.40 -30.52 58.14
C GLU C 254 39.86 -30.06 58.25
N PHE C 264 22.17 -23.10 59.05
CA PHE C 264 22.95 -22.13 59.76
C PHE C 264 24.09 -21.59 58.91
N HIS C 265 25.22 -21.27 59.52
CA HIS C 265 26.28 -20.74 58.71
C HIS C 265 26.89 -21.62 57.64
N HIS C 266 27.28 -22.84 57.94
CA HIS C 266 27.87 -23.65 56.89
C HIS C 266 26.93 -23.99 55.75
N GLN C 267 25.72 -24.38 56.08
CA GLN C 267 24.76 -24.75 55.08
C GLN C 267 24.52 -23.53 54.27
N ASN C 268 24.46 -22.37 54.90
CA ASN C 268 24.25 -21.18 54.11
C ASN C 268 25.40 -20.77 53.21
N LEU C 269 26.61 -20.96 53.69
CA LEU C 269 27.76 -20.63 52.93
C LEU C 269 27.66 -21.44 51.69
N ILE C 270 27.16 -22.65 51.81
CA ILE C 270 27.07 -23.44 50.60
C ILE C 270 26.06 -22.81 49.70
N LEU C 271 24.90 -22.55 50.25
CA LEU C 271 23.86 -21.96 49.48
C LEU C 271 24.53 -20.93 48.67
N THR C 272 25.15 -19.97 49.32
CA THR C 272 25.61 -18.77 48.61
C THR C 272 26.31 -19.10 47.31
N VAL C 273 27.23 -20.04 47.38
CA VAL C 273 27.87 -20.55 46.18
C VAL C 273 26.80 -21.05 45.22
N LEU C 274 25.96 -21.94 45.73
CA LEU C 274 24.90 -22.53 44.94
C LEU C 274 24.11 -21.45 44.19
N SER C 275 23.73 -20.42 44.93
CA SER C 275 22.99 -19.31 44.37
C SER C 275 23.78 -18.66 43.24
N LEU C 276 25.00 -18.27 43.55
CA LEU C 276 25.85 -17.68 42.53
C LEU C 276 25.82 -18.56 41.29
N PHE C 277 26.11 -19.84 41.49
CA PHE C 277 26.12 -20.79 40.36
C PHE C 277 24.84 -20.76 39.57
N PHE C 278 23.72 -20.71 40.27
CA PHE C 278 22.44 -20.66 39.58
C PHE C 278 22.21 -19.35 38.82
N ALA C 279 22.63 -18.24 39.42
CA ALA C 279 22.52 -16.95 38.78
C ALA C 279 23.13 -17.08 37.39
N GLY C 280 24.16 -17.90 37.30
CA GLY C 280 24.89 -18.08 36.07
C GLY C 280 24.20 -19.05 35.15
N THR C 281 23.78 -20.17 35.69
CA THR C 281 23.09 -21.19 34.90
C THR C 281 21.90 -20.55 34.17
N GLU C 282 21.20 -19.65 34.87
CA GLU C 282 20.04 -18.99 34.33
C GLU C 282 20.36 -18.27 33.03
N THR C 283 21.56 -17.71 32.96
CA THR C 283 22.01 -17.03 31.75
C THR C 283 22.28 -18.03 30.67
N THR C 284 22.89 -19.14 31.05
CA THR C 284 23.15 -20.24 30.13
C THR C 284 21.86 -20.72 29.49
N SER C 285 20.84 -20.91 30.34
CA SER C 285 19.55 -21.41 29.88
C SER C 285 18.99 -20.43 28.87
N THR C 286 19.04 -19.15 29.20
CA THR C 286 18.48 -18.15 28.33
C THR C 286 19.25 -18.11 27.01
N THR C 287 20.57 -18.26 27.09
CA THR C 287 21.39 -18.29 25.88
C THR C 287 20.88 -19.37 24.94
N LEU C 288 20.49 -20.52 25.49
CA LEU C 288 19.91 -21.58 24.68
C LEU C 288 18.56 -21.19 24.12
N ARG C 289 17.66 -20.74 24.98
CA ARG C 289 16.33 -20.34 24.55
C ARG C 289 16.44 -19.39 23.37
N TYR C 290 17.29 -18.39 23.52
CA TYR C 290 17.47 -17.40 22.48
C TYR C 290 18.04 -18.07 21.24
N GLY C 291 19.07 -18.89 21.43
CA GLY C 291 19.69 -19.61 20.33
C GLY C 291 18.69 -20.38 19.47
N PHE C 292 17.80 -21.11 20.12
CA PHE C 292 16.86 -21.92 19.38
C PHE C 292 15.83 -21.11 18.61
N LEU C 293 15.25 -20.09 19.24
CA LEU C 293 14.37 -19.17 18.55
C LEU C 293 15.05 -18.61 17.31
N LEU C 294 16.31 -18.20 17.49
CA LEU C 294 17.10 -17.62 16.42
C LEU C 294 17.16 -18.60 15.28
N MET C 295 17.49 -19.85 15.60
CA MET C 295 17.51 -20.89 14.59
C MET C 295 16.16 -21.17 13.90
N LEU C 296 15.05 -20.93 14.60
CA LEU C 296 13.74 -21.04 13.97
C LEU C 296 13.57 -20.00 12.87
N LYS C 297 14.14 -18.81 13.09
CA LYS C 297 14.05 -17.76 12.10
C LYS C 297 14.98 -18.00 10.92
N TYR C 298 15.98 -18.87 11.09
CA TYR C 298 16.99 -19.05 10.06
C TYR C 298 17.34 -20.52 9.79
N PRO C 299 16.37 -21.30 9.27
CA PRO C 299 16.46 -22.76 9.16
C PRO C 299 17.63 -23.21 8.30
N HIS C 300 18.00 -22.42 7.31
CA HIS C 300 19.12 -22.74 6.44
C HIS C 300 20.43 -22.81 7.21
N VAL C 301 20.48 -22.11 8.34
CA VAL C 301 21.64 -22.18 9.20
C VAL C 301 21.59 -23.49 9.96
N THR C 302 20.43 -23.77 10.53
CA THR C 302 20.20 -25.01 11.27
C THR C 302 20.57 -26.20 10.39
N GLU C 303 20.14 -26.14 9.14
CA GLU C 303 20.49 -27.16 8.16
C GLU C 303 22.02 -27.32 8.08
N ARG C 304 22.74 -26.25 7.78
CA ARG C 304 24.20 -26.33 7.73
C ARG C 304 24.73 -27.03 8.97
N VAL C 305 24.28 -26.58 10.14
CA VAL C 305 24.80 -27.13 11.39
C VAL C 305 24.52 -28.62 11.48
N GLN C 306 23.30 -29.03 11.14
CA GLN C 306 22.94 -30.45 11.10
C GLN C 306 23.86 -31.22 10.14
N LYS C 307 24.24 -30.55 9.05
CA LYS C 307 25.15 -31.12 8.07
C LYS C 307 26.53 -31.32 8.66
N GLU C 308 27.15 -30.24 9.16
CA GLU C 308 28.45 -30.33 9.80
C GLU C 308 28.44 -31.45 10.86
N ILE C 309 27.32 -31.55 11.57
CA ILE C 309 27.16 -32.57 12.60
C ILE C 309 27.32 -33.95 11.99
N GLU C 310 26.59 -34.19 10.91
CA GLU C 310 26.65 -35.48 10.21
C GLU C 310 28.02 -35.71 9.58
N GLN C 311 28.67 -34.64 9.11
CA GLN C 311 29.99 -34.75 8.48
C GLN C 311 31.13 -35.02 9.45
N VAL C 312 30.92 -34.80 10.74
CA VAL C 312 32.03 -34.88 11.68
C VAL C 312 31.77 -35.85 12.81
N ILE C 313 30.55 -35.81 13.32
CA ILE C 313 30.15 -36.69 14.43
C ILE C 313 29.34 -37.87 13.91
N GLY C 314 28.84 -37.72 12.69
CA GLY C 314 28.01 -38.76 12.10
C GLY C 314 26.70 -38.89 12.83
N SER C 315 26.13 -40.09 12.80
CA SER C 315 24.80 -40.28 13.29
C SER C 315 24.75 -41.31 14.39
N HIS C 316 25.89 -41.89 14.71
CA HIS C 316 25.89 -43.07 15.58
C HIS C 316 26.62 -42.91 16.93
N ARG C 317 27.15 -41.71 17.18
CA ARG C 317 27.68 -41.41 18.50
C ARG C 317 27.26 -40.00 18.96
N PRO C 318 27.23 -39.80 20.28
CA PRO C 318 26.91 -38.48 20.83
C PRO C 318 28.00 -37.48 20.52
N PRO C 319 27.63 -36.22 20.35
CA PRO C 319 28.67 -35.21 20.14
C PRO C 319 29.55 -35.16 21.38
N ALA C 320 30.82 -34.86 21.20
CA ALA C 320 31.72 -34.75 22.33
C ALA C 320 32.57 -33.48 22.21
N LEU C 321 33.06 -33.00 23.34
CA LEU C 321 33.66 -31.68 23.40
C LEU C 321 34.76 -31.54 22.36
N ASP C 322 35.46 -32.64 22.09
CA ASP C 322 36.58 -32.60 21.16
C ASP C 322 36.12 -32.34 19.73
N ASP C 323 34.83 -32.55 19.48
CA ASP C 323 34.28 -32.29 18.14
C ASP C 323 34.26 -30.81 17.74
N ARG C 324 34.00 -29.94 18.72
CA ARG C 324 33.90 -28.51 18.44
C ARG C 324 35.08 -28.04 17.62
N ALA C 325 36.25 -28.60 17.89
CA ALA C 325 37.46 -28.25 17.17
C ALA C 325 37.30 -28.48 15.68
N LYS C 326 36.67 -29.59 15.31
CA LYS C 326 36.54 -29.97 13.91
C LYS C 326 35.23 -29.50 13.31
N MET C 327 34.58 -28.53 13.95
CA MET C 327 33.28 -28.03 13.48
C MET C 327 33.16 -26.50 13.50
N PRO C 328 33.97 -25.83 12.70
CA PRO C 328 33.98 -24.37 12.67
C PRO C 328 32.58 -23.75 12.58
N TYR C 329 31.80 -24.14 11.61
CA TYR C 329 30.54 -23.45 11.38
C TYR C 329 29.74 -23.38 12.68
N THR C 330 29.49 -24.54 13.26
CA THR C 330 28.64 -24.66 14.44
C THR C 330 29.11 -23.80 15.59
N ASP C 331 30.43 -23.79 15.79
CA ASP C 331 31.06 -22.95 16.81
C ASP C 331 30.77 -21.48 16.47
N ALA C 332 31.17 -21.07 15.26
CA ALA C 332 30.90 -19.74 14.76
C ALA C 332 29.44 -19.35 14.98
N VAL C 333 28.54 -20.29 14.79
CA VAL C 333 27.14 -20.00 14.97
C VAL C 333 26.83 -19.76 16.44
N ILE C 334 27.32 -20.64 17.31
CA ILE C 334 27.11 -20.45 18.73
C ILE C 334 27.71 -19.11 19.18
N HIS C 335 28.93 -18.81 18.74
CA HIS C 335 29.52 -17.49 19.03
C HIS C 335 28.58 -16.36 18.66
N GLU C 336 28.12 -16.42 17.42
CA GLU C 336 27.17 -15.45 16.91
C GLU C 336 25.92 -15.36 17.80
N ILE C 337 25.48 -16.48 18.35
CA ILE C 337 24.30 -16.46 19.22
C ILE C 337 24.59 -15.70 20.50
N GLN C 338 25.73 -15.97 21.11
CA GLN C 338 26.09 -15.24 22.31
C GLN C 338 26.23 -13.74 22.01
N ARG C 339 26.81 -13.45 20.86
CA ARG C 339 27.02 -12.06 20.45
C ARG C 339 25.70 -11.32 20.36
N LEU C 340 24.82 -11.75 19.44
CA LEU C 340 23.50 -11.13 19.26
C LEU C 340 22.61 -11.11 20.52
N GLY C 341 22.60 -12.24 21.23
CA GLY C 341 21.87 -12.37 22.46
C GLY C 341 22.19 -11.32 23.50
N ASP C 342 23.48 -11.10 23.78
CA ASP C 342 23.89 -9.95 24.56
C ASP C 342 23.13 -9.88 25.88
N LEU C 343 23.17 -10.95 26.65
CA LEU C 343 22.33 -11.05 27.82
C LEU C 343 22.76 -10.13 28.96
N ILE C 344 23.98 -9.64 28.91
CA ILE C 344 24.47 -8.78 29.99
C ILE C 344 25.09 -7.56 29.38
N PRO C 345 24.24 -6.68 28.85
CA PRO C 345 24.62 -5.61 27.92
C PRO C 345 25.53 -4.62 28.61
N PHE C 346 25.32 -4.46 29.90
CA PHE C 346 26.02 -3.42 30.58
C PHE C 346 27.27 -3.98 31.24
N GLY C 347 27.40 -5.29 31.20
CA GLY C 347 28.42 -5.94 31.99
C GLY C 347 28.06 -5.79 33.45
N VAL C 348 28.94 -6.28 34.32
CA VAL C 348 28.72 -6.10 35.74
C VAL C 348 29.65 -4.98 36.15
N PRO C 349 29.08 -3.89 36.66
CA PRO C 349 29.77 -2.70 37.13
C PRO C 349 30.84 -3.05 38.10
N HIS C 350 31.96 -2.36 37.93
CA HIS C 350 33.09 -2.52 38.82
C HIS C 350 33.42 -1.16 39.47
N THR C 351 34.49 -1.17 40.24
CA THR C 351 34.85 -0.11 41.13
C THR C 351 36.37 0.02 41.05
N VAL C 352 36.85 1.15 40.58
CA VAL C 352 38.29 1.34 40.45
C VAL C 352 38.99 1.26 41.80
N THR C 353 40.12 0.56 41.85
CA THR C 353 40.79 0.26 43.13
C THR C 353 41.83 1.29 43.54
N LYS C 354 42.56 1.81 42.54
CA LYS C 354 43.65 2.74 42.74
C LYS C 354 43.41 3.97 41.89
N ASP C 355 43.77 5.16 42.35
CA ASP C 355 43.73 6.32 41.45
C ASP C 355 44.42 5.86 40.17
N THR C 356 43.82 6.11 39.01
CA THR C 356 44.37 5.56 37.77
C THR C 356 44.38 6.50 36.58
N GLN C 357 45.39 6.31 35.73
CA GLN C 357 45.52 7.03 34.48
C GLN C 357 45.00 6.16 33.33
N PHE C 358 43.89 6.53 32.72
CA PHE C 358 43.28 5.70 31.68
C PHE C 358 42.98 6.49 30.41
N ARG C 359 43.50 6.02 29.29
CA ARG C 359 43.29 6.68 28.00
C ARG C 359 43.43 8.19 28.08
N GLY C 360 44.48 8.65 28.74
CA GLY C 360 44.74 10.08 28.84
C GLY C 360 43.71 10.81 29.66
N TYR C 361 43.00 10.08 30.51
CA TYR C 361 42.17 10.72 31.55
C TYR C 361 42.62 10.21 32.92
N VAL C 362 41.93 10.69 33.94
CA VAL C 362 42.20 10.25 35.27
C VAL C 362 40.97 9.55 35.80
N ILE C 363 41.14 8.45 36.49
CA ILE C 363 40.03 7.90 37.23
C ILE C 363 40.42 7.64 38.69
N PRO C 364 39.76 8.35 39.60
CA PRO C 364 39.97 8.31 41.05
C PRO C 364 39.56 6.98 41.66
N LYS C 365 40.34 6.47 42.60
CA LYS C 365 39.95 5.27 43.33
C LYS C 365 38.50 5.35 43.78
N ASN C 366 37.75 4.28 43.54
CA ASN C 366 36.37 4.17 44.00
C ASN C 366 35.34 4.80 43.08
N THR C 367 35.74 5.03 41.84
CA THR C 367 34.81 5.50 40.84
C THR C 367 34.10 4.24 40.39
N GLU C 368 32.79 4.34 40.17
CA GLU C 368 32.02 3.23 39.64
C GLU C 368 32.17 3.19 38.11
N VAL C 369 32.33 2.00 37.55
CA VAL C 369 32.55 1.88 36.12
C VAL C 369 31.74 0.80 35.40
N PHE C 370 31.11 1.19 34.28
CA PHE C 370 30.41 0.26 33.39
C PHE C 370 31.28 -0.12 32.20
N PRO C 371 31.66 -1.39 32.10
CA PRO C 371 32.22 -1.90 30.86
C PRO C 371 31.03 -2.40 30.06
N VAL C 372 30.53 -1.56 29.16
CA VAL C 372 29.30 -1.88 28.44
C VAL C 372 29.54 -2.97 27.41
N LEU C 373 29.53 -4.21 27.89
CA LEU C 373 29.84 -5.34 27.04
C LEU C 373 29.17 -5.25 25.68
N SER C 374 27.93 -4.76 25.66
CA SER C 374 27.17 -4.67 24.42
C SER C 374 27.91 -3.84 23.40
N SER C 375 28.57 -2.78 23.87
CA SER C 375 29.23 -1.85 22.96
C SER C 375 30.38 -2.50 22.24
N ALA C 376 30.86 -3.62 22.79
CA ALA C 376 31.93 -4.39 22.17
C ALA C 376 31.34 -5.47 21.26
N LEU C 377 30.33 -6.19 21.77
CA LEU C 377 29.73 -7.27 21.02
C LEU C 377 29.08 -6.77 19.73
N HIS C 378 28.82 -5.46 19.68
CA HIS C 378 28.27 -4.83 18.49
C HIS C 378 29.25 -3.82 17.91
N ASP C 379 30.53 -3.97 18.22
CA ASP C 379 31.52 -2.99 17.81
C ASP C 379 31.81 -3.16 16.33
N PRO C 380 31.47 -2.15 15.53
CA PRO C 380 31.70 -2.11 14.09
C PRO C 380 33.13 -2.41 13.71
N ARG C 381 34.10 -1.94 14.48
CA ARG C 381 35.49 -2.17 14.13
C ARG C 381 35.81 -3.66 14.17
N TYR C 382 34.87 -4.46 14.68
CA TYR C 382 35.09 -5.91 14.81
C TYR C 382 34.01 -6.80 14.19
N PHE C 383 32.86 -6.24 13.84
CA PHE C 383 31.81 -7.06 13.29
C PHE C 383 31.20 -6.44 12.04
N GLU C 384 31.54 -7.02 10.90
CA GLU C 384 31.01 -6.55 9.63
C GLU C 384 29.56 -6.09 9.73
N THR C 385 28.70 -6.85 10.39
CA THR C 385 27.28 -6.47 10.47
C THR C 385 26.71 -6.63 11.86
N PRO C 386 27.02 -5.69 12.74
CA PRO C 386 26.88 -5.80 14.20
C PRO C 386 25.50 -6.19 14.62
N ASN C 387 24.53 -5.96 13.75
CA ASN C 387 23.16 -6.18 14.17
C ASN C 387 22.42 -7.29 13.47
N THR C 388 23.07 -7.94 12.52
CA THR C 388 22.44 -9.06 11.88
C THR C 388 23.17 -10.33 12.27
N PHE C 389 22.44 -11.43 12.32
CA PHE C 389 23.04 -12.72 12.60
C PHE C 389 24.02 -13.09 11.49
N ASN C 390 25.29 -13.32 11.83
CA ASN C 390 26.32 -13.50 10.81
C ASN C 390 27.54 -14.29 11.29
N PRO C 391 27.50 -15.62 11.16
CA PRO C 391 28.64 -16.47 11.53
C PRO C 391 29.96 -16.06 10.85
N GLY C 392 29.88 -15.30 9.76
CA GLY C 392 31.04 -14.84 9.03
C GLY C 392 31.94 -14.06 9.96
N HIS C 393 31.33 -13.52 11.00
CA HIS C 393 32.07 -12.76 11.97
C HIS C 393 33.20 -13.58 12.50
N PHE C 394 32.95 -14.87 12.65
CA PHE C 394 33.93 -15.74 13.28
C PHE C 394 34.59 -16.74 12.35
N LEU C 395 34.63 -16.43 11.06
CA LEU C 395 35.25 -17.33 10.09
C LEU C 395 36.16 -16.57 9.12
N ASP C 396 37.27 -17.21 8.72
CA ASP C 396 38.18 -16.63 7.74
C ASP C 396 37.76 -17.03 6.34
N ALA C 397 38.58 -16.69 5.36
CA ALA C 397 38.28 -17.05 3.97
C ALA C 397 38.16 -18.57 3.82
N ASN C 398 39.11 -19.30 4.37
CA ASN C 398 39.12 -20.75 4.28
C ASN C 398 37.97 -21.40 5.06
N GLY C 399 37.35 -20.65 5.95
CA GLY C 399 36.19 -21.15 6.68
C GLY C 399 36.46 -21.78 8.03
N ALA C 400 37.60 -21.44 8.62
CA ALA C 400 37.94 -21.91 9.97
C ALA C 400 37.56 -20.87 10.98
N LEU C 401 37.48 -21.28 12.23
CA LEU C 401 37.21 -20.35 13.32
C LEU C 401 38.31 -19.30 13.37
N LYS C 402 37.95 -18.03 13.53
CA LYS C 402 38.92 -16.95 13.64
C LYS C 402 38.69 -16.15 14.90
N ARG C 403 39.76 -15.75 15.58
CA ARG C 403 39.58 -14.94 16.80
C ARG C 403 38.96 -13.59 16.44
N ASN C 404 37.99 -13.17 17.23
CA ASN C 404 37.46 -11.83 17.08
C ASN C 404 37.49 -11.12 18.43
N GLU C 405 38.30 -10.08 18.53
CA GLU C 405 38.58 -9.46 19.83
C GLU C 405 37.32 -8.89 20.47
N GLY C 406 36.32 -8.55 19.66
CA GLY C 406 35.08 -8.00 20.17
C GLY C 406 34.19 -8.99 20.91
N PHE C 407 34.49 -10.28 20.78
CA PHE C 407 33.69 -11.31 21.43
C PHE C 407 34.05 -11.50 22.90
N MET C 408 33.29 -10.88 23.80
CA MET C 408 33.62 -10.92 25.22
C MET C 408 32.40 -11.05 26.13
N PRO C 409 31.44 -11.89 25.74
CA PRO C 409 30.15 -12.02 26.42
C PRO C 409 30.33 -12.45 27.84
N PHE C 410 31.55 -12.87 28.16
CA PHE C 410 31.84 -13.36 29.50
C PHE C 410 32.64 -12.35 30.29
N SER C 411 32.89 -11.19 29.67
CA SER C 411 33.74 -10.18 30.25
C SER C 411 35.19 -10.66 30.10
N LEU C 412 36.12 -9.92 30.68
CA LEU C 412 37.54 -10.25 30.65
C LEU C 412 38.19 -9.80 31.95
N GLY C 413 39.41 -10.26 32.18
CA GLY C 413 40.20 -9.74 33.28
C GLY C 413 40.03 -10.49 34.57
N LYS C 414 40.49 -9.89 35.67
CA LYS C 414 40.56 -10.57 36.95
C LYS C 414 39.25 -11.23 37.35
N ARG C 415 38.14 -10.65 36.92
CA ARG C 415 36.84 -11.13 37.35
C ARG C 415 36.00 -11.79 36.28
N ILE C 416 36.64 -12.17 35.17
CA ILE C 416 35.94 -12.85 34.08
C ILE C 416 35.15 -14.07 34.58
N CYS C 417 34.03 -14.35 33.93
CA CYS C 417 33.09 -15.34 34.43
C CYS C 417 33.77 -16.60 34.96
N LEU C 418 33.40 -17.00 36.17
CA LEU C 418 33.94 -18.21 36.79
C LEU C 418 33.37 -19.42 36.08
N GLY C 419 32.22 -19.20 35.46
CA GLY C 419 31.53 -20.27 34.81
C GLY C 419 31.83 -20.39 33.35
N GLU C 420 32.71 -19.54 32.82
CA GLU C 420 32.92 -19.56 31.37
C GLU C 420 33.07 -20.98 30.83
N GLY C 421 33.98 -21.75 31.43
CA GLY C 421 34.25 -23.12 31.01
C GLY C 421 33.02 -23.99 30.96
N ILE C 422 32.35 -24.15 32.10
CA ILE C 422 31.19 -24.99 32.18
C ILE C 422 30.16 -24.52 31.17
N ALA C 423 29.81 -23.23 31.25
CA ALA C 423 28.78 -22.67 30.40
C ALA C 423 29.00 -22.97 28.92
N ARG C 424 30.19 -22.68 28.41
CA ARG C 424 30.43 -22.83 26.99
C ARG C 424 30.36 -24.30 26.58
N THR C 425 30.77 -25.17 27.49
CA THR C 425 30.68 -26.60 27.23
C THR C 425 29.22 -27.02 27.21
N GLU C 426 28.43 -26.47 28.14
CA GLU C 426 26.98 -26.70 28.16
C GLU C 426 26.34 -26.30 26.82
N LEU C 427 26.83 -25.21 26.26
CA LEU C 427 26.23 -24.64 25.08
C LEU C 427 26.56 -25.44 23.84
N PHE C 428 27.78 -25.97 23.78
CA PHE C 428 28.15 -26.67 22.58
C PHE C 428 27.46 -28.01 22.53
N LEU C 429 27.55 -28.74 23.63
CA LEU C 429 26.98 -30.08 23.74
C LEU C 429 25.45 -30.13 23.68
N PHE C 430 24.80 -29.32 24.51
CA PHE C 430 23.34 -29.26 24.51
C PHE C 430 22.85 -28.91 23.11
N PHE C 431 23.48 -27.92 22.50
CA PHE C 431 23.10 -27.46 21.18
C PHE C 431 23.19 -28.56 20.13
N THR C 432 24.41 -29.08 19.92
CA THR C 432 24.65 -30.09 18.89
C THR C 432 23.84 -31.37 19.12
N THR C 433 23.94 -31.96 20.31
CA THR C 433 23.18 -33.16 20.60
C THR C 433 21.73 -32.98 20.21
N ILE C 434 21.15 -31.83 20.54
CA ILE C 434 19.76 -31.62 20.17
C ILE C 434 19.59 -31.64 18.66
N LEU C 435 20.35 -30.80 17.96
CA LEU C 435 20.18 -30.68 16.53
C LEU C 435 20.52 -31.97 15.83
N GLN C 436 21.27 -32.84 16.50
CA GLN C 436 21.64 -34.13 15.93
C GLN C 436 20.45 -35.07 15.89
N ASN C 437 19.67 -35.09 16.97
CA ASN C 437 18.57 -36.03 17.09
C ASN C 437 17.20 -35.51 16.70
N PHE C 438 17.06 -34.19 16.61
CA PHE C 438 15.80 -33.62 16.19
C PHE C 438 15.99 -32.52 15.15
N SER C 439 14.90 -32.15 14.49
CA SER C 439 14.85 -30.90 13.75
C SER C 439 13.73 -30.09 14.41
N ILE C 440 13.63 -28.80 14.08
CA ILE C 440 12.72 -27.94 14.81
C ILE C 440 11.77 -27.17 13.91
N ALA C 441 10.57 -26.92 14.44
CA ALA C 441 9.55 -26.18 13.71
C ALA C 441 8.65 -25.41 14.65
N SER C 442 7.95 -24.43 14.11
CA SER C 442 7.01 -23.62 14.88
C SER C 442 5.81 -23.19 14.04
N PRO C 443 4.74 -22.74 14.69
CA PRO C 443 3.60 -22.15 13.99
C PRO C 443 4.08 -20.99 13.12
N VAL C 444 4.66 -19.99 13.76
CA VAL C 444 5.16 -18.81 13.08
C VAL C 444 6.23 -19.14 12.04
N PRO C 445 6.04 -18.64 10.81
CA PRO C 445 7.00 -18.75 9.70
C PRO C 445 8.24 -17.89 9.93
N PRO C 446 9.41 -18.42 9.58
CA PRO C 446 10.69 -17.77 9.84
C PRO C 446 10.62 -16.27 9.54
N GLU C 447 10.02 -15.93 8.40
CA GLU C 447 9.97 -14.54 7.98
C GLU C 447 9.40 -13.66 9.07
N ASP C 448 8.57 -14.26 9.92
CA ASP C 448 7.77 -13.51 10.88
C ASP C 448 8.22 -13.63 12.33
N ILE C 449 9.44 -14.08 12.56
CA ILE C 449 9.95 -14.18 13.92
C ILE C 449 10.63 -12.87 14.32
N ASP C 450 10.15 -12.26 15.41
CA ASP C 450 10.68 -10.97 15.85
C ASP C 450 11.70 -11.14 16.97
N LEU C 451 12.95 -10.85 16.68
CA LEU C 451 14.01 -11.19 17.61
C LEU C 451 14.16 -10.18 18.73
N THR C 452 13.55 -9.02 18.55
CA THR C 452 13.66 -7.95 19.55
C THR C 452 12.87 -8.31 20.82
N PRO C 453 13.52 -8.11 21.99
CA PRO C 453 13.09 -8.54 23.34
C PRO C 453 11.74 -7.97 23.77
N VAL C 461 15.72 -9.73 27.47
CA VAL C 461 15.22 -11.10 27.53
C VAL C 461 14.46 -11.49 26.27
N PRO C 462 14.70 -12.72 25.81
CA PRO C 462 14.03 -13.29 24.63
C PRO C 462 12.58 -13.55 24.90
N PRO C 463 11.70 -13.21 23.94
CA PRO C 463 10.24 -13.41 24.01
C PRO C 463 9.90 -14.85 24.37
N SER C 464 8.82 -15.08 25.10
CA SER C 464 8.37 -16.46 25.32
C SER C 464 7.77 -16.98 24.02
N TYR C 465 8.01 -18.24 23.71
CA TYR C 465 7.57 -18.77 22.43
C TYR C 465 7.32 -20.27 22.45
N GLN C 466 6.77 -20.77 21.34
CA GLN C 466 6.48 -22.18 21.22
C GLN C 466 7.25 -22.84 20.07
N ILE C 467 7.78 -24.03 20.36
CA ILE C 467 8.65 -24.74 19.44
C ILE C 467 8.34 -26.23 19.51
N ARG C 468 8.64 -26.95 18.44
CA ARG C 468 8.36 -28.37 18.40
C ARG C 468 9.61 -29.14 17.96
N PHE C 469 9.96 -30.18 18.73
CA PHE C 469 11.14 -30.99 18.43
C PHE C 469 10.77 -32.30 17.74
N LEU C 470 11.24 -32.49 16.53
CA LEU C 470 10.83 -33.65 15.73
C LEU C 470 12.01 -34.58 15.52
N ALA C 471 11.87 -35.85 15.93
CA ALA C 471 12.97 -36.80 15.82
C ALA C 471 13.33 -37.03 14.36
N ARG C 472 14.61 -37.28 14.13
CA ARG C 472 15.11 -37.48 12.79
C ARG C 472 15.26 -38.98 12.53
N GLY D 9 -55.88 27.85 -0.14
CA GLY D 9 -54.64 28.28 -0.80
C GLY D 9 -54.27 29.74 -0.53
N LYS D 10 -53.44 29.96 0.49
CA LYS D 10 -53.07 31.31 0.90
C LYS D 10 -51.54 31.59 0.82
N LEU D 11 -51.17 32.86 0.99
CA LEU D 11 -49.78 33.20 1.03
C LEU D 11 -49.26 32.97 2.43
N PRO D 12 -47.96 32.70 2.55
CA PRO D 12 -47.32 32.56 3.86
C PRO D 12 -47.60 33.77 4.76
N PRO D 13 -48.07 33.50 5.99
CA PRO D 13 -48.43 34.51 6.99
C PRO D 13 -47.22 35.29 7.41
N GLY D 14 -47.45 36.42 8.06
CA GLY D 14 -46.37 37.30 8.47
C GLY D 14 -46.92 38.49 9.23
N PRO D 15 -46.03 39.36 9.71
CA PRO D 15 -46.42 40.58 10.41
C PRO D 15 -46.87 41.61 9.41
N SER D 16 -47.85 42.43 9.77
CA SER D 16 -48.38 43.44 8.85
C SER D 16 -47.34 44.50 8.69
N PRO D 17 -47.23 45.06 7.48
CA PRO D 17 -46.21 46.05 7.18
C PRO D 17 -46.72 47.46 7.35
N LEU D 18 -45.76 48.37 7.34
CA LEU D 18 -45.98 49.80 7.35
C LEU D 18 -45.53 50.31 6.00
N PRO D 19 -46.18 51.38 5.51
CA PRO D 19 -45.76 52.08 4.30
C PRO D 19 -44.27 52.48 4.29
N VAL D 20 -43.64 52.31 3.15
CA VAL D 20 -42.23 52.64 2.96
C VAL D 20 -41.35 51.62 3.64
N LEU D 21 -41.62 51.39 4.92
CA LEU D 21 -40.69 50.66 5.77
C LEU D 21 -40.90 49.16 5.79
N GLY D 22 -42.15 48.75 5.63
CA GLY D 22 -42.48 47.35 5.70
C GLY D 22 -42.40 46.90 7.13
N ASN D 23 -41.71 45.78 7.36
CA ASN D 23 -41.62 45.26 8.71
C ASN D 23 -40.38 45.74 9.41
N LEU D 24 -39.70 46.72 8.81
CA LEU D 24 -38.42 47.19 9.35
C LEU D 24 -38.45 47.75 10.77
N LEU D 25 -39.65 48.04 11.27
CA LEU D 25 -39.80 48.57 12.62
C LEU D 25 -40.05 47.47 13.68
N GLN D 26 -40.37 46.25 13.24
CA GLN D 26 -40.69 45.14 14.14
C GLN D 26 -39.51 44.16 14.32
N MET D 27 -38.33 44.57 13.88
CA MET D 27 -37.13 43.74 14.05
C MET D 27 -36.59 43.83 15.48
N ASP D 28 -36.07 42.72 16.00
CA ASP D 28 -35.42 42.74 17.32
C ASP D 28 -34.28 43.73 17.32
N ARG D 29 -34.05 44.36 18.48
CA ARG D 29 -32.87 45.20 18.62
C ARG D 29 -31.67 44.32 18.32
N LYS D 30 -31.85 43.01 18.51
CA LYS D 30 -30.74 42.06 18.48
C LYS D 30 -30.19 41.76 17.08
N GLY D 31 -30.94 42.10 16.04
CA GLY D 31 -30.49 41.84 14.67
C GLY D 31 -31.48 41.03 13.84
N LEU D 32 -31.37 41.14 12.52
CA LEU D 32 -32.32 40.49 11.61
C LEU D 32 -32.52 39.02 11.92
N LEU D 33 -31.46 38.33 12.30
CA LEU D 33 -31.58 36.90 12.54
C LEU D 33 -32.52 36.64 13.70
N ARG D 34 -32.26 37.30 14.83
CA ARG D 34 -33.10 37.08 16.01
C ARG D 34 -34.55 37.29 15.62
N SER D 35 -34.76 38.31 14.80
CA SER D 35 -36.10 38.64 14.37
C SER D 35 -36.70 37.43 13.67
N PHE D 36 -36.00 36.91 12.67
CA PHE D 36 -36.53 35.79 11.93
C PHE D 36 -36.88 34.69 12.91
N LEU D 37 -36.07 34.54 13.96
CA LEU D 37 -36.33 33.46 14.91
C LEU D 37 -37.62 33.70 15.70
N ARG D 38 -37.72 34.86 16.33
CA ARG D 38 -38.95 35.19 17.05
C ARG D 38 -40.16 35.06 16.10
N LEU D 39 -39.99 35.52 14.87
CA LEU D 39 -41.04 35.41 13.87
C LEU D 39 -41.47 33.97 13.65
N ARG D 40 -40.49 33.06 13.60
CA ARG D 40 -40.77 31.65 13.38
C ARG D 40 -41.67 31.15 14.49
N GLU D 41 -41.32 31.52 15.71
CA GLU D 41 -42.09 31.09 16.86
C GLU D 41 -43.55 31.45 16.64
N LYS D 42 -43.81 32.63 16.10
CA LYS D 42 -45.19 33.08 15.96
C LYS D 42 -45.88 32.59 14.69
N TYR D 43 -45.20 32.63 13.56
CA TYR D 43 -45.85 32.29 12.29
C TYR D 43 -45.44 30.94 11.69
N GLY D 44 -44.33 30.38 12.14
CA GLY D 44 -43.96 29.05 11.70
C GLY D 44 -42.80 29.03 10.74
N ASP D 45 -42.60 27.88 10.10
CA ASP D 45 -41.40 27.62 9.32
C ASP D 45 -41.36 28.38 7.99
N VAL D 46 -42.51 28.84 7.53
CA VAL D 46 -42.55 29.61 6.30
C VAL D 46 -43.39 30.83 6.55
N PHE D 47 -42.80 32.01 6.37
CA PHE D 47 -43.52 33.28 6.59
C PHE D 47 -43.07 34.43 5.69
N THR D 48 -43.82 35.53 5.75
CA THR D 48 -43.65 36.63 4.80
C THR D 48 -43.37 37.94 5.49
N VAL D 49 -42.23 38.51 5.14
CA VAL D 49 -41.78 39.73 5.75
C VAL D 49 -41.53 40.75 4.64
N TYR D 50 -41.49 42.03 4.99
CA TYR D 50 -41.42 43.11 3.99
C TYR D 50 -40.22 44.04 4.19
N LEU D 51 -39.34 44.06 3.20
CA LEU D 51 -38.25 45.01 3.18
C LEU D 51 -38.65 46.10 2.22
N GLY D 52 -38.99 47.25 2.74
CA GLY D 52 -39.60 48.26 1.90
C GLY D 52 -40.97 47.78 1.49
N SER D 53 -41.33 48.07 0.25
CA SER D 53 -42.66 47.72 -0.23
C SER D 53 -42.70 46.26 -0.71
N ARG D 54 -41.53 45.65 -0.78
CA ARG D 54 -41.38 44.32 -1.34
C ARG D 54 -41.55 43.23 -0.28
N PRO D 55 -42.32 42.19 -0.64
CA PRO D 55 -42.46 41.00 0.19
C PRO D 55 -41.31 40.03 -0.07
N VAL D 56 -40.93 39.28 0.97
CA VAL D 56 -39.99 38.19 0.79
C VAL D 56 -40.37 36.99 1.67
N VAL D 57 -40.25 35.79 1.13
CA VAL D 57 -40.63 34.65 1.91
C VAL D 57 -39.40 34.14 2.62
N VAL D 58 -39.54 33.89 3.92
CA VAL D 58 -38.46 33.37 4.72
C VAL D 58 -38.66 31.88 5.01
N LEU D 59 -37.60 31.11 4.82
CA LEU D 59 -37.62 29.67 5.06
C LEU D 59 -36.78 29.26 6.28
N CYS D 60 -37.40 28.58 7.24
CA CYS D 60 -36.72 28.26 8.49
C CYS D 60 -36.68 26.78 8.85
N GLY D 61 -35.56 26.35 9.40
CA GLY D 61 -35.37 24.97 9.78
C GLY D 61 -34.97 24.09 8.61
N THR D 62 -34.30 23.00 8.96
CA THR D 62 -33.83 22.02 7.99
C THR D 62 -34.94 21.61 7.04
N ASP D 63 -35.95 20.93 7.58
CA ASP D 63 -36.98 20.33 6.75
C ASP D 63 -37.56 21.28 5.70
N ALA D 64 -37.80 22.52 6.12
CA ALA D 64 -38.44 23.45 5.24
C ALA D 64 -37.50 23.84 4.12
N ILE D 65 -36.27 24.19 4.48
CA ILE D 65 -35.30 24.60 3.49
C ILE D 65 -35.01 23.47 2.51
N ARG D 66 -34.88 22.25 3.03
CA ARG D 66 -34.63 21.10 2.17
C ARG D 66 -35.77 20.86 1.19
N GLU D 67 -37.01 20.83 1.69
CA GLU D 67 -38.18 20.66 0.83
C GLU D 67 -38.09 21.61 -0.34
N ALA D 68 -37.73 22.86 -0.03
CA ALA D 68 -37.75 23.89 -1.04
C ALA D 68 -36.62 23.70 -2.00
N LEU D 69 -35.40 23.74 -1.48
CA LEU D 69 -34.23 23.77 -2.35
C LEU D 69 -34.00 22.44 -3.04
N VAL D 70 -34.40 21.36 -2.37
CA VAL D 70 -34.12 20.02 -2.88
C VAL D 70 -35.33 19.41 -3.57
N ASP D 71 -36.43 19.26 -2.84
CA ASP D 71 -37.62 18.63 -3.40
C ASP D 71 -38.20 19.40 -4.57
N GLN D 72 -38.21 20.72 -4.48
CA GLN D 72 -38.71 21.55 -5.55
C GLN D 72 -37.60 22.39 -6.12
N ALA D 73 -36.48 21.75 -6.41
CA ALA D 73 -35.30 22.50 -6.81
C ALA D 73 -35.51 23.45 -8.01
N GLU D 74 -36.14 22.98 -9.08
CA GLU D 74 -36.30 23.84 -10.23
C GLU D 74 -37.13 25.06 -9.85
N ALA D 75 -38.06 24.88 -8.93
CA ALA D 75 -39.00 25.94 -8.56
C ALA D 75 -38.33 27.08 -7.82
N PHE D 76 -37.31 26.71 -7.01
CA PHE D 76 -36.63 27.63 -6.09
C PHE D 76 -35.19 28.01 -6.50
N SER D 77 -34.88 28.02 -7.79
CA SER D 77 -33.50 28.21 -8.23
C SER D 77 -33.22 29.58 -8.84
N GLY D 78 -34.23 30.44 -8.93
CA GLY D 78 -34.10 31.69 -9.64
C GLY D 78 -33.17 32.69 -8.99
N ARG D 79 -32.51 33.51 -9.81
CA ARG D 79 -31.62 34.52 -9.26
C ARG D 79 -32.34 35.86 -9.06
N GLY D 80 -31.63 36.82 -8.45
CA GLY D 80 -32.20 38.13 -8.13
C GLY D 80 -32.30 39.04 -9.34
N LYS D 81 -33.22 40.01 -9.30
CA LYS D 81 -33.52 40.83 -10.48
C LYS D 81 -32.26 41.42 -11.11
N ILE D 82 -31.24 41.61 -10.30
CA ILE D 82 -30.03 42.24 -10.80
C ILE D 82 -29.38 41.35 -11.82
N ALA D 83 -29.63 40.05 -11.68
CA ALA D 83 -28.99 39.05 -12.50
C ALA D 83 -29.85 38.59 -13.69
N VAL D 84 -30.99 39.21 -13.87
CA VAL D 84 -31.89 38.78 -14.94
C VAL D 84 -31.81 39.70 -16.14
N VAL D 85 -31.50 39.14 -17.30
CA VAL D 85 -31.35 39.97 -18.48
C VAL D 85 -32.70 40.37 -19.09
N ASP D 86 -32.78 41.59 -19.58
CA ASP D 86 -34.01 42.07 -20.20
C ASP D 86 -33.92 41.86 -21.70
N PRO D 87 -34.77 40.99 -22.24
CA PRO D 87 -34.70 40.74 -23.68
C PRO D 87 -34.95 42.02 -24.46
N ILE D 88 -35.91 42.84 -24.01
CA ILE D 88 -36.27 43.99 -24.79
C ILE D 88 -35.02 44.77 -25.13
N PHE D 89 -34.04 44.69 -24.23
CA PHE D 89 -32.78 45.44 -24.41
C PHE D 89 -31.63 44.61 -25.01
N GLN D 90 -31.46 43.38 -24.53
CA GLN D 90 -30.35 42.56 -25.00
C GLN D 90 -30.82 41.45 -25.93
N GLY D 91 -32.12 41.21 -25.96
CA GLY D 91 -32.67 40.11 -26.71
C GLY D 91 -32.35 38.80 -26.00
N TYR D 92 -33.02 37.72 -26.39
CA TYR D 92 -32.69 36.43 -25.80
C TYR D 92 -31.38 35.95 -26.40
N GLY D 93 -31.03 34.70 -26.15
CA GLY D 93 -29.83 34.17 -26.77
C GLY D 93 -28.60 34.51 -25.96
N VAL D 94 -28.48 35.76 -25.55
CA VAL D 94 -27.50 36.09 -24.52
C VAL D 94 -27.99 35.45 -23.23
N ILE D 95 -29.31 35.39 -23.07
CA ILE D 95 -29.94 34.64 -21.99
C ILE D 95 -29.45 33.21 -22.07
N PHE D 96 -29.65 32.60 -23.24
CA PHE D 96 -29.29 31.20 -23.47
C PHE D 96 -27.77 30.94 -23.43
N ALA D 97 -26.98 31.81 -24.07
CA ALA D 97 -25.53 31.69 -24.05
C ALA D 97 -25.02 31.55 -22.63
N ASN D 98 -25.40 32.50 -21.79
CA ASN D 98 -25.16 32.42 -20.38
C ASN D 98 -25.54 31.06 -19.87
N GLY D 99 -26.79 30.67 -20.14
CA GLY D 99 -27.25 29.35 -19.80
C GLY D 99 -26.20 28.29 -20.05
N GLU D 100 -25.81 28.12 -21.32
CA GLU D 100 -24.87 27.05 -21.70
C GLU D 100 -23.54 27.26 -21.00
N ARG D 101 -23.06 28.49 -20.98
CA ARG D 101 -21.86 28.82 -20.24
C ARG D 101 -21.92 28.25 -18.84
N TRP D 102 -22.98 28.57 -18.09
CA TRP D 102 -23.14 28.07 -16.72
C TRP D 102 -22.93 26.57 -16.66
N ARG D 103 -23.73 25.84 -17.45
CA ARG D 103 -23.63 24.38 -17.49
C ARG D 103 -22.18 23.94 -17.70
N ALA D 104 -21.50 24.62 -18.62
CA ALA D 104 -20.09 24.37 -18.89
C ALA D 104 -19.23 24.49 -17.63
N LEU D 105 -19.38 25.60 -16.91
CA LEU D 105 -18.58 25.84 -15.71
C LEU D 105 -18.95 24.78 -14.70
N ARG D 106 -20.25 24.55 -14.58
CA ARG D 106 -20.76 23.51 -13.71
C ARG D 106 -20.13 22.14 -14.03
N ARG D 107 -20.01 21.83 -15.31
CA ARG D 107 -19.40 20.57 -15.78
C ARG D 107 -17.89 20.50 -15.47
N PHE D 108 -17.17 21.56 -15.82
CA PHE D 108 -15.74 21.65 -15.54
C PHE D 108 -15.40 21.43 -14.06
N SER D 109 -16.28 21.85 -13.14
CA SER D 109 -15.93 21.78 -11.72
C SER D 109 -16.07 20.34 -11.19
N LEU D 110 -16.88 19.55 -11.87
CA LEU D 110 -16.99 18.14 -11.52
C LEU D 110 -15.75 17.40 -12.04
N ALA D 111 -15.32 17.79 -13.24
CA ALA D 111 -14.10 17.26 -13.83
C ALA D 111 -12.88 17.51 -12.95
N THR D 112 -12.76 18.72 -12.41
CA THR D 112 -11.68 19.04 -11.49
C THR D 112 -11.57 17.94 -10.42
N MET D 113 -12.71 17.51 -9.91
CA MET D 113 -12.73 16.49 -8.87
C MET D 113 -12.45 15.10 -9.43
N SER D 122 -4.06 16.42 -8.78
CA SER D 122 -4.97 17.51 -9.08
C SER D 122 -5.15 18.46 -7.94
N VAL D 123 -6.40 18.85 -7.78
CA VAL D 123 -6.87 19.48 -6.57
C VAL D 123 -6.16 18.77 -5.42
N GLU D 124 -6.47 17.49 -5.18
CA GLU D 124 -5.89 16.81 -4.04
C GLU D 124 -4.38 17.08 -3.91
N GLU D 125 -3.62 16.80 -4.97
CA GLU D 125 -2.20 17.01 -4.95
C GLU D 125 -1.87 18.49 -4.77
N ARG D 126 -2.42 19.35 -5.63
CA ARG D 126 -2.13 20.78 -5.57
C ARG D 126 -2.30 21.34 -4.15
N ILE D 127 -3.37 20.92 -3.50
CA ILE D 127 -3.62 21.32 -2.13
C ILE D 127 -2.50 20.80 -1.24
N GLN D 128 -2.23 19.51 -1.32
CA GLN D 128 -1.14 18.87 -0.57
C GLN D 128 0.18 19.60 -0.73
N GLU D 129 0.50 19.97 -1.97
CA GLU D 129 1.72 20.72 -2.22
C GLU D 129 1.65 22.09 -1.55
N GLU D 130 0.51 22.78 -1.67
CA GLU D 130 0.35 24.05 -0.97
C GLU D 130 0.45 23.82 0.54
N ALA D 131 -0.17 22.74 1.03
CA ALA D 131 -0.10 22.37 2.44
C ALA D 131 1.34 22.35 2.89
N ARG D 132 2.16 21.62 2.14
CA ARG D 132 3.60 21.63 2.38
C ARG D 132 4.10 23.09 2.47
N CYS D 133 3.98 23.87 1.40
CA CYS D 133 4.52 25.23 1.44
C CYS D 133 4.11 25.97 2.72
N LEU D 134 2.88 25.73 3.16
CA LEU D 134 2.37 26.37 4.35
C LEU D 134 3.23 25.99 5.54
N VAL D 135 3.47 24.69 5.68
CA VAL D 135 4.31 24.17 6.77
C VAL D 135 5.68 24.86 6.81
N GLU D 136 6.35 24.91 5.67
CA GLU D 136 7.66 25.56 5.56
C GLU D 136 7.61 27.03 6.00
N GLU D 137 6.53 27.73 5.66
CA GLU D 137 6.34 29.12 6.05
C GLU D 137 6.12 29.22 7.56
N LEU D 138 5.35 28.28 8.08
CA LEU D 138 5.12 28.20 9.52
C LEU D 138 6.38 27.85 10.35
N ARG D 139 7.27 27.06 9.76
CA ARG D 139 8.56 26.78 10.38
C ARG D 139 9.35 28.08 10.43
N LYS D 140 9.38 28.78 9.31
CA LYS D 140 10.14 30.04 9.22
C LYS D 140 9.57 31.12 10.15
N SER D 141 8.39 30.88 10.70
CA SER D 141 7.80 31.82 11.64
C SER D 141 8.58 31.72 12.94
N LYS D 142 9.24 30.58 13.12
CA LYS D 142 9.95 30.35 14.35
C LYS D 142 9.01 30.59 15.55
N GLY D 143 7.78 30.11 15.41
CA GLY D 143 6.78 30.18 16.46
C GLY D 143 6.37 31.58 16.87
N ALA D 144 6.37 32.52 15.93
CA ALA D 144 6.03 33.91 16.25
C ALA D 144 4.53 34.16 16.29
N LEU D 145 4.11 34.99 17.22
CA LEU D 145 2.73 35.42 17.27
C LEU D 145 2.41 36.21 16.00
N LEU D 146 1.37 35.81 15.29
CA LEU D 146 0.94 36.53 14.07
C LEU D 146 -0.58 36.48 13.83
N ASP D 147 -1.01 37.16 12.78
CA ASP D 147 -2.42 37.18 12.39
C ASP D 147 -2.60 36.41 11.09
N ASN D 148 -3.12 35.20 11.22
CA ASN D 148 -3.18 34.24 10.13
C ASN D 148 -4.01 34.67 8.94
N THR D 149 -4.68 35.81 9.07
CA THR D 149 -5.56 36.26 8.00
C THR D 149 -4.89 36.23 6.62
N LEU D 150 -3.77 36.94 6.47
CA LEU D 150 -3.08 36.92 5.19
C LEU D 150 -2.57 35.52 4.80
N LEU D 151 -2.06 34.79 5.78
CA LEU D 151 -1.59 33.44 5.49
C LEU D 151 -2.66 32.57 4.85
N PHE D 152 -3.84 32.55 5.45
CA PHE D 152 -4.93 31.70 4.96
C PHE D 152 -5.51 32.16 3.65
N HIS D 153 -5.63 33.47 3.45
CA HIS D 153 -6.05 34.01 2.16
C HIS D 153 -5.12 33.57 1.05
N SER D 154 -3.82 33.61 1.35
CA SER D 154 -2.80 33.18 0.40
C SER D 154 -2.93 31.72 0.02
N ILE D 155 -3.00 30.83 1.01
CA ILE D 155 -3.00 29.40 0.71
C ILE D 155 -4.23 28.95 -0.08
N THR D 156 -5.41 29.43 0.33
CA THR D 156 -6.64 29.02 -0.32
C THR D 156 -6.63 29.58 -1.73
N SER D 157 -6.20 30.83 -1.84
CA SER D 157 -6.10 31.48 -3.14
C SER D 157 -5.21 30.75 -4.14
N ASN D 158 -4.00 30.43 -3.72
CA ASN D 158 -3.12 29.69 -4.61
C ASN D 158 -3.84 28.53 -5.28
N ILE D 159 -4.59 27.74 -4.49
CA ILE D 159 -5.34 26.64 -5.06
C ILE D 159 -6.06 27.10 -6.33
N ILE D 160 -6.88 28.12 -6.18
CA ILE D 160 -7.59 28.70 -7.31
C ILE D 160 -6.64 29.05 -8.47
N CYS D 161 -5.44 29.52 -8.12
CA CYS D 161 -4.48 29.94 -9.13
C CYS D 161 -3.92 28.74 -9.88
N SER D 162 -3.58 27.70 -9.12
CA SER D 162 -3.06 26.48 -9.70
C SER D 162 -4.13 25.90 -10.61
N ILE D 163 -5.38 25.96 -10.18
CA ILE D 163 -6.51 25.43 -10.95
C ILE D 163 -6.82 26.26 -12.20
N VAL D 164 -6.55 27.55 -12.16
CA VAL D 164 -6.89 28.39 -13.29
C VAL D 164 -5.75 28.72 -14.24
N PHE D 165 -4.57 29.02 -13.67
CA PHE D 165 -3.43 29.43 -14.45
C PHE D 165 -2.44 28.28 -14.58
N GLY D 166 -2.58 27.27 -13.73
CA GLY D 166 -1.79 26.07 -13.90
C GLY D 166 -0.68 25.83 -12.90
N LYS D 167 -0.30 26.85 -12.14
CA LYS D 167 0.80 26.70 -11.19
C LYS D 167 0.72 27.72 -10.05
N ARG D 168 0.91 27.24 -8.81
CA ARG D 168 0.88 28.11 -7.63
C ARG D 168 1.81 29.34 -7.77
N PHE D 169 1.46 30.41 -7.08
CA PHE D 169 2.33 31.58 -7.02
C PHE D 169 3.22 31.39 -5.81
N ASP D 170 4.33 32.11 -5.76
CA ASP D 170 5.09 32.12 -4.51
C ASP D 170 4.50 33.18 -3.61
N TYR D 171 4.40 32.84 -2.33
CA TYR D 171 3.70 33.70 -1.39
C TYR D 171 4.03 35.18 -1.53
N LYS D 172 5.27 35.50 -1.89
CA LYS D 172 5.62 36.91 -1.99
C LYS D 172 5.72 37.41 -3.43
N ASP D 173 5.24 36.62 -4.39
CA ASP D 173 5.28 37.05 -5.79
C ASP D 173 4.41 38.29 -5.99
N PRO D 174 5.00 39.36 -6.54
CA PRO D 174 4.29 40.61 -6.86
C PRO D 174 2.90 40.40 -7.43
N VAL D 175 2.81 39.74 -8.58
CA VAL D 175 1.51 39.50 -9.21
C VAL D 175 0.49 38.89 -8.26
N PHE D 176 0.91 37.88 -7.50
CA PHE D 176 0.03 37.27 -6.49
C PHE D 176 -0.53 38.33 -5.55
N LEU D 177 0.35 38.94 -4.76
CA LEU D 177 -0.02 40.05 -3.90
C LEU D 177 -0.97 41.04 -4.57
N ARG D 178 -0.63 41.49 -5.79
CA ARG D 178 -1.46 42.48 -6.49
C ARG D 178 -2.91 41.98 -6.67
N LEU D 179 -3.07 40.69 -6.90
CA LEU D 179 -4.42 40.17 -7.07
C LEU D 179 -5.02 39.73 -5.76
N LEU D 180 -4.19 39.30 -4.81
CA LEU D 180 -4.69 39.05 -3.46
C LEU D 180 -5.26 40.38 -2.95
N ASP D 181 -4.69 41.45 -3.46
CA ASP D 181 -5.10 42.79 -3.11
C ASP D 181 -6.41 43.16 -3.79
N LEU D 182 -6.44 43.03 -5.11
CA LEU D 182 -7.66 43.32 -5.84
C LEU D 182 -8.88 42.59 -5.25
N PHE D 183 -8.77 41.27 -5.12
CA PHE D 183 -9.92 40.42 -4.81
C PHE D 183 -10.40 40.41 -3.36
N PHE D 184 -9.55 40.85 -2.43
CA PHE D 184 -9.96 40.93 -1.03
C PHE D 184 -9.87 42.34 -0.46
N GLN D 185 -9.45 43.29 -1.31
CA GLN D 185 -9.39 44.68 -0.88
C GLN D 185 -10.73 45.03 -0.27
N SER D 186 -10.72 45.32 1.02
CA SER D 186 -11.93 45.83 1.66
C SER D 186 -12.12 47.26 1.25
N PHE D 187 -13.34 47.75 1.42
CA PHE D 187 -13.65 49.15 1.27
C PHE D 187 -15.11 49.27 1.63
N SER D 188 -15.44 50.35 2.32
CA SER D 188 -16.77 50.47 2.88
C SER D 188 -17.48 51.70 2.36
N LEU D 189 -18.81 51.59 2.28
CA LEU D 189 -19.64 52.74 2.00
C LEU D 189 -20.46 53.12 3.21
N ILE D 190 -20.80 54.40 3.31
CA ILE D 190 -21.35 54.95 4.54
C ILE D 190 -22.76 55.51 4.39
N SER D 191 -23.57 55.29 5.40
CA SER D 191 -24.98 55.65 5.31
C SER D 191 -25.52 56.11 6.66
N SER D 192 -26.43 57.10 6.60
CA SER D 192 -27.13 57.58 7.78
C SER D 192 -28.48 56.91 7.81
N PHE D 193 -29.09 56.83 8.99
CA PHE D 193 -30.42 56.23 9.12
C PHE D 193 -31.40 56.96 8.19
N SER D 194 -31.22 58.25 8.02
CA SER D 194 -32.13 59.05 7.23
C SER D 194 -31.94 58.73 5.76
N SER D 195 -30.69 58.83 5.31
CA SER D 195 -30.32 58.46 3.96
C SER D 195 -30.95 57.12 3.55
N GLN D 196 -31.07 56.21 4.50
CA GLN D 196 -31.62 54.89 4.21
C GLN D 196 -33.16 54.93 4.06
N VAL D 197 -33.83 55.51 5.05
CA VAL D 197 -35.29 55.59 4.96
C VAL D 197 -35.66 56.25 3.66
N PHE D 198 -34.87 57.23 3.25
CA PHE D 198 -35.12 57.90 1.98
C PHE D 198 -34.97 56.94 0.80
N GLU D 199 -33.86 56.19 0.75
CA GLU D 199 -33.67 55.16 -0.27
C GLU D 199 -34.94 54.30 -0.40
N LEU D 200 -35.39 53.75 0.72
CA LEU D 200 -36.61 52.93 0.75
C LEU D 200 -37.79 53.64 0.10
N PHE D 201 -37.78 54.97 0.15
CA PHE D 201 -38.88 55.75 -0.36
C PHE D 201 -38.68 56.10 -1.84
N SER D 202 -37.45 55.95 -2.32
CA SER D 202 -37.09 56.25 -3.69
C SER D 202 -37.38 55.05 -4.56
N GLY D 203 -37.13 53.89 -3.95
CA GLY D 203 -37.20 52.62 -4.63
C GLY D 203 -35.83 52.25 -5.14
N PHE D 204 -34.84 53.10 -4.83
CA PHE D 204 -33.47 52.92 -5.29
C PHE D 204 -32.45 53.00 -4.15
N LEU D 205 -31.51 52.06 -4.09
CA LEU D 205 -30.42 52.15 -3.11
C LEU D 205 -29.38 53.19 -3.54
N LYS D 206 -28.69 53.76 -2.57
CA LYS D 206 -27.58 54.67 -2.83
C LYS D 206 -26.45 53.99 -3.65
N TYR D 207 -25.97 52.88 -3.11
CA TYR D 207 -24.90 52.04 -3.64
C TYR D 207 -25.22 50.76 -4.38
N PHE D 208 -24.55 50.58 -5.51
CA PHE D 208 -24.68 49.41 -6.34
C PHE D 208 -23.31 48.85 -6.38
N PRO D 209 -23.21 47.55 -6.29
CA PRO D 209 -21.94 46.87 -6.25
C PRO D 209 -21.09 47.03 -7.44
N GLY D 210 -19.83 47.34 -7.25
CA GLY D 210 -18.90 47.47 -8.33
C GLY D 210 -18.93 48.80 -9.00
N THR D 211 -19.97 49.59 -8.75
CA THR D 211 -20.03 50.93 -9.34
C THR D 211 -18.87 51.69 -8.75
N HIS D 212 -18.58 51.38 -7.51
CA HIS D 212 -17.54 52.03 -6.77
C HIS D 212 -16.19 51.87 -7.42
N ARG D 213 -15.34 52.84 -7.15
CA ARG D 213 -14.02 52.88 -7.68
C ARG D 213 -13.14 52.80 -6.46
N GLN D 214 -12.27 51.79 -6.42
CA GLN D 214 -12.19 50.83 -7.51
C GLN D 214 -10.87 50.06 -7.77
N ILE D 215 -9.81 50.36 -7.03
CA ILE D 215 -8.60 49.59 -7.27
C ILE D 215 -8.36 49.54 -8.76
N TYR D 216 -8.86 50.54 -9.47
CA TYR D 216 -8.71 50.58 -10.90
C TYR D 216 -7.36 50.14 -11.39
N ARG D 217 -6.29 50.58 -10.75
CA ARG D 217 -4.99 50.14 -11.22
C ARG D 217 -4.87 48.65 -11.16
N ASN D 218 -5.23 48.03 -10.04
CA ASN D 218 -5.15 46.59 -9.94
C ASN D 218 -6.08 45.85 -10.84
N LEU D 219 -7.33 46.31 -10.91
CA LEU D 219 -8.11 45.48 -11.78
C LEU D 219 -7.49 45.51 -13.17
N GLN D 220 -7.04 46.69 -13.59
CA GLN D 220 -6.42 46.87 -14.90
C GLN D 220 -5.18 46.06 -15.12
N GLU D 221 -4.34 45.98 -14.11
CA GLU D 221 -3.11 45.23 -14.24
C GLU D 221 -3.43 43.79 -14.46
N ILE D 222 -4.42 43.26 -13.74
CA ILE D 222 -4.77 41.86 -13.91
C ILE D 222 -5.33 41.51 -15.28
N ASN D 223 -6.25 42.33 -15.71
CA ASN D 223 -6.92 42.17 -16.97
C ASN D 223 -5.84 42.04 -17.98
N THR D 224 -4.80 42.85 -17.82
CA THR D 224 -3.68 42.83 -18.73
C THR D 224 -2.96 41.53 -18.67
N PHE D 225 -2.80 41.06 -17.46
CA PHE D 225 -2.15 39.84 -17.14
C PHE D 225 -2.84 38.60 -17.57
N ILE D 226 -4.12 38.56 -17.38
CA ILE D 226 -4.77 37.32 -17.71
C ILE D 226 -4.42 37.22 -19.18
N GLY D 227 -4.60 38.31 -19.91
CA GLY D 227 -4.22 38.36 -21.31
C GLY D 227 -2.92 37.64 -21.55
N GLN D 228 -1.89 38.02 -20.80
CA GLN D 228 -0.56 37.43 -20.91
C GLN D 228 -0.56 35.90 -20.73
N SER D 229 -1.18 35.43 -19.64
CA SER D 229 -1.26 34.00 -19.37
C SER D 229 -2.00 33.25 -20.47
N VAL D 230 -3.04 33.87 -21.00
CA VAL D 230 -3.76 33.26 -22.09
C VAL D 230 -2.85 33.17 -23.31
N GLU D 231 -2.16 34.25 -23.62
CA GLU D 231 -1.15 34.27 -24.68
C GLU D 231 -0.19 33.11 -24.54
N LYS D 232 0.57 33.11 -23.44
CA LYS D 232 1.50 32.03 -23.16
C LYS D 232 0.80 30.69 -23.36
N HIS D 233 -0.28 30.46 -22.61
CA HIS D 233 -1.08 29.25 -22.76
C HIS D 233 -1.36 28.92 -24.22
N ARG D 234 -1.89 29.88 -24.95
CA ARG D 234 -2.26 29.68 -26.33
C ARG D 234 -1.09 29.07 -27.08
N ALA D 235 0.03 29.74 -27.05
CA ALA D 235 1.16 29.23 -27.76
C ALA D 235 1.53 27.82 -27.38
N THR D 236 1.59 27.51 -26.10
CA THR D 236 1.97 26.16 -25.75
C THR D 236 0.92 25.12 -25.47
N LEU D 237 -0.36 25.48 -25.54
CA LEU D 237 -1.44 24.54 -25.25
C LEU D 237 -1.72 23.41 -26.22
N ASP D 238 -2.19 22.29 -25.67
CA ASP D 238 -2.54 21.13 -26.45
C ASP D 238 -3.50 20.23 -25.73
N PRO D 239 -4.10 19.35 -26.50
CA PRO D 239 -5.04 18.37 -25.96
C PRO D 239 -4.27 17.12 -26.33
N SER D 240 -4.58 15.93 -25.83
CA SER D 240 -5.69 15.74 -24.94
C SER D 240 -4.92 15.92 -23.66
N ASN D 241 -4.42 17.11 -23.48
CA ASN D 241 -3.68 17.46 -22.31
C ASN D 241 -3.91 18.93 -22.09
N PRO D 242 -5.09 19.30 -21.65
CA PRO D 242 -5.38 20.69 -21.35
C PRO D 242 -5.00 20.88 -19.92
N ARG D 243 -3.94 21.64 -19.67
CA ARG D 243 -3.34 21.67 -18.36
C ARG D 243 -4.18 22.24 -17.19
N ASP D 244 -4.95 23.28 -17.48
CA ASP D 244 -5.56 24.13 -16.48
C ASP D 244 -6.80 24.73 -17.09
N PHE D 245 -7.59 25.42 -16.30
CA PHE D 245 -8.85 25.99 -16.76
C PHE D 245 -8.73 27.00 -17.86
N ILE D 246 -7.59 27.61 -18.03
CA ILE D 246 -7.52 28.49 -19.15
C ILE D 246 -7.67 27.77 -20.47
N ASP D 247 -7.01 26.64 -20.67
CA ASP D 247 -7.07 26.02 -21.97
C ASP D 247 -8.47 25.61 -22.23
N VAL D 248 -9.08 25.09 -21.19
CA VAL D 248 -10.36 24.53 -21.34
C VAL D 248 -11.07 25.70 -21.93
N TYR D 249 -10.76 26.89 -21.47
CA TYR D 249 -11.38 28.05 -22.10
C TYR D 249 -10.97 28.10 -23.57
N LEU D 250 -9.66 28.08 -23.81
CA LEU D 250 -9.15 28.15 -25.17
C LEU D 250 -9.78 27.11 -26.09
N LEU D 251 -10.05 25.93 -25.53
CA LEU D 251 -10.67 24.85 -26.30
C LEU D 251 -12.14 25.13 -26.65
N ARG D 252 -12.94 25.50 -25.66
CA ARG D 252 -14.33 25.91 -25.92
C ARG D 252 -14.36 27.09 -26.90
N MET D 253 -13.35 27.96 -26.80
CA MET D 253 -13.21 29.06 -27.75
C MET D 253 -12.91 28.52 -29.14
N GLU D 254 -11.82 27.76 -29.27
CA GLU D 254 -11.40 27.23 -30.58
C GLU D 254 -12.50 26.38 -31.20
N LYS D 255 -13.34 25.79 -30.37
CA LYS D 255 -14.48 25.00 -30.85
C LYS D 255 -15.65 25.90 -31.30
N ASP D 256 -15.63 27.17 -30.91
CA ASP D 256 -16.59 28.15 -31.43
C ASP D 256 -16.51 29.49 -30.69
N HIS D 266 -13.45 37.66 -24.21
CA HIS D 266 -12.13 37.11 -24.00
C HIS D 266 -11.68 37.29 -22.55
N GLN D 267 -10.57 37.99 -22.36
CA GLN D 267 -9.95 38.20 -21.05
C GLN D 267 -10.95 38.51 -19.93
N ASN D 268 -12.18 38.82 -20.33
CA ASN D 268 -13.17 39.34 -19.42
C ASN D 268 -13.97 38.24 -18.76
N LEU D 269 -14.45 37.28 -19.56
CA LEU D 269 -15.14 36.15 -18.99
C LEU D 269 -14.28 35.51 -17.88
N ILE D 270 -13.00 35.27 -18.18
CA ILE D 270 -12.11 34.63 -17.23
C ILE D 270 -12.14 35.38 -15.91
N LEU D 271 -12.00 36.70 -16.02
CA LEU D 271 -11.96 37.57 -14.86
C LEU D 271 -13.13 37.25 -13.96
N THR D 272 -14.31 37.18 -14.58
CA THR D 272 -15.56 36.97 -13.87
C THR D 272 -15.60 35.65 -13.12
N VAL D 273 -15.20 34.60 -13.82
CA VAL D 273 -15.04 33.31 -13.19
C VAL D 273 -14.08 33.44 -12.01
N LEU D 274 -12.90 33.98 -12.30
CA LEU D 274 -11.86 34.18 -11.31
C LEU D 274 -12.42 34.85 -10.06
N SER D 275 -13.16 35.93 -10.28
CA SER D 275 -13.76 36.66 -9.19
C SER D 275 -14.68 35.77 -8.39
N LEU D 276 -15.64 35.15 -9.08
CA LEU D 276 -16.54 34.21 -8.44
C LEU D 276 -15.76 33.23 -7.57
N PHE D 277 -14.77 32.57 -8.17
CA PHE D 277 -13.92 31.63 -7.44
C PHE D 277 -13.32 32.24 -6.18
N PHE D 278 -12.87 33.49 -6.28
CA PHE D 278 -12.28 34.14 -5.12
C PHE D 278 -13.31 34.47 -4.05
N ALA D 279 -14.48 34.91 -4.48
CA ALA D 279 -15.57 35.16 -3.55
C ALA D 279 -15.73 33.95 -2.65
N GLY D 280 -15.56 32.78 -3.25
CA GLY D 280 -15.70 31.54 -2.53
C GLY D 280 -14.50 31.26 -1.64
N THR D 281 -13.30 31.40 -2.22
CA THR D 281 -12.08 31.08 -1.49
C THR D 281 -12.07 31.86 -0.18
N GLU D 282 -12.53 33.10 -0.27
CA GLU D 282 -12.55 34.00 0.87
C GLU D 282 -13.33 33.38 2.02
N THR D 283 -14.40 32.67 1.69
CA THR D 283 -15.18 32.01 2.71
C THR D 283 -14.41 30.83 3.30
N THR D 284 -13.70 30.13 2.43
CA THR D 284 -12.86 29.03 2.83
C THR D 284 -11.81 29.49 3.82
N SER D 285 -11.19 30.62 3.50
CA SER D 285 -10.14 31.16 4.34
C SER D 285 -10.69 31.46 5.72
N THR D 286 -11.85 32.09 5.74
CA THR D 286 -12.44 32.51 6.99
C THR D 286 -12.83 31.28 7.77
N THR D 287 -13.33 30.26 7.09
CA THR D 287 -13.71 29.02 7.76
C THR D 287 -12.52 28.46 8.51
N LEU D 288 -11.34 28.57 7.92
CA LEU D 288 -10.12 28.19 8.62
C LEU D 288 -9.81 29.11 9.82
N ARG D 289 -9.77 30.42 9.55
CA ARG D 289 -9.48 31.38 10.61
C ARG D 289 -10.34 31.07 11.80
N TYR D 290 -11.64 30.90 11.54
CA TYR D 290 -12.58 30.63 12.62
C TYR D 290 -12.25 29.30 13.29
N GLY D 291 -11.99 28.30 12.46
CA GLY D 291 -11.69 26.98 12.97
C GLY D 291 -10.54 27.03 13.95
N PHE D 292 -9.48 27.75 13.60
CA PHE D 292 -8.30 27.75 14.44
C PHE D 292 -8.52 28.45 15.79
N LEU D 293 -9.13 29.62 15.75
CA LEU D 293 -9.51 30.31 16.97
C LEU D 293 -10.31 29.37 17.87
N LEU D 294 -11.28 28.70 17.27
CA LEU D 294 -12.14 27.78 17.98
C LEU D 294 -11.26 26.79 18.73
N MET D 295 -10.33 26.19 18.00
CA MET D 295 -9.42 25.20 18.59
C MET D 295 -8.54 25.79 19.71
N LEU D 296 -8.24 27.08 19.63
CA LEU D 296 -7.53 27.75 20.69
C LEU D 296 -8.36 27.73 21.98
N LYS D 297 -9.66 27.95 21.86
CA LYS D 297 -10.52 27.92 23.02
C LYS D 297 -10.70 26.50 23.59
N TYR D 298 -10.47 25.48 22.76
CA TYR D 298 -10.76 24.10 23.16
C TYR D 298 -9.62 23.12 22.88
N PRO D 299 -8.49 23.28 23.59
CA PRO D 299 -7.24 22.55 23.29
C PRO D 299 -7.36 21.04 23.43
N HIS D 300 -8.23 20.59 24.32
CA HIS D 300 -8.47 19.17 24.49
C HIS D 300 -9.05 18.51 23.22
N VAL D 301 -9.73 19.30 22.40
CA VAL D 301 -10.21 18.81 21.12
C VAL D 301 -9.04 18.71 20.14
N THR D 302 -8.28 19.80 20.06
CA THR D 302 -7.09 19.84 19.22
C THR D 302 -6.19 18.64 19.53
N GLU D 303 -6.05 18.34 20.82
CA GLU D 303 -5.29 17.18 21.27
C GLU D 303 -5.84 15.90 20.63
N ARG D 304 -7.15 15.67 20.79
CA ARG D 304 -7.77 14.47 20.20
C ARG D 304 -7.46 14.40 18.72
N VAL D 305 -7.65 15.49 18.03
CA VAL D 305 -7.39 15.52 16.60
C VAL D 305 -5.93 15.16 16.30
N GLN D 306 -4.99 15.75 17.04
CA GLN D 306 -3.57 15.45 16.87
C GLN D 306 -3.30 13.97 17.11
N LYS D 307 -4.07 13.41 18.05
CA LYS D 307 -3.98 12.00 18.34
C LYS D 307 -4.48 11.15 17.15
N GLU D 308 -5.73 11.34 16.73
CA GLU D 308 -6.23 10.61 15.57
C GLU D 308 -5.27 10.73 14.39
N ILE D 309 -4.70 11.90 14.20
CA ILE D 309 -3.73 12.12 13.15
C ILE D 309 -2.57 11.14 13.27
N GLU D 310 -2.02 11.04 14.46
CA GLU D 310 -0.89 10.13 14.71
C GLU D 310 -1.31 8.68 14.63
N GLN D 311 -2.56 8.39 15.00
CA GLN D 311 -3.08 7.02 14.96
C GLN D 311 -3.39 6.52 13.55
N VAL D 312 -3.51 7.42 12.58
CA VAL D 312 -3.97 7.00 11.26
C VAL D 312 -3.01 7.40 10.15
N ILE D 313 -2.49 8.61 10.24
CA ILE D 313 -1.54 9.09 9.25
C ILE D 313 -0.12 9.00 9.77
N GLY D 314 0.01 8.82 11.08
CA GLY D 314 1.31 8.74 11.70
C GLY D 314 2.05 10.05 11.58
N SER D 315 3.38 9.98 11.58
CA SER D 315 4.16 11.18 11.69
C SER D 315 5.05 11.37 10.49
N HIS D 316 5.01 10.41 9.57
CA HIS D 316 6.04 10.38 8.55
C HIS D 316 5.56 10.56 7.13
N ARG D 317 4.25 10.72 6.95
CA ARG D 317 3.71 11.11 5.64
C ARG D 317 2.69 12.22 5.76
N PRO D 318 2.50 13.00 4.68
CA PRO D 318 1.50 14.07 4.66
C PRO D 318 0.10 13.49 4.69
N PRO D 319 -0.84 14.22 5.32
CA PRO D 319 -2.20 13.71 5.32
C PRO D 319 -2.69 13.70 3.88
N ALA D 320 -3.56 12.76 3.56
CA ALA D 320 -4.10 12.65 2.22
C ALA D 320 -5.60 12.44 2.28
N LEU D 321 -6.28 12.84 1.22
CA LEU D 321 -7.72 12.94 1.22
C LEU D 321 -8.36 11.64 1.70
N ASP D 322 -7.75 10.53 1.31
CA ASP D 322 -8.30 9.23 1.65
C ASP D 322 -8.30 8.99 3.14
N ASP D 323 -7.49 9.77 3.87
CA ASP D 323 -7.41 9.60 5.31
C ASP D 323 -8.71 10.00 6.02
N ARG D 324 -9.37 11.02 5.49
CA ARG D 324 -10.57 11.56 6.12
C ARG D 324 -11.52 10.44 6.48
N ALA D 325 -11.60 9.44 5.61
CA ALA D 325 -12.47 8.29 5.81
C ALA D 325 -12.18 7.57 7.14
N LYS D 326 -10.89 7.41 7.43
CA LYS D 326 -10.48 6.66 8.60
C LYS D 326 -10.27 7.57 9.82
N MET D 327 -10.82 8.78 9.78
CA MET D 327 -10.63 9.74 10.86
C MET D 327 -11.91 10.47 11.28
N PRO D 328 -12.89 9.72 11.79
CA PRO D 328 -14.19 10.29 12.15
C PRO D 328 -14.06 11.56 12.99
N TYR D 329 -13.34 11.48 14.12
CA TYR D 329 -13.32 12.61 15.04
C TYR D 329 -13.02 13.92 14.29
N THR D 330 -11.87 13.94 13.63
CA THR D 330 -11.40 15.12 12.92
C THR D 330 -12.42 15.65 11.92
N ASP D 331 -13.07 14.74 11.20
CA ASP D 331 -14.11 15.12 10.25
C ASP D 331 -15.23 15.79 11.01
N ALA D 332 -15.75 15.06 12.01
CA ALA D 332 -16.82 15.56 12.86
C ALA D 332 -16.51 16.95 13.39
N VAL D 333 -15.26 17.15 13.76
CA VAL D 333 -14.81 18.44 14.27
C VAL D 333 -14.93 19.53 13.17
N ILE D 334 -14.35 19.26 12.01
CA ILE D 334 -14.43 20.20 10.90
C ILE D 334 -15.90 20.51 10.57
N HIS D 335 -16.72 19.47 10.50
CA HIS D 335 -18.16 19.68 10.31
C HIS D 335 -18.70 20.68 11.33
N GLU D 336 -18.38 20.39 12.59
CA GLU D 336 -18.80 21.20 13.69
C GLU D 336 -18.31 22.64 13.48
N ILE D 337 -17.11 22.79 12.92
CA ILE D 337 -16.60 24.14 12.68
C ILE D 337 -17.43 24.89 11.65
N GLN D 338 -17.74 24.23 10.54
CA GLN D 338 -18.56 24.87 9.55
C GLN D 338 -19.93 25.21 10.11
N ARG D 339 -20.46 24.29 10.92
CA ARG D 339 -21.78 24.48 11.53
C ARG D 339 -21.81 25.74 12.36
N LEU D 340 -21.03 25.76 13.44
CA LEU D 340 -20.94 26.94 14.33
C LEU D 340 -20.54 28.25 13.64
N GLY D 341 -19.55 28.16 12.74
CA GLY D 341 -19.07 29.30 11.97
C GLY D 341 -20.17 30.02 11.21
N ASP D 342 -20.98 29.27 10.45
CA ASP D 342 -22.23 29.78 9.88
C ASP D 342 -21.96 31.05 9.08
N LEU D 343 -21.06 30.97 8.11
CA LEU D 343 -20.56 32.18 7.46
C LEU D 343 -21.57 32.80 6.52
N ILE D 344 -22.59 32.04 6.17
CA ILE D 344 -23.58 32.56 5.23
C ILE D 344 -24.95 32.27 5.79
N PRO D 345 -25.33 33.03 6.82
CA PRO D 345 -26.41 32.70 7.74
C PRO D 345 -27.72 32.76 7.01
N PHE D 346 -27.77 33.62 6.00
CA PHE D 346 -29.02 33.85 5.33
C PHE D 346 -29.14 33.00 4.09
N GLY D 347 -28.04 32.36 3.73
CA GLY D 347 -27.97 31.70 2.45
C GLY D 347 -27.94 32.78 1.38
N VAL D 348 -27.93 32.35 0.14
CA VAL D 348 -28.01 33.28 -0.97
C VAL D 348 -29.45 33.23 -1.45
N PRO D 349 -30.14 34.39 -1.36
CA PRO D 349 -31.53 34.59 -1.77
C PRO D 349 -31.75 34.08 -3.17
N HIS D 350 -32.88 33.40 -3.34
CA HIS D 350 -33.29 32.93 -4.64
C HIS D 350 -34.63 33.55 -4.99
N THR D 351 -35.15 33.11 -6.13
CA THR D 351 -36.27 33.75 -6.80
C THR D 351 -37.12 32.63 -7.37
N VAL D 352 -38.33 32.47 -6.88
CA VAL D 352 -39.18 31.39 -7.38
C VAL D 352 -39.42 31.51 -8.90
N THR D 353 -39.35 30.38 -9.60
CA THR D 353 -39.40 30.39 -11.06
C THR D 353 -40.81 30.19 -11.59
N LYS D 354 -41.58 29.36 -10.91
CA LYS D 354 -42.95 29.01 -11.33
C LYS D 354 -43.93 29.25 -10.16
N ASP D 355 -45.16 29.70 -10.42
CA ASP D 355 -46.16 29.74 -9.34
C ASP D 355 -46.09 28.38 -8.67
N THR D 356 -46.00 28.34 -7.34
CA THR D 356 -45.76 27.07 -6.66
C THR D 356 -46.57 26.85 -5.41
N GLN D 357 -46.86 25.58 -5.17
CA GLN D 357 -47.54 25.13 -3.95
C GLN D 357 -46.52 24.57 -2.96
N PHE D 358 -46.32 25.26 -1.84
CA PHE D 358 -45.29 24.88 -0.86
C PHE D 358 -45.83 24.82 0.56
N ARG D 359 -45.63 23.68 1.21
CA ARG D 359 -46.08 23.49 2.58
C ARG D 359 -47.47 24.07 2.81
N GLY D 360 -48.38 23.78 1.89
CA GLY D 360 -49.76 24.18 2.07
C GLY D 360 -49.93 25.69 2.01
N TYR D 361 -48.97 26.36 1.38
CA TYR D 361 -49.15 27.75 0.99
C TYR D 361 -48.90 27.90 -0.50
N VAL D 362 -49.05 29.12 -0.96
CA VAL D 362 -48.81 29.41 -2.37
C VAL D 362 -47.61 30.32 -2.47
N ILE D 363 -46.74 30.08 -3.42
CA ILE D 363 -45.74 31.09 -3.69
C ILE D 363 -45.69 31.42 -5.17
N PRO D 364 -46.00 32.68 -5.49
CA PRO D 364 -46.08 33.23 -6.85
C PRO D 364 -44.73 33.30 -7.55
N LYS D 365 -44.69 32.99 -8.83
CA LYS D 365 -43.46 33.14 -9.60
C LYS D 365 -42.88 34.51 -9.33
N ASN D 366 -41.58 34.53 -9.06
CA ASN D 366 -40.80 35.75 -8.90
C ASN D 366 -40.81 36.31 -7.49
N THR D 367 -41.27 35.52 -6.53
CA THR D 367 -41.20 35.90 -5.14
C THR D 367 -39.75 35.73 -4.73
N GLU D 368 -39.23 36.66 -3.96
CA GLU D 368 -37.88 36.52 -3.44
C GLU D 368 -37.92 35.63 -2.20
N VAL D 369 -36.91 34.76 -2.06
CA VAL D 369 -36.91 33.80 -0.95
C VAL D 369 -35.57 33.63 -0.23
N PHE D 370 -35.60 33.71 1.10
CA PHE D 370 -34.42 33.41 1.93
C PHE D 370 -34.47 31.98 2.50
N PRO D 371 -33.50 31.13 2.10
CA PRO D 371 -33.29 29.85 2.79
C PRO D 371 -32.27 30.15 3.88
N VAL D 372 -32.78 30.43 5.08
CA VAL D 372 -31.93 30.91 6.16
C VAL D 372 -31.07 29.77 6.68
N LEU D 373 -29.97 29.52 5.96
CA LEU D 373 -29.12 28.39 6.27
C LEU D 373 -28.89 28.24 7.77
N SER D 374 -28.73 29.37 8.45
CA SER D 374 -28.42 29.38 9.87
C SER D 374 -29.48 28.63 10.66
N SER D 375 -30.74 28.80 10.25
CA SER D 375 -31.88 28.22 10.96
C SER D 375 -31.83 26.69 10.90
N ALA D 376 -31.06 26.17 9.95
CA ALA D 376 -30.89 24.73 9.82
C ALA D 376 -29.65 24.30 10.61
N LEU D 377 -28.57 25.06 10.46
CA LEU D 377 -27.31 24.69 11.06
C LEU D 377 -27.44 24.74 12.55
N HIS D 378 -28.46 25.44 13.03
CA HIS D 378 -28.74 25.51 14.44
C HIS D 378 -30.08 24.87 14.78
N ASP D 379 -30.59 24.03 13.88
CA ASP D 379 -31.90 23.42 14.09
C ASP D 379 -31.83 22.37 15.20
N PRO D 380 -32.57 22.62 16.30
CA PRO D 380 -32.71 21.74 17.47
C PRO D 380 -33.12 20.34 17.10
N ARG D 381 -34.02 20.20 16.14
CA ARG D 381 -34.45 18.88 15.73
C ARG D 381 -33.29 18.04 15.15
N TYR D 382 -32.11 18.67 14.99
CA TYR D 382 -30.95 17.97 14.41
C TYR D 382 -29.65 18.15 15.18
N PHE D 383 -29.62 19.07 16.13
CA PHE D 383 -28.38 19.28 16.87
C PHE D 383 -28.62 19.36 18.38
N GLU D 384 -28.25 18.30 19.08
CA GLU D 384 -28.43 18.24 20.52
C GLU D 384 -28.13 19.59 21.19
N THR D 385 -27.06 20.26 20.79
CA THR D 385 -26.70 21.54 21.42
C THR D 385 -26.30 22.59 20.40
N PRO D 386 -27.31 23.17 19.76
CA PRO D 386 -27.16 23.96 18.53
C PRO D 386 -26.12 25.06 18.69
N ASN D 387 -25.87 25.46 19.93
CA ASN D 387 -25.07 26.65 20.14
C ASN D 387 -23.74 26.42 20.81
N THR D 388 -23.48 25.17 21.16
CA THR D 388 -22.18 24.84 21.71
C THR D 388 -21.41 23.97 20.74
N PHE D 389 -20.09 24.13 20.74
CA PHE D 389 -19.24 23.31 19.90
C PHE D 389 -19.39 21.85 20.32
N ASN D 390 -19.80 20.98 19.40
CA ASN D 390 -20.11 19.61 19.78
C ASN D 390 -19.99 18.56 18.65
N PRO D 391 -18.79 17.99 18.49
CA PRO D 391 -18.57 16.94 17.48
C PRO D 391 -19.52 15.73 17.58
N GLY D 392 -20.16 15.57 18.73
CA GLY D 392 -21.10 14.48 18.90
C GLY D 392 -22.25 14.60 17.93
N HIS D 393 -22.50 15.84 17.50
CA HIS D 393 -23.50 16.08 16.49
C HIS D 393 -23.33 15.10 15.32
N PHE D 394 -22.07 14.85 14.96
CA PHE D 394 -21.79 14.09 13.76
C PHE D 394 -21.19 12.72 14.04
N LEU D 395 -21.47 12.17 15.22
CA LEU D 395 -20.96 10.85 15.56
C LEU D 395 -22.03 9.98 16.20
N ASP D 396 -22.00 8.68 15.89
CA ASP D 396 -22.93 7.72 16.51
C ASP D 396 -22.35 7.17 17.81
N ALA D 397 -23.03 6.17 18.37
CA ALA D 397 -22.57 5.56 19.61
C ALA D 397 -21.18 4.95 19.43
N ASN D 398 -20.99 4.18 18.37
CA ASN D 398 -19.70 3.56 18.09
C ASN D 398 -18.60 4.56 17.74
N GLY D 399 -18.97 5.79 17.40
CA GLY D 399 -17.99 6.83 17.16
C GLY D 399 -17.58 7.04 15.70
N ALA D 400 -18.43 6.59 14.78
CA ALA D 400 -18.20 6.84 13.36
C ALA D 400 -18.98 8.06 12.88
N LEU D 401 -18.57 8.59 11.74
CA LEU D 401 -19.26 9.72 11.14
C LEU D 401 -20.71 9.33 10.91
N LYS D 402 -21.64 10.21 11.28
CA LYS D 402 -23.06 9.98 11.03
C LYS D 402 -23.68 11.13 10.23
N ARG D 403 -24.56 10.84 9.27
CA ARG D 403 -25.17 11.92 8.49
C ARG D 403 -26.07 12.73 9.40
N ASN D 404 -25.98 14.05 9.26
CA ASN D 404 -26.90 14.94 9.95
C ASN D 404 -27.56 15.86 8.91
N GLU D 405 -28.87 15.72 8.77
CA GLU D 405 -29.55 16.41 7.67
C GLU D 405 -29.46 17.93 7.78
N GLY D 406 -29.29 18.43 9.01
CA GLY D 406 -29.20 19.86 9.25
C GLY D 406 -27.92 20.51 8.73
N PHE D 407 -26.95 19.72 8.38
CA PHE D 407 -25.69 20.25 7.92
C PHE D 407 -25.84 20.63 6.50
N MET D 408 -26.04 21.91 6.24
CA MET D 408 -26.18 22.38 4.89
C MET D 408 -25.44 23.65 4.62
N PRO D 409 -24.22 23.79 5.06
CA PRO D 409 -23.51 25.03 4.86
C PRO D 409 -23.26 25.34 3.44
N PHE D 410 -23.47 24.43 2.53
CA PHE D 410 -23.21 24.74 1.14
C PHE D 410 -24.51 24.90 0.42
N SER D 411 -25.60 24.80 1.12
CA SER D 411 -26.87 24.99 0.47
C SER D 411 -27.15 23.66 -0.10
N LEU D 412 -28.21 23.56 -0.87
CA LEU D 412 -28.55 22.31 -1.45
C LEU D 412 -29.33 22.62 -2.66
N GLY D 413 -29.41 21.66 -3.55
CA GLY D 413 -30.24 21.82 -4.73
C GLY D 413 -29.52 22.30 -5.97
N LYS D 414 -30.29 22.75 -6.96
CA LYS D 414 -29.75 23.02 -8.27
C LYS D 414 -28.54 23.95 -8.20
N ARG D 415 -28.53 24.83 -7.19
CA ARG D 415 -27.51 25.87 -7.11
C ARG D 415 -26.50 25.70 -5.98
N ILE D 416 -26.47 24.52 -5.38
CA ILE D 416 -25.50 24.20 -4.34
C ILE D 416 -24.07 24.57 -4.74
N CYS D 417 -23.26 24.99 -3.75
CA CYS D 417 -21.93 25.52 -4.02
C CYS D 417 -21.14 24.74 -5.07
N LEU D 418 -20.64 25.48 -6.05
CA LEU D 418 -19.88 24.91 -7.14
C LEU D 418 -18.53 24.52 -6.60
N GLY D 419 -18.15 25.19 -5.53
CA GLY D 419 -16.86 24.92 -4.93
C GLY D 419 -16.87 23.88 -3.82
N GLU D 420 -18.02 23.26 -3.54
CA GLU D 420 -18.09 22.42 -2.34
C GLU D 420 -16.94 21.47 -2.29
N GLY D 421 -16.69 20.80 -3.42
CA GLY D 421 -15.63 19.82 -3.49
C GLY D 421 -14.27 20.36 -3.10
N ILE D 422 -13.82 21.37 -3.85
CA ILE D 422 -12.54 21.99 -3.60
C ILE D 422 -12.48 22.44 -2.16
N ALA D 423 -13.44 23.26 -1.78
CA ALA D 423 -13.43 23.85 -0.44
C ALA D 423 -13.22 22.81 0.66
N ARG D 424 -14.03 21.76 0.62
CA ARG D 424 -14.01 20.82 1.72
C ARG D 424 -12.69 20.09 1.75
N THR D 425 -12.12 19.91 0.57
CA THR D 425 -10.82 19.26 0.46
C THR D 425 -9.72 20.18 1.00
N GLU D 426 -9.83 21.47 0.69
CA GLU D 426 -8.95 22.49 1.25
C GLU D 426 -9.00 22.45 2.79
N LEU D 427 -10.21 22.24 3.33
CA LEU D 427 -10.42 22.31 4.76
C LEU D 427 -9.83 21.13 5.50
N PHE D 428 -9.95 19.95 4.91
CA PHE D 428 -9.47 18.77 5.60
C PHE D 428 -7.97 18.71 5.61
N LEU D 429 -7.38 18.91 4.43
CA LEU D 429 -5.94 18.86 4.25
C LEU D 429 -5.19 19.98 4.99
N PHE D 430 -5.61 21.22 4.73
CA PHE D 430 -5.00 22.36 5.37
C PHE D 430 -5.06 22.22 6.89
N PHE D 431 -6.24 21.85 7.39
CA PHE D 431 -6.41 21.63 8.83
C PHE D 431 -5.45 20.56 9.39
N THR D 432 -5.52 19.34 8.86
CA THR D 432 -4.78 18.24 9.45
C THR D 432 -3.28 18.45 9.30
N THR D 433 -2.84 18.75 8.09
CA THR D 433 -1.41 18.96 7.86
C THR D 433 -0.85 19.91 8.90
N ILE D 434 -1.56 21.01 9.12
CA ILE D 434 -1.11 21.98 10.11
C ILE D 434 -0.99 21.36 11.50
N LEU D 435 -2.09 20.81 12.00
CA LEU D 435 -2.10 20.20 13.34
C LEU D 435 -1.14 19.02 13.45
N GLN D 436 -0.71 18.50 12.31
CA GLN D 436 0.23 17.39 12.32
C GLN D 436 1.61 17.89 12.65
N ASN D 437 1.98 19.02 12.05
CA ASN D 437 3.34 19.52 12.21
C ASN D 437 3.54 20.58 13.29
N PHE D 438 2.45 21.19 13.74
CA PHE D 438 2.55 22.18 14.79
C PHE D 438 1.50 21.97 15.85
N SER D 439 1.70 22.63 16.99
CA SER D 439 0.64 22.81 17.97
C SER D 439 0.46 24.32 18.07
N ILE D 440 -0.61 24.75 18.73
CA ILE D 440 -0.95 26.17 18.71
C ILE D 440 -1.13 26.75 20.09
N ALA D 441 -0.81 28.03 20.22
CA ALA D 441 -0.96 28.73 21.48
C ALA D 441 -1.29 30.20 21.26
N SER D 442 -1.82 30.85 22.29
CA SER D 442 -2.09 32.28 22.22
C SER D 442 -1.89 32.95 23.57
N PRO D 443 -1.77 34.29 23.58
CA PRO D 443 -1.75 35.05 24.84
C PRO D 443 -2.98 34.70 25.67
N VAL D 444 -4.15 34.98 25.11
CA VAL D 444 -5.42 34.74 25.77
C VAL D 444 -5.62 33.26 26.14
N PRO D 445 -5.94 33.00 27.42
CA PRO D 445 -6.26 31.66 27.93
C PRO D 445 -7.59 31.21 27.38
N PRO D 446 -7.70 29.91 27.06
CA PRO D 446 -8.89 29.32 26.44
C PRO D 446 -10.19 29.81 27.09
N GLU D 447 -10.23 29.80 28.42
CA GLU D 447 -11.41 30.23 29.17
C GLU D 447 -11.92 31.60 28.69
N ASP D 448 -11.00 32.41 28.16
CA ASP D 448 -11.27 33.81 27.85
C ASP D 448 -11.41 34.15 26.38
N ILE D 449 -11.58 33.14 25.54
CA ILE D 449 -11.75 33.39 24.11
C ILE D 449 -13.22 33.61 23.79
N ASP D 450 -13.54 34.78 23.24
CA ASP D 450 -14.93 35.11 22.94
C ASP D 450 -15.25 34.82 21.47
N LEU D 451 -16.09 33.82 21.24
CA LEU D 451 -16.32 33.33 19.89
C LEU D 451 -17.32 34.20 19.12
N THR D 452 -18.04 35.04 19.82
CA THR D 452 -19.04 35.90 19.19
C THR D 452 -18.38 37.00 18.33
N PRO D 453 -18.86 37.17 17.09
CA PRO D 453 -18.30 38.02 16.01
C PRO D 453 -18.17 39.49 16.35
N VAL D 461 -18.58 37.56 10.96
CA VAL D 461 -17.14 37.42 10.81
C VAL D 461 -16.42 37.22 12.14
N PRO D 462 -15.44 36.30 12.15
CA PRO D 462 -14.61 35.99 13.32
C PRO D 462 -13.67 37.13 13.64
N PRO D 463 -13.56 37.47 14.94
CA PRO D 463 -12.69 38.54 15.47
C PRO D 463 -11.26 38.40 14.95
N SER D 464 -10.54 39.52 14.75
CA SER D 464 -9.11 39.42 14.41
C SER D 464 -8.35 39.02 15.66
N TYR D 465 -7.35 38.16 15.52
CA TYR D 465 -6.66 37.65 16.68
C TYR D 465 -5.24 37.25 16.40
N GLN D 466 -4.52 36.90 17.46
CA GLN D 466 -3.14 36.47 17.34
C GLN D 466 -2.91 35.05 17.83
N ILE D 467 -2.13 34.30 17.05
CA ILE D 467 -1.89 32.89 17.29
C ILE D 467 -0.45 32.54 16.97
N ARG D 468 0.06 31.49 17.62
CA ARG D 468 1.45 31.07 17.44
C ARG D 468 1.56 29.59 17.09
N PHE D 469 2.27 29.30 16.01
CA PHE D 469 2.42 27.92 15.54
C PHE D 469 3.77 27.37 15.96
N LEU D 470 3.72 26.30 16.76
CA LEU D 470 4.96 25.75 17.33
C LEU D 470 5.24 24.35 16.78
N ALA D 471 6.39 24.17 16.15
CA ALA D 471 6.68 22.89 15.54
C ALA D 471 6.72 21.78 16.58
N ARG D 472 6.37 20.57 16.16
CA ARG D 472 6.31 19.43 17.05
C ARG D 472 7.57 18.56 16.87
CHA HEM E . 15.73 -8.25 -20.52
CHB HEM E . 16.74 -6.98 -16.15
CHC HEM E . 17.97 -2.63 -17.32
CHD HEM E . 17.21 -3.94 -21.82
C1A HEM E . 15.91 -8.21 -19.19
C2A HEM E . 15.61 -9.32 -18.33
C3A HEM E . 15.91 -8.95 -17.14
C4A HEM E . 16.36 -7.62 -17.22
CMA HEM E . 15.77 -9.79 -15.87
CAA HEM E . 15.07 -10.68 -18.70
CBA HEM E . 16.15 -11.50 -19.33
CGA HEM E . 15.69 -12.89 -19.23
O1A HEM E . 14.66 -13.22 -19.80
O2A HEM E . 16.35 -13.69 -18.57
C1B HEM E . 17.15 -5.73 -16.18
C2B HEM E . 17.58 -5.13 -14.97
C3B HEM E . 17.93 -3.95 -15.21
C4B HEM E . 17.74 -3.75 -16.63
CMB HEM E . 17.62 -5.80 -13.60
CAB HEM E . 18.43 -3.10 -14.05
CBB HEM E . 18.84 -1.86 -14.19
C1C HEM E . 17.86 -2.70 -18.67
C2C HEM E . 18.21 -1.63 -19.54
C3C HEM E . 18.02 -2.00 -20.75
C4C HEM E . 17.52 -3.32 -20.70
CMC HEM E . 18.77 -0.26 -19.19
CAC HEM E . 18.26 -1.16 -21.98
CBC HEM E . 18.32 -1.78 -23.14
C1D HEM E . 16.75 -5.19 -21.84
C2D HEM E . 16.44 -5.86 -23.06
C3D HEM E . 15.98 -7.21 -22.68
C4D HEM E . 16.07 -7.20 -21.26
CMD HEM E . 16.55 -5.31 -24.49
CAD HEM E . 15.53 -8.30 -23.64
CBD HEM E . 15.58 -9.65 -22.99
CGD HEM E . 15.66 -10.67 -24.07
O1D HEM E . 16.42 -10.47 -25.00
O2D HEM E . 14.97 -11.68 -24.00
NA HEM E . 16.37 -7.12 -18.50
NB HEM E . 17.25 -4.89 -17.24
NC HEM E . 17.43 -3.79 -19.41
ND HEM E . 16.54 -5.99 -20.74
FE HEM E . 17.10 -5.42 -19.06
CDB PB2 F . 8.28 -9.42 -15.83
CDC PB2 F . 7.45 -10.49 -15.71
CDD PB2 F . 6.56 -10.81 -16.75
CDE PB2 F . 6.54 -10.01 -17.94
CDF PB2 F . 7.40 -8.91 -18.08
CDA PB2 F . 8.26 -8.61 -17.07
CCD PB2 F . 9.19 -7.44 -17.20
CCE PB2 F . 8.78 -6.35 -17.91
CCF PB2 F . 9.64 -5.25 -18.04
CCC PB2 F . 10.51 -7.46 -16.53
CCB PB2 F . 11.33 -6.38 -16.65
CCA PB2 F . 10.92 -5.27 -17.40
CAA PB2 F . 11.82 -4.04 -17.52
NAB PB2 F . 13.07 -4.41 -18.15
CAF PB2 F . 13.48 -4.00 -19.32
CAE PB2 F . 14.75 -4.55 -19.57
NAD PB2 F . 15.07 -5.32 -18.50
CAC PB2 F . 14.07 -5.25 -17.61
CDB PB2 G . -14.84 -11.27 -20.86
CDC PB2 G . -13.77 -11.37 -21.68
CDD PB2 G . -12.62 -12.05 -21.24
CDE PB2 G . -12.57 -12.65 -19.93
CDF PB2 G . -13.69 -12.53 -19.09
CDA PB2 G . -14.78 -11.86 -19.52
CCD PB2 G . -15.97 -11.72 -18.60
CCE PB2 G . -15.77 -11.45 -17.28
CCF PB2 G . -16.87 -11.25 -16.42
CCC PB2 G . -17.30 -11.71 -19.19
CCB PB2 G . -18.37 -11.53 -18.37
CCA PB2 G . -18.18 -11.29 -16.98
CAA PB2 G . -19.43 -11.18 -16.12
NAB PB2 G . -20.18 -12.42 -16.25
CAF PB2 G . -19.69 -13.62 -16.15
CAE PB2 G . -20.73 -14.54 -16.34
NAD PB2 G . -21.86 -13.85 -16.57
CAC PB2 G . -21.57 -12.56 -16.53
CHA HEM H . -21.44 -16.75 -19.35
CHB HEM H . -23.56 -12.62 -19.92
CHC HEM H . -25.34 -12.80 -15.61
CHD HEM H . -23.30 -16.94 -15.01
C1A HEM H . -21.88 -15.56 -19.81
C2A HEM H . -21.51 -15.05 -21.10
C3A HEM H . -22.10 -13.93 -21.24
C4A HEM H . -22.85 -13.71 -20.07
CMA HEM H . -22.03 -13.00 -22.44
CAA HEM H . -20.58 -15.71 -22.13
CBA HEM H . -21.17 -16.87 -22.91
CGA HEM H . -20.01 -17.29 -23.71
O1A HEM H . -19.09 -17.88 -23.12
O2A HEM H . -19.95 -17.03 -24.91
C1B HEM H . -24.21 -12.40 -18.78
C2B HEM H . -25.06 -11.28 -18.65
C3B HEM H . -25.53 -11.33 -17.46
C4B HEM H . -25.01 -12.49 -16.84
CMB HEM H . -25.35 -10.19 -19.69
CAB HEM H . -26.51 -10.36 -16.86
CBB HEM H . -26.99 -9.42 -17.65
C1C HEM H . -24.94 -13.98 -15.19
C2C HEM H . -25.43 -14.50 -13.97
C3C HEM H . -24.88 -15.63 -13.81
C4C HEM H . -24.02 -15.83 -14.93
CMC HEM H . -26.44 -13.92 -13.00
CAC HEM H . -25.15 -16.57 -12.65
CBC HEM H . -24.88 -17.84 -12.84
C1D HEM H . -22.60 -17.20 -16.11
C2D HEM H . -21.78 -18.34 -16.17
C3D HEM H . -21.20 -18.30 -17.55
C4D HEM H . -21.74 -17.13 -18.12
CMD HEM H . -21.57 -19.35 -15.06
CAD HEM H . -20.24 -19.31 -18.16
CBD HEM H . -20.24 -19.29 -19.66
CGD HEM H . -20.13 -20.70 -20.08
O1D HEM H . -20.50 -21.57 -19.28
O2D HEM H . -19.70 -21.00 -21.19
NA HEM H . -22.75 -14.71 -19.15
NB HEM H . -24.17 -13.19 -17.65
NC HEM H . -24.05 -14.79 -15.81
ND HEM H . -22.60 -16.44 -17.27
FE HEM H . -23.66 -14.70 -17.32
CHA HEM I . 30.62 -13.60 36.02
CHB HEM I . 28.44 -13.86 31.95
CHC HEM I . 26.93 -18.18 32.85
CHD HEM I . 29.21 -18.01 37.04
C1A HEM I . 30.08 -13.39 34.84
C2A HEM I . 30.11 -12.10 34.25
C3A HEM I . 29.51 -12.20 33.15
C4A HEM I . 29.09 -13.53 33.03
CMA HEM I . 29.31 -11.06 32.16
CAA HEM I . 30.73 -10.80 34.78
CBA HEM I . 32.18 -10.90 35.16
CGA HEM I . 32.50 -9.63 35.81
O1A HEM I . 31.88 -9.34 36.83
O2A HEM I . 33.35 -8.90 35.31
C1B HEM I . 27.95 -15.07 31.85
C2B HEM I . 27.51 -15.55 30.62
C3B HEM I . 27.10 -16.74 30.79
C4B HEM I . 27.25 -17.05 32.20
CMB HEM I . 27.57 -14.80 29.29
CAB HEM I . 26.55 -17.55 29.60
CBB HEM I . 26.39 -18.86 29.70
C1C HEM I . 27.50 -18.46 34.04
C2C HEM I . 27.51 -19.77 34.61
C3C HEM I . 28.13 -19.75 35.75
C4C HEM I . 28.55 -18.40 35.95
CMC HEM I . 26.90 -21.00 33.96
CAC HEM I . 28.34 -20.95 36.64
CBC HEM I . 29.28 -20.92 37.57
C1D HEM I . 29.70 -16.75 37.13
C2D HEM I . 30.18 -16.20 38.38
C3D HEM I . 30.64 -14.82 38.02
C4D HEM I . 30.35 -14.73 36.65
CMD HEM I . 30.25 -16.86 39.76
CAD HEM I . 31.23 -13.78 38.97
CBD HEM I . 32.35 -12.91 38.45
CGD HEM I . 33.34 -12.70 39.56
O1D HEM I . 34.18 -13.56 39.81
O2D HEM I . 33.32 -11.66 40.20
NA HEM I . 29.43 -14.32 34.09
NB HEM I . 27.81 -15.98 32.86
NC HEM I . 28.17 -17.59 34.90
ND HEM I . 29.80 -15.87 36.07
FE HEM I . 28.95 -15.99 34.64
CDB PB2 J . 23.72 -6.92 36.10
CDC PB2 J . 23.71 -5.65 36.59
CDD PB2 J . 23.98 -5.40 37.95
CDE PB2 J . 24.29 -6.50 38.79
CDF PB2 J . 24.34 -7.81 38.29
CDA PB2 J . 24.06 -8.07 36.98
CCD PB2 J . 24.04 -9.52 36.49
CCE PB2 J . 23.44 -10.46 37.28
CCF PB2 J . 23.41 -11.82 36.89
CCC PB2 J . 24.68 -9.91 35.21
CCB PB2 J . 24.64 -11.22 34.84
CCA PB2 J . 24.03 -12.21 35.66
CAA PB2 J . 24.03 -13.69 35.22
NAB PB2 J . 25.32 -14.30 35.44
CAF PB2 J . 25.76 -14.85 36.55
CAE PB2 J . 27.09 -15.30 36.36
NAD PB2 J . 27.43 -15.01 35.08
CAC PB2 J . 26.39 -14.41 34.49
CHA HEM K . -22.50 29.23 -3.81
CHB HEM K . -21.10 28.37 0.74
CHC HEM K . -16.49 27.99 -0.59
CHD HEM K . -17.83 28.73 -5.18
C1A HEM K . -22.54 29.00 -2.45
C2A HEM K . -23.71 28.92 -1.55
C3A HEM K . -23.28 28.69 -0.33
C4A HEM K . -21.85 28.61 -0.37
CMA HEM K . -24.12 28.52 0.95
CAA HEM K . -25.23 29.06 -1.84
CBA HEM K . -25.54 29.04 -3.32
CGA HEM K . -27.00 29.35 -3.46
O1A HEM K . -27.24 30.52 -3.86
O2A HEM K . -27.87 28.47 -3.16
C1B HEM K . -19.77 28.16 0.73
C2B HEM K . -19.09 27.69 1.89
C3B HEM K . -17.80 27.58 1.58
C4B HEM K . -17.64 27.95 0.17
CMB HEM K . -19.74 27.39 3.24
CAB HEM K . -16.78 27.07 2.63
CBB HEM K . -15.53 27.53 2.66
C1C HEM K . -16.44 28.14 -1.96
C2C HEM K . -15.27 28.03 -2.83
C3C HEM K . -15.65 28.23 -4.08
C4C HEM K . -17.07 28.49 -4.08
CMC HEM K . -13.81 27.74 -2.45
CAC HEM K . -14.66 28.19 -5.29
CBC HEM K . -15.06 28.42 -6.54
C1D HEM K . -19.17 28.96 -5.23
C2D HEM K . -19.85 29.33 -6.43
C3D HEM K . -21.31 29.48 -6.04
C4D HEM K . -21.37 29.20 -4.61
CMD HEM K . -19.27 29.52 -7.86
CAD HEM K . -22.40 29.87 -7.07
CBD HEM K . -23.76 29.34 -6.69
CGD HEM K . -24.59 29.27 -7.94
O1D HEM K . -24.13 28.63 -8.93
O2D HEM K . -25.71 29.85 -7.93
NA HEM K . -21.41 28.81 -1.67
NB HEM K . -18.88 28.32 -0.32
NC HEM K . -17.52 28.42 -2.77
ND HEM K . -20.08 28.90 -4.18
FE HEM K . -19.39 28.66 -2.27
CDB PB2 L . -25.44 36.63 0.28
CDC PB2 L . -26.47 37.52 0.30
CDD PB2 L . -26.50 38.59 -0.63
CDE PB2 L . -25.46 38.78 -1.60
CDF PB2 L . -24.40 37.86 -1.60
CDA PB2 L . -24.36 36.81 -0.72
CCD PB2 L . -23.14 35.91 -0.67
CCE PB2 L . -22.02 36.34 -1.30
CCF PB2 L . -20.80 35.64 -1.20
CCC PB2 L . -23.02 34.89 0.39
CCB PB2 L . -21.84 34.22 0.50
CCA PB2 L . -20.73 34.56 -0.29
CAA PB2 L . -19.42 33.78 -0.16
NAB PB2 L . -19.35 32.74 -1.16
CAF PB2 L . -19.42 32.92 -2.46
CAE PB2 L . -19.33 31.65 -3.05
NAD PB2 L . -19.20 30.71 -2.05
CAC PB2 L . -19.21 31.34 -0.87
#